data_2HHZ
# 
_entry.id   2HHZ 
# 
_audit_conform.dict_name       mmcif_pdbx.dic 
_audit_conform.dict_version    5.399 
_audit_conform.dict_location   http://mmcif.pdb.org/dictionaries/ascii/mmcif_pdbx.dic 
# 
loop_
_database_2.database_id 
_database_2.database_code 
_database_2.pdbx_database_accession 
_database_2.pdbx_DOI 
PDB   2HHZ         pdb_00002hhz 10.2210/pdb2hhz/pdb 
RCSB  RCSB038367   ?            ?                   
WWPDB D_1000038367 ?            ?                   
# 
loop_
_pdbx_audit_revision_history.ordinal 
_pdbx_audit_revision_history.data_content_type 
_pdbx_audit_revision_history.major_revision 
_pdbx_audit_revision_history.minor_revision 
_pdbx_audit_revision_history.revision_date 
1 'Structure model' 1 0 2006-08-15 
2 'Structure model' 1 1 2008-05-01 
3 'Structure model' 1 2 2011-07-13 
4 'Structure model' 1 3 2017-10-18 
5 'Structure model' 1 4 2023-01-25 
6 'Structure model' 1 5 2024-11-20 
# 
_pdbx_audit_revision_details.ordinal             1 
_pdbx_audit_revision_details.revision_ordinal    1 
_pdbx_audit_revision_details.data_content_type   'Structure model' 
_pdbx_audit_revision_details.provider            repository 
_pdbx_audit_revision_details.type                'Initial release' 
_pdbx_audit_revision_details.description         ? 
_pdbx_audit_revision_details.details             ? 
# 
loop_
_pdbx_audit_revision_group.ordinal 
_pdbx_audit_revision_group.revision_ordinal 
_pdbx_audit_revision_group.data_content_type 
_pdbx_audit_revision_group.group 
1  2 'Structure model' 'Version format compliance' 
2  3 'Structure model' Advisory                    
3  3 'Structure model' 'Derived calculations'      
4  3 'Structure model' 'Source and taxonomy'       
5  3 'Structure model' 'Version format compliance' 
6  4 'Structure model' 'Refinement description'    
7  5 'Structure model' 'Database references'       
8  5 'Structure model' 'Derived calculations'      
9  6 'Structure model' 'Data collection'           
10 6 'Structure model' 'Structure summary'         
# 
loop_
_pdbx_audit_revision_category.ordinal 
_pdbx_audit_revision_category.revision_ordinal 
_pdbx_audit_revision_category.data_content_type 
_pdbx_audit_revision_category.category 
1 4 'Structure model' software                  
2 5 'Structure model' database_2                
3 5 'Structure model' struct_conn               
4 5 'Structure model' struct_ref_seq_dif        
5 5 'Structure model' struct_site               
6 6 'Structure model' chem_comp_atom            
7 6 'Structure model' chem_comp_bond            
8 6 'Structure model' pdbx_entry_details        
9 6 'Structure model' pdbx_modification_feature 
# 
loop_
_pdbx_audit_revision_item.ordinal 
_pdbx_audit_revision_item.revision_ordinal 
_pdbx_audit_revision_item.data_content_type 
_pdbx_audit_revision_item.item 
1 4 'Structure model' '_software.classification'            
2 4 'Structure model' '_software.name'                      
3 5 'Structure model' '_database_2.pdbx_DOI'                
4 5 'Structure model' '_database_2.pdbx_database_accession' 
5 5 'Structure model' '_struct_conn.pdbx_leaving_atom_flag' 
6 5 'Structure model' '_struct_ref_seq_dif.details'         
7 5 'Structure model' '_struct_site.pdbx_auth_asym_id'      
8 5 'Structure model' '_struct_site.pdbx_auth_comp_id'      
9 5 'Structure model' '_struct_site.pdbx_auth_seq_id'       
# 
_pdbx_database_status.SG_entry                        Y 
_pdbx_database_status.entry_id                        2HHZ 
_pdbx_database_status.deposit_site                    RCSB 
_pdbx_database_status.process_site                    RCSB 
_pdbx_database_status.recvd_initial_deposition_date   2006-06-28 
_pdbx_database_status.status_code                     REL 
_pdbx_database_status.status_code_sf                  REL 
_pdbx_database_status.status_code_mr                  ? 
_pdbx_database_status.status_code_cs                  ? 
_pdbx_database_status.pdb_format_compatible           Y 
_pdbx_database_status.methods_development_category    ? 
_pdbx_database_status.status_code_nmr_data            ? 
# 
_pdbx_database_related.db_name        TargetDB 
_pdbx_database_related.db_id          367043 
_pdbx_database_related.details        . 
_pdbx_database_related.content_type   unspecified 
# 
_audit_author.name           'Joint Center for Structural Genomics (JCSG)' 
_audit_author.pdbx_ordinal   1 
# 
_citation.id                        primary 
_citation.title                     
;Crystal structure of Pyridoxamine 5'-phosphate oxidase-related (ZP_00875725.1) from STREPTOCOCCUS SUIS 89-1591 at 2.00 A resolution
;
_citation.journal_abbrev            'To be published' 
_citation.journal_volume            ? 
_citation.page_first                ? 
_citation.page_last                 ? 
_citation.year                      ? 
_citation.journal_id_ASTM           ? 
_citation.country                   ? 
_citation.journal_id_ISSN           ? 
_citation.journal_id_CSD            0353 
_citation.book_publisher            ? 
_citation.pdbx_database_id_PubMed   ? 
_citation.pdbx_database_id_DOI      ? 
# 
_citation_author.citation_id        primary 
_citation_author.name               'Joint Center for Structural Genomics (JCSG)' 
_citation_author.ordinal            1 
_citation_author.identifier_ORCID   ? 
# 
loop_
_entity.id 
_entity.type 
_entity.src_method 
_entity.pdbx_description 
_entity.formula_weight 
_entity.pdbx_number_of_molecules 
_entity.pdbx_ec 
_entity.pdbx_mutation 
_entity.pdbx_fragment 
_entity.details 
1 polymer     man 
;Pyridoxamine 5'-phosphate oxidase-related
;
17485.398 1  1.4.3.5 ? ? ? 
2 non-polymer syn 'PHOSPHATE ION'                             94.971    1  ?       ? ? ? 
3 non-polymer syn 'CHLORIDE ION'                              35.453    1  ?       ? ? ? 
4 non-polymer syn 'ACETATE ION'                               59.044    1  ?       ? ? ? 
5 water       nat water                                       18.015    63 ?       ? ? ? 
# 
_entity_poly.entity_id                      1 
_entity_poly.type                           'polypeptide(L)' 
_entity_poly.nstd_linkage                   no 
_entity_poly.nstd_monomer                   yes 
_entity_poly.pdbx_seq_one_letter_code       
;G(MSE)ELKDI(MSE)HILED(MSE)KVGVFATLDEYGNPHARHAHITAANEEGIFF(MSE)TSPETHFYDQL(MSE)GD
QRVA(MSE)TAISEEGYLIQVVRVEGTARPVENDYLKTVFADNPYYQHIYKDESSDT(MSE)QVFQIYAGHGFYHSLTQG
HKYIFSIGQGEHSEVRAL
;
_entity_poly.pdbx_seq_one_letter_code_can   
;GMELKDIMHILEDMKVGVFATLDEYGNPHARHAHITAANEEGIFFMTSPETHFYDQLMGDQRVAMTAISEEGYLIQVVRV
EGTARPVENDYLKTVFADNPYYQHIYKDESSDTMQVFQIYAGHGFYHSLTQGHKYIFSIGQGEHSEVRAL
;
_entity_poly.pdbx_strand_id                 A 
_entity_poly.pdbx_target_identifier         367043 
# 
loop_
_pdbx_entity_nonpoly.entity_id 
_pdbx_entity_nonpoly.name 
_pdbx_entity_nonpoly.comp_id 
2 'PHOSPHATE ION' PO4 
3 'CHLORIDE ION'  CL  
4 'ACETATE ION'   ACT 
5 water           HOH 
# 
loop_
_entity_poly_seq.entity_id 
_entity_poly_seq.num 
_entity_poly_seq.mon_id 
_entity_poly_seq.hetero 
1 1   GLY n 
1 2   MSE n 
1 3   GLU n 
1 4   LEU n 
1 5   LYS n 
1 6   ASP n 
1 7   ILE n 
1 8   MSE n 
1 9   HIS n 
1 10  ILE n 
1 11  LEU n 
1 12  GLU n 
1 13  ASP n 
1 14  MSE n 
1 15  LYS n 
1 16  VAL n 
1 17  GLY n 
1 18  VAL n 
1 19  PHE n 
1 20  ALA n 
1 21  THR n 
1 22  LEU n 
1 23  ASP n 
1 24  GLU n 
1 25  TYR n 
1 26  GLY n 
1 27  ASN n 
1 28  PRO n 
1 29  HIS n 
1 30  ALA n 
1 31  ARG n 
1 32  HIS n 
1 33  ALA n 
1 34  HIS n 
1 35  ILE n 
1 36  THR n 
1 37  ALA n 
1 38  ALA n 
1 39  ASN n 
1 40  GLU n 
1 41  GLU n 
1 42  GLY n 
1 43  ILE n 
1 44  PHE n 
1 45  PHE n 
1 46  MSE n 
1 47  THR n 
1 48  SER n 
1 49  PRO n 
1 50  GLU n 
1 51  THR n 
1 52  HIS n 
1 53  PHE n 
1 54  TYR n 
1 55  ASP n 
1 56  GLN n 
1 57  LEU n 
1 58  MSE n 
1 59  GLY n 
1 60  ASP n 
1 61  GLN n 
1 62  ARG n 
1 63  VAL n 
1 64  ALA n 
1 65  MSE n 
1 66  THR n 
1 67  ALA n 
1 68  ILE n 
1 69  SER n 
1 70  GLU n 
1 71  GLU n 
1 72  GLY n 
1 73  TYR n 
1 74  LEU n 
1 75  ILE n 
1 76  GLN n 
1 77  VAL n 
1 78  VAL n 
1 79  ARG n 
1 80  VAL n 
1 81  GLU n 
1 82  GLY n 
1 83  THR n 
1 84  ALA n 
1 85  ARG n 
1 86  PRO n 
1 87  VAL n 
1 88  GLU n 
1 89  ASN n 
1 90  ASP n 
1 91  TYR n 
1 92  LEU n 
1 93  LYS n 
1 94  THR n 
1 95  VAL n 
1 96  PHE n 
1 97  ALA n 
1 98  ASP n 
1 99  ASN n 
1 100 PRO n 
1 101 TYR n 
1 102 TYR n 
1 103 GLN n 
1 104 HIS n 
1 105 ILE n 
1 106 TYR n 
1 107 LYS n 
1 108 ASP n 
1 109 GLU n 
1 110 SER n 
1 111 SER n 
1 112 ASP n 
1 113 THR n 
1 114 MSE n 
1 115 GLN n 
1 116 VAL n 
1 117 PHE n 
1 118 GLN n 
1 119 ILE n 
1 120 TYR n 
1 121 ALA n 
1 122 GLY n 
1 123 HIS n 
1 124 GLY n 
1 125 PHE n 
1 126 TYR n 
1 127 HIS n 
1 128 SER n 
1 129 LEU n 
1 130 THR n 
1 131 GLN n 
1 132 GLY n 
1 133 HIS n 
1 134 LYS n 
1 135 TYR n 
1 136 ILE n 
1 137 PHE n 
1 138 SER n 
1 139 ILE n 
1 140 GLY n 
1 141 GLN n 
1 142 GLY n 
1 143 GLU n 
1 144 HIS n 
1 145 SER n 
1 146 GLU n 
1 147 VAL n 
1 148 ARG n 
1 149 ALA n 
1 150 LEU n 
# 
_entity_src_gen.entity_id                          1 
_entity_src_gen.pdbx_src_id                        1 
_entity_src_gen.pdbx_alt_source_flag               sample 
_entity_src_gen.pdbx_seq_type                      ? 
_entity_src_gen.pdbx_beg_seq_num                   ? 
_entity_src_gen.pdbx_end_seq_num                   ? 
_entity_src_gen.gene_src_common_name               ? 
_entity_src_gen.gene_src_genus                     Streptococcus 
_entity_src_gen.pdbx_gene_src_gene                 ZP_00875725.1 
_entity_src_gen.gene_src_species                   'Streptococcus suis' 
_entity_src_gen.gene_src_strain                    89/1591 
_entity_src_gen.gene_src_tissue                    ? 
_entity_src_gen.gene_src_tissue_fraction           ? 
_entity_src_gen.gene_src_details                   ? 
_entity_src_gen.pdbx_gene_src_fragment             ? 
_entity_src_gen.pdbx_gene_src_scientific_name      'Streptococcus suis' 
_entity_src_gen.pdbx_gene_src_ncbi_taxonomy_id     286604 
_entity_src_gen.pdbx_gene_src_variant              ? 
_entity_src_gen.pdbx_gene_src_cell_line            ? 
_entity_src_gen.pdbx_gene_src_atcc                 ? 
_entity_src_gen.pdbx_gene_src_organ                ? 
_entity_src_gen.pdbx_gene_src_organelle            ? 
_entity_src_gen.pdbx_gene_src_cell                 ? 
_entity_src_gen.pdbx_gene_src_cellular_location    ? 
_entity_src_gen.host_org_common_name               ? 
_entity_src_gen.pdbx_host_org_scientific_name      'Escherichia coli' 
_entity_src_gen.pdbx_host_org_ncbi_taxonomy_id     562 
_entity_src_gen.host_org_genus                     Escherichia 
_entity_src_gen.pdbx_host_org_gene                 ? 
_entity_src_gen.pdbx_host_org_organ                ? 
_entity_src_gen.host_org_species                   ? 
_entity_src_gen.pdbx_host_org_tissue               ? 
_entity_src_gen.pdbx_host_org_tissue_fraction      ? 
_entity_src_gen.pdbx_host_org_strain               ? 
_entity_src_gen.pdbx_host_org_variant              ? 
_entity_src_gen.pdbx_host_org_cell_line            ? 
_entity_src_gen.pdbx_host_org_atcc                 ? 
_entity_src_gen.pdbx_host_org_culture_collection   ? 
_entity_src_gen.pdbx_host_org_cell                 ? 
_entity_src_gen.pdbx_host_org_organelle            ? 
_entity_src_gen.pdbx_host_org_cellular_location    ? 
_entity_src_gen.pdbx_host_org_vector_type          Plasmid 
_entity_src_gen.pdbx_host_org_vector               ? 
_entity_src_gen.host_org_details                   ? 
_entity_src_gen.expression_system_id               ? 
_entity_src_gen.plasmid_name                       ? 
_entity_src_gen.plasmid_details                    ? 
_entity_src_gen.pdbx_description                   ? 
# 
loop_
_chem_comp.id 
_chem_comp.type 
_chem_comp.mon_nstd_flag 
_chem_comp.name 
_chem_comp.pdbx_synonyms 
_chem_comp.formula 
_chem_comp.formula_weight 
ACT non-polymer         . 'ACETATE ION'    ? 'C2 H3 O2 -1'    59.044  
ALA 'L-peptide linking' y ALANINE          ? 'C3 H7 N O2'     89.093  
ARG 'L-peptide linking' y ARGININE         ? 'C6 H15 N4 O2 1' 175.209 
ASN 'L-peptide linking' y ASPARAGINE       ? 'C4 H8 N2 O3'    132.118 
ASP 'L-peptide linking' y 'ASPARTIC ACID'  ? 'C4 H7 N O4'     133.103 
CL  non-polymer         . 'CHLORIDE ION'   ? 'Cl -1'          35.453  
GLN 'L-peptide linking' y GLUTAMINE        ? 'C5 H10 N2 O3'   146.144 
GLU 'L-peptide linking' y 'GLUTAMIC ACID'  ? 'C5 H9 N O4'     147.129 
GLY 'peptide linking'   y GLYCINE          ? 'C2 H5 N O2'     75.067  
HIS 'L-peptide linking' y HISTIDINE        ? 'C6 H10 N3 O2 1' 156.162 
HOH non-polymer         . WATER            ? 'H2 O'           18.015  
ILE 'L-peptide linking' y ISOLEUCINE       ? 'C6 H13 N O2'    131.173 
LEU 'L-peptide linking' y LEUCINE          ? 'C6 H13 N O2'    131.173 
LYS 'L-peptide linking' y LYSINE           ? 'C6 H15 N2 O2 1' 147.195 
MET 'L-peptide linking' y METHIONINE       ? 'C5 H11 N O2 S'  149.211 
MSE 'L-peptide linking' n SELENOMETHIONINE ? 'C5 H11 N O2 Se' 196.106 
PHE 'L-peptide linking' y PHENYLALANINE    ? 'C9 H11 N O2'    165.189 
PO4 non-polymer         . 'PHOSPHATE ION'  ? 'O4 P -3'        94.971  
PRO 'L-peptide linking' y PROLINE          ? 'C5 H9 N O2'     115.130 
SER 'L-peptide linking' y SERINE           ? 'C3 H7 N O3'     105.093 
THR 'L-peptide linking' y THREONINE        ? 'C4 H9 N O3'     119.119 
TYR 'L-peptide linking' y TYROSINE         ? 'C9 H11 N O3'    181.189 
VAL 'L-peptide linking' y VALINE           ? 'C5 H11 N O2'    117.146 
# 
loop_
_pdbx_poly_seq_scheme.asym_id 
_pdbx_poly_seq_scheme.entity_id 
_pdbx_poly_seq_scheme.seq_id 
_pdbx_poly_seq_scheme.mon_id 
_pdbx_poly_seq_scheme.ndb_seq_num 
_pdbx_poly_seq_scheme.pdb_seq_num 
_pdbx_poly_seq_scheme.auth_seq_num 
_pdbx_poly_seq_scheme.pdb_mon_id 
_pdbx_poly_seq_scheme.auth_mon_id 
_pdbx_poly_seq_scheme.pdb_strand_id 
_pdbx_poly_seq_scheme.pdb_ins_code 
_pdbx_poly_seq_scheme.hetero 
A 1 1   GLY 1   0   ?   ?   ?   A . n 
A 1 2   MSE 2   1   1   MSE MSE A . n 
A 1 3   GLU 3   2   2   GLU GLU A . n 
A 1 4   LEU 4   3   3   LEU LEU A . n 
A 1 5   LYS 5   4   4   LYS LYS A . n 
A 1 6   ASP 6   5   5   ASP ASP A . n 
A 1 7   ILE 7   6   6   ILE ILE A . n 
A 1 8   MSE 8   7   7   MSE MSE A . n 
A 1 9   HIS 9   8   8   HIS HIS A . n 
A 1 10  ILE 10  9   9   ILE ILE A . n 
A 1 11  LEU 11  10  10  LEU LEU A . n 
A 1 12  GLU 12  11  11  GLU GLU A . n 
A 1 13  ASP 13  12  12  ASP ASP A . n 
A 1 14  MSE 14  13  13  MSE MSE A . n 
A 1 15  LYS 15  14  14  LYS LYS A . n 
A 1 16  VAL 16  15  15  VAL VAL A . n 
A 1 17  GLY 17  16  16  GLY GLY A . n 
A 1 18  VAL 18  17  17  VAL VAL A . n 
A 1 19  PHE 19  18  18  PHE PHE A . n 
A 1 20  ALA 20  19  19  ALA ALA A . n 
A 1 21  THR 21  20  20  THR THR A . n 
A 1 22  LEU 22  21  21  LEU LEU A . n 
A 1 23  ASP 23  22  22  ASP ASP A . n 
A 1 24  GLU 24  23  23  GLU GLU A . n 
A 1 25  TYR 25  24  24  TYR TYR A . n 
A 1 26  GLY 26  25  25  GLY GLY A . n 
A 1 27  ASN 27  26  26  ASN ASN A . n 
A 1 28  PRO 28  27  27  PRO PRO A . n 
A 1 29  HIS 29  28  28  HIS HIS A . n 
A 1 30  ALA 30  29  29  ALA ALA A . n 
A 1 31  ARG 31  30  30  ARG ARG A . n 
A 1 32  HIS 32  31  31  HIS HIS A . n 
A 1 33  ALA 33  32  32  ALA ALA A . n 
A 1 34  HIS 34  33  33  HIS HIS A . n 
A 1 35  ILE 35  34  34  ILE ILE A . n 
A 1 36  THR 36  35  35  THR THR A . n 
A 1 37  ALA 37  36  36  ALA ALA A . n 
A 1 38  ALA 38  37  37  ALA ALA A . n 
A 1 39  ASN 39  38  38  ASN ASN A . n 
A 1 40  GLU 40  39  39  GLU GLU A . n 
A 1 41  GLU 41  40  40  GLU GLU A . n 
A 1 42  GLY 42  41  41  GLY GLY A . n 
A 1 43  ILE 43  42  42  ILE ILE A . n 
A 1 44  PHE 44  43  43  PHE PHE A . n 
A 1 45  PHE 45  44  44  PHE PHE A . n 
A 1 46  MSE 46  45  45  MSE MSE A . n 
A 1 47  THR 47  46  46  THR THR A . n 
A 1 48  SER 48  47  47  SER SER A . n 
A 1 49  PRO 49  48  48  PRO PRO A . n 
A 1 50  GLU 50  49  49  GLU GLU A . n 
A 1 51  THR 51  50  50  THR THR A . n 
A 1 52  HIS 52  51  51  HIS HIS A . n 
A 1 53  PHE 53  52  52  PHE PHE A . n 
A 1 54  TYR 54  53  53  TYR TYR A . n 
A 1 55  ASP 55  54  54  ASP ASP A . n 
A 1 56  GLN 56  55  55  GLN GLN A . n 
A 1 57  LEU 57  56  56  LEU LEU A . n 
A 1 58  MSE 58  57  57  MSE MSE A . n 
A 1 59  GLY 59  58  58  GLY GLY A . n 
A 1 60  ASP 60  59  59  ASP ASP A . n 
A 1 61  GLN 61  60  60  GLN GLN A . n 
A 1 62  ARG 62  61  61  ARG ARG A . n 
A 1 63  VAL 63  62  62  VAL VAL A . n 
A 1 64  ALA 64  63  63  ALA ALA A . n 
A 1 65  MSE 65  64  64  MSE MSE A . n 
A 1 66  THR 66  65  65  THR THR A . n 
A 1 67  ALA 67  66  66  ALA ALA A . n 
A 1 68  ILE 68  67  67  ILE ILE A . n 
A 1 69  SER 69  68  68  SER SER A . n 
A 1 70  GLU 70  69  69  GLU GLU A . n 
A 1 71  GLU 71  70  70  GLU GLU A . n 
A 1 72  GLY 72  71  71  GLY GLY A . n 
A 1 73  TYR 73  72  72  TYR TYR A . n 
A 1 74  LEU 74  73  73  LEU LEU A . n 
A 1 75  ILE 75  74  74  ILE ILE A . n 
A 1 76  GLN 76  75  75  GLN GLN A . n 
A 1 77  VAL 77  76  76  VAL VAL A . n 
A 1 78  VAL 78  77  77  VAL VAL A . n 
A 1 79  ARG 79  78  78  ARG ARG A . n 
A 1 80  VAL 80  79  79  VAL VAL A . n 
A 1 81  GLU 81  80  80  GLU GLU A . n 
A 1 82  GLY 82  81  81  GLY GLY A . n 
A 1 83  THR 83  82  82  THR THR A . n 
A 1 84  ALA 84  83  83  ALA ALA A . n 
A 1 85  ARG 85  84  84  ARG ARG A . n 
A 1 86  PRO 86  85  85  PRO PRO A . n 
A 1 87  VAL 87  86  86  VAL VAL A . n 
A 1 88  GLU 88  87  87  GLU GLU A . n 
A 1 89  ASN 89  88  88  ASN ASN A . n 
A 1 90  ASP 90  89  89  ASP ASP A . n 
A 1 91  TYR 91  90  90  TYR TYR A . n 
A 1 92  LEU 92  91  91  LEU LEU A . n 
A 1 93  LYS 93  92  92  LYS LYS A . n 
A 1 94  THR 94  93  93  THR THR A . n 
A 1 95  VAL 95  94  94  VAL VAL A . n 
A 1 96  PHE 96  95  95  PHE PHE A . n 
A 1 97  ALA 97  96  96  ALA ALA A . n 
A 1 98  ASP 98  97  97  ASP ASP A . n 
A 1 99  ASN 99  98  98  ASN ASN A . n 
A 1 100 PRO 100 99  99  PRO PRO A . n 
A 1 101 TYR 101 100 100 TYR TYR A . n 
A 1 102 TYR 102 101 101 TYR TYR A . n 
A 1 103 GLN 103 102 102 GLN GLN A . n 
A 1 104 HIS 104 103 103 HIS HIS A . n 
A 1 105 ILE 105 104 104 ILE ILE A . n 
A 1 106 TYR 106 105 105 TYR TYR A . n 
A 1 107 LYS 107 106 106 LYS LYS A . n 
A 1 108 ASP 108 107 ?   ?   ?   A . n 
A 1 109 GLU 109 108 ?   ?   ?   A . n 
A 1 110 SER 110 109 ?   ?   ?   A . n 
A 1 111 SER 111 110 ?   ?   ?   A . n 
A 1 112 ASP 112 111 ?   ?   ?   A . n 
A 1 113 THR 113 112 112 THR THR A . n 
A 1 114 MSE 114 113 113 MSE MSE A . n 
A 1 115 GLN 115 114 114 GLN GLN A . n 
A 1 116 VAL 116 115 115 VAL VAL A . n 
A 1 117 PHE 117 116 116 PHE PHE A . n 
A 1 118 GLN 118 117 117 GLN GLN A . n 
A 1 119 ILE 119 118 118 ILE ILE A . n 
A 1 120 TYR 120 119 119 TYR TYR A . n 
A 1 121 ALA 121 120 120 ALA ALA A . n 
A 1 122 GLY 122 121 121 GLY GLY A . n 
A 1 123 HIS 123 122 122 HIS HIS A . n 
A 1 124 GLY 124 123 123 GLY GLY A . n 
A 1 125 PHE 125 124 124 PHE PHE A . n 
A 1 126 TYR 126 125 125 TYR TYR A . n 
A 1 127 HIS 127 126 126 HIS HIS A . n 
A 1 128 SER 128 127 127 SER SER A . n 
A 1 129 LEU 129 128 128 LEU LEU A . n 
A 1 130 THR 130 129 129 THR THR A . n 
A 1 131 GLN 131 130 130 GLN GLN A . n 
A 1 132 GLY 132 131 131 GLY GLY A . n 
A 1 133 HIS 133 132 132 HIS HIS A . n 
A 1 134 LYS 134 133 133 LYS LYS A . n 
A 1 135 TYR 135 134 134 TYR TYR A . n 
A 1 136 ILE 136 135 135 ILE ILE A . n 
A 1 137 PHE 137 136 136 PHE PHE A . n 
A 1 138 SER 138 137 137 SER SER A . n 
A 1 139 ILE 139 138 138 ILE ILE A . n 
A 1 140 GLY 140 139 139 GLY GLY A . n 
A 1 141 GLN 141 140 ?   ?   ?   A . n 
A 1 142 GLY 142 141 ?   ?   ?   A . n 
A 1 143 GLU 143 142 ?   ?   ?   A . n 
A 1 144 HIS 144 143 ?   ?   ?   A . n 
A 1 145 SER 145 144 ?   ?   ?   A . n 
A 1 146 GLU 146 145 145 GLU GLU A . n 
A 1 147 VAL 147 146 146 VAL VAL A . n 
A 1 148 ARG 148 147 147 ARG ARG A . n 
A 1 149 ALA 149 148 148 ALA ALA A . n 
A 1 150 LEU 150 149 149 LEU LEU A . n 
# 
loop_
_pdbx_nonpoly_scheme.asym_id 
_pdbx_nonpoly_scheme.entity_id 
_pdbx_nonpoly_scheme.mon_id 
_pdbx_nonpoly_scheme.ndb_seq_num 
_pdbx_nonpoly_scheme.pdb_seq_num 
_pdbx_nonpoly_scheme.auth_seq_num 
_pdbx_nonpoly_scheme.pdb_mon_id 
_pdbx_nonpoly_scheme.auth_mon_id 
_pdbx_nonpoly_scheme.pdb_strand_id 
_pdbx_nonpoly_scheme.pdb_ins_code 
B 2 PO4 1  150 1  PO4 PO4 A . 
C 3 CL  1  151 2  CL  CL  A . 
D 4 ACT 1  152 3  ACT ACT A . 
E 5 HOH 1  153 4  HOH HOH A . 
E 5 HOH 2  154 5  HOH HOH A . 
E 5 HOH 3  155 6  HOH HOH A . 
E 5 HOH 4  156 7  HOH HOH A . 
E 5 HOH 5  157 8  HOH HOH A . 
E 5 HOH 6  158 9  HOH HOH A . 
E 5 HOH 7  159 10 HOH HOH A . 
E 5 HOH 8  160 11 HOH HOH A . 
E 5 HOH 9  161 12 HOH HOH A . 
E 5 HOH 10 162 13 HOH HOH A . 
E 5 HOH 11 163 14 HOH HOH A . 
E 5 HOH 12 164 15 HOH HOH A . 
E 5 HOH 13 165 16 HOH HOH A . 
E 5 HOH 14 166 17 HOH HOH A . 
E 5 HOH 15 167 18 HOH HOH A . 
E 5 HOH 16 168 19 HOH HOH A . 
E 5 HOH 17 169 20 HOH HOH A . 
E 5 HOH 18 170 21 HOH HOH A . 
E 5 HOH 19 171 22 HOH HOH A . 
E 5 HOH 20 172 23 HOH HOH A . 
E 5 HOH 21 173 24 HOH HOH A . 
E 5 HOH 22 174 25 HOH HOH A . 
E 5 HOH 23 175 26 HOH HOH A . 
E 5 HOH 24 176 27 HOH HOH A . 
E 5 HOH 25 177 28 HOH HOH A . 
E 5 HOH 26 178 29 HOH HOH A . 
E 5 HOH 27 179 30 HOH HOH A . 
E 5 HOH 28 180 31 HOH HOH A . 
E 5 HOH 29 181 32 HOH HOH A . 
E 5 HOH 30 182 33 HOH HOH A . 
E 5 HOH 31 183 34 HOH HOH A . 
E 5 HOH 32 184 35 HOH HOH A . 
E 5 HOH 33 185 36 HOH HOH A . 
E 5 HOH 34 186 37 HOH HOH A . 
E 5 HOH 35 187 38 HOH HOH A . 
E 5 HOH 36 188 39 HOH HOH A . 
E 5 HOH 37 189 40 HOH HOH A . 
E 5 HOH 38 190 41 HOH HOH A . 
E 5 HOH 39 191 42 HOH HOH A . 
E 5 HOH 40 192 43 HOH HOH A . 
E 5 HOH 41 193 44 HOH HOH A . 
E 5 HOH 42 194 45 HOH HOH A . 
E 5 HOH 43 195 46 HOH HOH A . 
E 5 HOH 44 196 47 HOH HOH A . 
E 5 HOH 45 197 48 HOH HOH A . 
E 5 HOH 46 198 49 HOH HOH A . 
E 5 HOH 47 199 50 HOH HOH A . 
E 5 HOH 48 200 51 HOH HOH A . 
E 5 HOH 49 201 52 HOH HOH A . 
E 5 HOH 50 202 53 HOH HOH A . 
E 5 HOH 51 203 54 HOH HOH A . 
E 5 HOH 52 204 55 HOH HOH A . 
E 5 HOH 53 205 56 HOH HOH A . 
E 5 HOH 54 206 57 HOH HOH A . 
E 5 HOH 55 207 58 HOH HOH A . 
E 5 HOH 56 208 59 HOH HOH A . 
E 5 HOH 57 209 60 HOH HOH A . 
E 5 HOH 58 210 61 HOH HOH A . 
E 5 HOH 59 211 62 HOH HOH A . 
E 5 HOH 60 212 63 HOH HOH A . 
E 5 HOH 61 213 64 HOH HOH A . 
E 5 HOH 62 214 65 HOH HOH A . 
E 5 HOH 63 215 66 HOH HOH A . 
# 
loop_
_pdbx_unobs_or_zero_occ_atoms.id 
_pdbx_unobs_or_zero_occ_atoms.PDB_model_num 
_pdbx_unobs_or_zero_occ_atoms.polymer_flag 
_pdbx_unobs_or_zero_occ_atoms.occupancy_flag 
_pdbx_unobs_or_zero_occ_atoms.auth_asym_id 
_pdbx_unobs_or_zero_occ_atoms.auth_comp_id 
_pdbx_unobs_or_zero_occ_atoms.auth_seq_id 
_pdbx_unobs_or_zero_occ_atoms.PDB_ins_code 
_pdbx_unobs_or_zero_occ_atoms.auth_atom_id 
_pdbx_unobs_or_zero_occ_atoms.label_alt_id 
_pdbx_unobs_or_zero_occ_atoms.label_asym_id 
_pdbx_unobs_or_zero_occ_atoms.label_comp_id 
_pdbx_unobs_or_zero_occ_atoms.label_seq_id 
_pdbx_unobs_or_zero_occ_atoms.label_atom_id 
1  1 Y 1 A LYS 4   ? CD  ? A LYS 5   CD  
2  1 Y 1 A LYS 4   ? CE  ? A LYS 5   CE  
3  1 Y 1 A LYS 4   ? NZ  ? A LYS 5   NZ  
4  1 Y 1 A LYS 14  ? CD  ? A LYS 15  CD  
5  1 Y 1 A LYS 14  ? CE  ? A LYS 15  CE  
6  1 Y 1 A LYS 14  ? NZ  ? A LYS 15  NZ  
7  1 Y 1 A GLU 49  ? CG  ? A GLU 50  CG  
8  1 Y 1 A GLU 49  ? CD  ? A GLU 50  CD  
9  1 Y 1 A GLU 49  ? OE1 ? A GLU 50  OE1 
10 1 Y 1 A GLU 49  ? OE2 ? A GLU 50  OE2 
11 1 Y 1 A GLU 69  ? OE1 ? A GLU 70  OE1 
12 1 Y 1 A GLU 69  ? OE2 ? A GLU 70  OE2 
13 1 Y 1 A GLU 70  ? CG  ? A GLU 71  CG  
14 1 Y 1 A GLU 70  ? CD  ? A GLU 71  CD  
15 1 Y 1 A GLU 70  ? OE1 ? A GLU 71  OE1 
16 1 Y 1 A GLU 70  ? OE2 ? A GLU 71  OE2 
17 1 Y 1 A ASP 97  ? CG  ? A ASP 98  CG  
18 1 Y 1 A ASP 97  ? OD1 ? A ASP 98  OD1 
19 1 Y 1 A ASP 97  ? OD2 ? A ASP 98  OD2 
20 1 Y 1 A TYR 100 ? CD1 ? A TYR 101 CD1 
21 1 Y 1 A TYR 100 ? CD2 ? A TYR 101 CD2 
22 1 Y 1 A TYR 100 ? CE1 ? A TYR 101 CE1 
23 1 Y 1 A TYR 100 ? CE2 ? A TYR 101 CE2 
24 1 Y 1 A TYR 100 ? CZ  ? A TYR 101 CZ  
25 1 Y 1 A TYR 100 ? OH  ? A TYR 101 OH  
26 1 Y 1 A GLU 145 ? CD  ? A GLU 146 CD  
27 1 Y 1 A GLU 145 ? OE1 ? A GLU 146 OE1 
28 1 Y 1 A GLU 145 ? OE2 ? A GLU 146 OE2 
# 
loop_
_software.name 
_software.version 
_software.date 
_software.type 
_software.contact_author 
_software.contact_author_email 
_software.classification 
_software.location 
_software.language 
_software.citation_id 
_software.pdbx_ordinal 
MolProbity  3beta29  ?                package 'D.C. & J.S. Richardson lab' molprobity@kinemage.biochem.duke.edu 'model building'  
http://kinemage.biochem.duke.edu/molprobity/                       ?          ? 1 
REFMAC      5.2.0019 ?                program 'Murshudov, G.N.'            ccp4@dl.ac.uk                        refinement        
http://www.ccp4.ac.uk/main.html                                    Fortran_77 ? 2 
XSCALE      .        ?                package 'Wolfgang Kabsch'            ?                                    'data scaling'    
http://www.mpimf-heidelberg.mpg.de/~kabsch/xds/xscale_program.html ?          ? 3 
PDB_EXTRACT 2.000    'April. 3, 2006' package PDB                          sw-help@rcsb.rutgers.edu             'data extraction' 
http://pdb.rutgers.edu/software/                                   C++        ? 4 
XDS         .        ?                ?       ?                            ?                                    'data reduction'  
?                                                                  ?          ? 5 
SHELXE      .        ?                ?       ?                            ?                                    'model building'  
?                                                                  ?          ? 6 
autoSHARP   .        ?                ?       ?                            ?                                    phasing           
?                                                                  ?          ? 7 
# 
_cell.entry_id           2HHZ 
_cell.length_a           71.000 
_cell.length_b           71.000 
_cell.length_c           58.400 
_cell.angle_alpha        90.000 
_cell.angle_beta         90.000 
_cell.angle_gamma        90.000 
_cell.pdbx_unique_axis   ? 
_cell.Z_PDB              8 
_cell.length_a_esd       ? 
_cell.length_b_esd       ? 
_cell.length_c_esd       ? 
_cell.angle_alpha_esd    ? 
_cell.angle_beta_esd     ? 
_cell.angle_gamma_esd    ? 
# 
_symmetry.entry_id                         2HHZ 
_symmetry.Int_Tables_number                96 
_symmetry.space_group_name_H-M             'P 43 21 2' 
_symmetry.pdbx_full_space_group_name_H-M   ? 
_symmetry.cell_setting                     ? 
_symmetry.space_group_name_Hall            ? 
# 
_exptl.crystals_number   1 
_exptl.method            'X-RAY DIFFRACTION' 
_exptl.entry_id          2HHZ 
# 
_exptl_crystal.id                    1 
_exptl_crystal.density_percent_sol   44.26 
_exptl_crystal.density_Matthews      2.22 
_exptl_crystal.description           ? 
_exptl_crystal.density_meas          ? 
_exptl_crystal.F_000                 ? 
_exptl_crystal.preparation           ? 
# 
_exptl_crystal_grow.crystal_id      1 
_exptl_crystal_grow.method          'VAPOR DIFFUSION,SITTING DROP,NANODROP' 
_exptl_crystal_grow.pH              4.5 
_exptl_crystal_grow.temp            277 
_exptl_crystal_grow.pdbx_details    '40.0% PEG-400, 0.1M Acetate pH 4.5, VAPOR DIFFUSION,SITTING DROP,NANODROP, temperature 277K' 
_exptl_crystal_grow.temp_details    ? 
_exptl_crystal_grow.pdbx_pH_range   . 
# 
_diffrn.id                     1 
_diffrn.ambient_temp           100 
_diffrn.ambient_temp_details   ? 
_diffrn.crystal_id             1 
# 
_diffrn_detector.diffrn_id              1 
_diffrn_detector.detector               CCD 
_diffrn_detector.type                   'MARMOSAIC 325 mm CCD' 
_diffrn_detector.details                'Flat collimating mirror, toroid focusing mirror' 
_diffrn_detector.pdbx_collection_date   2006-06-04 
# 
_diffrn_radiation.diffrn_id                        1 
_diffrn_radiation.pdbx_monochromatic_or_laue_m_l   M 
_diffrn_radiation.monochromator                    'Double crystal monochromator' 
_diffrn_radiation.pdbx_diffrn_protocol             MAD 
_diffrn_radiation.wavelength_id                    1 
_diffrn_radiation.pdbx_scattering_type             x-ray 
# 
loop_
_diffrn_radiation_wavelength.id 
_diffrn_radiation_wavelength.wavelength 
_diffrn_radiation_wavelength.wt 
1 0.91837 1.0 
2 0.97934 1.0 
3 0.97915 1.0 
# 
_diffrn_source.diffrn_id                   1 
_diffrn_source.source                      SYNCHROTRON 
_diffrn_source.pdbx_synchrotron_beamline   BL9-2 
_diffrn_source.type                        'SSRL BEAMLINE BL9-2' 
_diffrn_source.pdbx_wavelength_list        '0.91837, 0.97934, 0.97915' 
_diffrn_source.pdbx_wavelength             ? 
_diffrn_source.pdbx_synchrotron_site       SSRL 
# 
_reflns.entry_id                     2HHZ 
_reflns.d_resolution_high            2.000 
_reflns.d_resolution_low             29.198 
_reflns.number_obs                   10580 
_reflns.pdbx_Rmerge_I_obs            0.085 
_reflns.pdbx_netI_over_sigmaI        9.480 
_reflns.percent_possible_obs         94.400 
_reflns.B_iso_Wilson_estimate        40.243 
_reflns.observed_criterion_sigma_F   ? 
_reflns.observed_criterion_sigma_I   ? 
_reflns.number_all                   ? 
_reflns.pdbx_Rsym_value              ? 
_reflns.pdbx_redundancy              ? 
_reflns.R_free_details               ? 
_reflns.limit_h_max                  ? 
_reflns.limit_h_min                  ? 
_reflns.limit_k_max                  ? 
_reflns.limit_k_min                  ? 
_reflns.limit_l_max                  ? 
_reflns.limit_l_min                  ? 
_reflns.observed_criterion_F_max     ? 
_reflns.observed_criterion_F_min     ? 
_reflns.pdbx_chi_squared             ? 
_reflns.pdbx_scaling_rejects         ? 
_reflns.pdbx_ordinal                 1 
_reflns.pdbx_diffrn_id               1 
# 
loop_
_reflns_shell.d_res_high 
_reflns_shell.d_res_low 
_reflns_shell.number_measured_obs 
_reflns_shell.number_measured_all 
_reflns_shell.number_unique_obs 
_reflns_shell.Rmerge_I_obs 
_reflns_shell.meanI_over_sigI_obs 
_reflns_shell.pdbx_Rsym_value 
_reflns_shell.pdbx_chi_squared 
_reflns_shell.pdbx_redundancy 
_reflns_shell.percent_possible_obs 
_reflns_shell.number_unique_all 
_reflns_shell.percent_possible_all 
_reflns_shell.pdbx_ordinal 
_reflns_shell.pdbx_diffrn_id 
2.00 2.07   5750 ? ? 0.726 1.9  ? ? ? ? 1548 81.40 1 1 
2.07 2.15   6589 ? ? 0.58  2.6  ? ? ? ? 1741 91.30 2 1 
2.15 2.25   6885 ? ? 0.497 2.9  ? ? ? ? 1816 91.60 3 1 
2.25 2.37   7068 ? ? 0.389 3.8  ? ? ? ? 1852 94.10 4 1 
2.37 2.52   7135 ? ? 0.31  4.8  ? ? ? ? 1856 95.20 5 1 
2.52 2.71   6959 ? ? 0.258 5.5  ? ? ? ? 1812 95.30 6 1 
2.71 2.99   7422 ? ? 0.151 8.5  ? ? ? ? 1922 97.10 7 1 
2.99 3.42   7446 ? ? 0.088 12.7 ? ? ? ? 1919 98.80 8 1 
3.42 29.198 7242 ? ? 0.05  20.0 ? ? ? ? 1910 99.50 9 1 
# 
_refine.entry_id                                 2HHZ 
_refine.ls_d_res_high                            2.000 
_refine.ls_d_res_low                             29.198 
_refine.pdbx_ls_sigma_F                          0.00 
_refine.ls_percent_reflns_obs                    99.500 
_refine.ls_number_reflns_obs                     10536 
_refine.pdbx_ls_cross_valid_method               THROUGHOUT 
_refine.pdbx_R_Free_selection_details            RANDOM 
_refine.details                                  
;1. HYDROGENS HAVE BEEN ADDED IN THE RIDING POSITIONS.
 2. A MET-INHIBITION PROTOCOL WAS USED FOR SELENOMETHIONINE
 INCORPORATION DURING PROTEIN EXPRESSION.  THE OCCUPANCY
 OF THE SE ATOMS IN THE MSE RESIDUES WAS REDUCED TO 0.75
 FOR THE REDUCED SCATTERING POWER DUE TO PARTIAL S-MET INCORPORATION.
 3. RESIDUES 107-111 AND 140-144 ARE DISORDERED AND NOT INCLUDED IN THE MODEL.
 4. CL, ACT, PO4 MOLECULES FROM THE CRYSTALLIZATION SOLUTION ARE MODELED.
 5. THERE ARE UNMODELED DENSITY NEAR RESIDUES A122 AND A133.
 6. ATOM RECORDS CONTAIN RESIDUAL B FACTORS ONLY.
;
_refine.ls_R_factor_all                          0.193 
_refine.ls_R_factor_R_work                       0.191 
_refine.ls_R_factor_R_free                       0.231 
_refine.ls_percent_reflns_R_free                 4.800 
_refine.ls_number_reflns_R_free                  503 
_refine.B_iso_mean                               42.918 
_refine.aniso_B[1][1]                            -1.210 
_refine.aniso_B[2][2]                            -1.210 
_refine.aniso_B[3][3]                            2.420 
_refine.aniso_B[1][2]                            0.000 
_refine.aniso_B[1][3]                            0.000 
_refine.aniso_B[2][3]                            0.000 
_refine.correlation_coeff_Fo_to_Fc               0.963 
_refine.correlation_coeff_Fo_to_Fc_free          0.942 
_refine.pdbx_overall_ESU_R                       0.183 
_refine.pdbx_overall_ESU_R_Free                  0.161 
_refine.overall_SU_ML                            0.164 
_refine.overall_SU_B                             13.134 
_refine.solvent_model_details                    'BABINET MODEL WITH MASK' 
_refine.pdbx_solvent_vdw_probe_radii             1.200 
_refine.pdbx_solvent_ion_probe_radii             0.800 
_refine.pdbx_solvent_shrinkage_radii             0.800 
_refine.pdbx_method_to_determine_struct          MAD 
_refine.pdbx_stereochemistry_target_values       'MAXIMUM LIKELIHOOD WITH PHASES' 
_refine.pdbx_ls_sigma_I                          ? 
_refine.ls_number_reflns_all                     ? 
_refine.ls_R_factor_obs                          0.19276 
_refine.ls_redundancy_reflns_obs                 ? 
_refine.pdbx_data_cutoff_high_absF               ? 
_refine.pdbx_data_cutoff_low_absF                ? 
_refine.ls_number_parameters                     ? 
_refine.ls_number_restraints                     ? 
_refine.ls_R_factor_R_free_error                 ? 
_refine.ls_R_factor_R_free_error_details         ? 
_refine.pdbx_starting_model                      ? 
_refine.pdbx_stereochem_target_val_spec_case     ? 
_refine.solvent_model_param_bsol                 ? 
_refine.solvent_model_param_ksol                 ? 
_refine.occupancy_max                            ? 
_refine.occupancy_min                            ? 
_refine.pdbx_isotropic_thermal_model             ? 
_refine.B_iso_min                                ? 
_refine.B_iso_max                                ? 
_refine.overall_SU_R_Cruickshank_DPI             ? 
_refine.overall_SU_R_free                        ? 
_refine.pdbx_data_cutoff_high_rms_absF           ? 
_refine.ls_wR_factor_R_free                      ? 
_refine.ls_wR_factor_R_work                      ? 
_refine.overall_FOM_free_R_set                   ? 
_refine.overall_FOM_work_R_set                   ? 
_refine.pdbx_refine_id                           'X-RAY DIFFRACTION' 
_refine.pdbx_TLS_residual_ADP_flag               'LIKELY RESIDUAL' 
_refine.pdbx_diffrn_id                           1 
_refine.pdbx_overall_phase_error                 ? 
_refine.pdbx_overall_SU_R_free_Cruickshank_DPI   ? 
_refine.pdbx_overall_SU_R_Blow_DPI               ? 
_refine.pdbx_overall_SU_R_free_Blow_DPI          ? 
# 
_refine_hist.pdbx_refine_id                   'X-RAY DIFFRACTION' 
_refine_hist.cycle_id                         LAST 
_refine_hist.pdbx_number_atoms_protein        1101 
_refine_hist.pdbx_number_atoms_nucleic_acid   0 
_refine_hist.pdbx_number_atoms_ligand         10 
_refine_hist.number_atoms_solvent             63 
_refine_hist.number_atoms_total               1174 
_refine_hist.d_res_high                       2.000 
_refine_hist.d_res_low                        29.198 
# 
loop_
_refine_ls_restr.type 
_refine_ls_restr.number 
_refine_ls_restr.dev_ideal 
_refine_ls_restr.dev_ideal_target 
_refine_ls_restr.weight 
_refine_ls_restr.pdbx_refine_id 
_refine_ls_restr.pdbx_restraint_function 
r_bond_refined_d         1145 0.017  0.021  ? 'X-RAY DIFFRACTION' ? 
r_bond_other_d           733  0.002  0.020  ? 'X-RAY DIFFRACTION' ? 
r_angle_refined_deg      1553 1.546  1.928  ? 'X-RAY DIFFRACTION' ? 
r_angle_other_deg        1781 0.881  3.000  ? 'X-RAY DIFFRACTION' ? 
r_dihedral_angle_1_deg   140  6.344  5.000  ? 'X-RAY DIFFRACTION' ? 
r_dihedral_angle_2_deg   55   36.759 23.455 ? 'X-RAY DIFFRACTION' ? 
r_dihedral_angle_3_deg   179  13.115 15.000 ? 'X-RAY DIFFRACTION' ? 
r_dihedral_angle_4_deg   5    23.648 15.000 ? 'X-RAY DIFFRACTION' ? 
r_chiral_restr           170  0.084  0.200  ? 'X-RAY DIFFRACTION' ? 
r_gen_planes_refined     1281 0.006  0.020  ? 'X-RAY DIFFRACTION' ? 
r_gen_planes_other       248  0.001  0.020  ? 'X-RAY DIFFRACTION' ? 
r_nbd_refined            204  0.198  0.200  ? 'X-RAY DIFFRACTION' ? 
r_nbd_other              715  0.206  0.200  ? 'X-RAY DIFFRACTION' ? 
r_nbtor_refined          549  0.193  0.200  ? 'X-RAY DIFFRACTION' ? 
r_nbtor_other            600  0.089  0.200  ? 'X-RAY DIFFRACTION' ? 
r_xyhbond_nbd_refined    47   0.140  0.200  ? 'X-RAY DIFFRACTION' ? 
r_symmetry_vdw_refined   11   0.228  0.200  ? 'X-RAY DIFFRACTION' ? 
r_symmetry_vdw_other     24   0.381  0.200  ? 'X-RAY DIFFRACTION' ? 
r_symmetry_hbond_refined 7    0.184  0.200  ? 'X-RAY DIFFRACTION' ? 
r_mcbond_it              755  2.361  3.000  ? 'X-RAY DIFFRACTION' ? 
r_mcbond_other           285  0.509  3.000  ? 'X-RAY DIFFRACTION' ? 
r_mcangle_it             1118 3.449  5.000  ? 'X-RAY DIFFRACTION' ? 
r_scbond_it              492  5.491  8.000  ? 'X-RAY DIFFRACTION' ? 
r_scangle_it             433  6.702  11.000 ? 'X-RAY DIFFRACTION' ? 
# 
_refine_ls_shell.d_res_high                       2.00 
_refine_ls_shell.d_res_low                        2.050 
_refine_ls_shell.pdbx_total_number_of_bins_used   20 
_refine_ls_shell.percent_reflns_obs               95.500 
_refine_ls_shell.number_reflns_R_work             685 
_refine_ls_shell.R_factor_all                     ? 
_refine_ls_shell.R_factor_R_work                  0.286 
_refine_ls_shell.R_factor_R_free                  0.288 
_refine_ls_shell.percent_reflns_R_free            ? 
_refine_ls_shell.number_reflns_R_free             37 
_refine_ls_shell.R_factor_R_free_error            ? 
_refine_ls_shell.number_reflns_all                ? 
_refine_ls_shell.number_reflns_obs                722 
_refine_ls_shell.redundancy_reflns_obs            ? 
_refine_ls_shell.pdbx_refine_id                   'X-RAY DIFFRACTION' 
# 
_struct.entry_id                  2HHZ 
_struct.title                     
;Crystal structure of a pyridoxamine 5'-phosphate oxidase-related protein (ssuidraft_2804) from streptococcus suis 89/1591 at 2.00 A resolution
;
_struct.pdbx_model_details        ? 
_struct.pdbx_CASP_flag            ? 
_struct.pdbx_model_type_details   ? 
# 
_struct_keywords.text            
'Structural genomics, Joint Center for Structural Genomics, JCSG, Protein Structure Initiative, PSI-2, oxidoreductase' 
_struct_keywords.pdbx_keywords   OXIDOREDUCTASE 
_struct_keywords.entry_id        2HHZ 
# 
loop_
_struct_asym.id 
_struct_asym.pdbx_blank_PDB_chainid_flag 
_struct_asym.pdbx_modified 
_struct_asym.entity_id 
_struct_asym.details 
A N N 1 ? 
B N N 2 ? 
C N N 3 ? 
D N N 4 ? 
E N N 5 ? 
# 
_struct_ref.id                         1 
_struct_ref.db_name                    UNP 
_struct_ref.db_code                    Q2ZZ07_STRSU 
_struct_ref.pdbx_db_accession          Q2ZZ07 
_struct_ref.entity_id                  1 
_struct_ref.pdbx_align_begin           1 
_struct_ref.pdbx_db_isoform            ? 
_struct_ref.pdbx_seq_one_letter_code   ? 
# 
_struct_ref_seq.align_id                      1 
_struct_ref_seq.ref_id                        1 
_struct_ref_seq.pdbx_PDB_id_code              2HHZ 
_struct_ref_seq.pdbx_strand_id                A 
_struct_ref_seq.seq_align_beg                 2 
_struct_ref_seq.pdbx_seq_align_beg_ins_code   ? 
_struct_ref_seq.seq_align_end                 150 
_struct_ref_seq.pdbx_seq_align_end_ins_code   ? 
_struct_ref_seq.pdbx_db_accession             Q2ZZ07 
_struct_ref_seq.db_align_beg                  1 
_struct_ref_seq.pdbx_db_align_beg_ins_code    ? 
_struct_ref_seq.db_align_end                  149 
_struct_ref_seq.pdbx_db_align_end_ins_code    ? 
_struct_ref_seq.pdbx_auth_seq_align_beg       1 
_struct_ref_seq.pdbx_auth_seq_align_end       149 
# 
loop_
_struct_ref_seq_dif.align_id 
_struct_ref_seq_dif.pdbx_pdb_id_code 
_struct_ref_seq_dif.mon_id 
_struct_ref_seq_dif.pdbx_pdb_strand_id 
_struct_ref_seq_dif.seq_num 
_struct_ref_seq_dif.pdbx_pdb_ins_code 
_struct_ref_seq_dif.pdbx_seq_db_name 
_struct_ref_seq_dif.pdbx_seq_db_accession_code 
_struct_ref_seq_dif.db_mon_id 
_struct_ref_seq_dif.pdbx_seq_db_seq_num 
_struct_ref_seq_dif.details 
_struct_ref_seq_dif.pdbx_auth_seq_num 
_struct_ref_seq_dif.pdbx_ordinal 
1 2HHZ GLY A 1   ? UNP Q2ZZ07 ?   ?   'expression tag'   0   1 
1 2HHZ MSE A 2   ? UNP Q2ZZ07 MET 1   'modified residue' 1   2 
1 2HHZ MSE A 8   ? UNP Q2ZZ07 MET 7   'modified residue' 7   3 
1 2HHZ MSE A 14  ? UNP Q2ZZ07 MET 13  'modified residue' 13  4 
1 2HHZ MSE A 46  ? UNP Q2ZZ07 MET 45  'modified residue' 45  5 
1 2HHZ MSE A 58  ? UNP Q2ZZ07 MET 57  'modified residue' 57  6 
1 2HHZ MSE A 65  ? UNP Q2ZZ07 MET 64  'modified residue' 64  7 
1 2HHZ MSE A 114 ? UNP Q2ZZ07 MET 113 'modified residue' 113 8 
# 
loop_
_pdbx_struct_assembly.id 
_pdbx_struct_assembly.details 
_pdbx_struct_assembly.method_details 
_pdbx_struct_assembly.oligomeric_details 
_pdbx_struct_assembly.oligomeric_count 
1 author_and_software_defined_assembly PISA dimeric   2 
2 software_defined_assembly            PQS  monomeric 1 
# 
loop_
_pdbx_struct_assembly_prop.biol_id 
_pdbx_struct_assembly_prop.type 
_pdbx_struct_assembly_prop.value 
_pdbx_struct_assembly_prop.details 
1 'ABSA (A^2)' 2650  ? 
1 MORE         -50   ? 
1 'SSA (A^2)'  13520 ? 
# 
loop_
_pdbx_struct_assembly_gen.assembly_id 
_pdbx_struct_assembly_gen.oper_expression 
_pdbx_struct_assembly_gen.asym_id_list 
1 1,2 A,B,C,D,E 
2 1   A,B,C,D,E 
# 
loop_
_pdbx_struct_oper_list.id 
_pdbx_struct_oper_list.type 
_pdbx_struct_oper_list.name 
_pdbx_struct_oper_list.symmetry_operation 
_pdbx_struct_oper_list.matrix[1][1] 
_pdbx_struct_oper_list.matrix[1][2] 
_pdbx_struct_oper_list.matrix[1][3] 
_pdbx_struct_oper_list.vector[1] 
_pdbx_struct_oper_list.matrix[2][1] 
_pdbx_struct_oper_list.matrix[2][2] 
_pdbx_struct_oper_list.matrix[2][3] 
_pdbx_struct_oper_list.vector[2] 
_pdbx_struct_oper_list.matrix[3][1] 
_pdbx_struct_oper_list.matrix[3][2] 
_pdbx_struct_oper_list.matrix[3][3] 
_pdbx_struct_oper_list.vector[3] 
1 'identity operation'         1_555 x,y,z    1.0000000000 0.0000000000  0.0000000000 0.0000000000  0.0000000000  1.0000000000  0.0000000000  0.0000000000   0.0000000000 0.0000000000  1.0000000000  0.0000000000  
2 'crystal symmetry operation' 7_556 y,x,-z+1 0.3957448422 -0.0571938484 0.9165778110 -7.7288872276 -0.0571938484 -0.9976563508 -0.0375588795 -20.7887757850 0.9165778110 -0.0375588795 -0.3980884914 10.4721762597 
# 
_struct_biol.id   1 
# 
loop_
_struct_conf.conf_type_id 
_struct_conf.id 
_struct_conf.pdbx_PDB_helix_id 
_struct_conf.beg_label_comp_id 
_struct_conf.beg_label_asym_id 
_struct_conf.beg_label_seq_id 
_struct_conf.pdbx_beg_PDB_ins_code 
_struct_conf.end_label_comp_id 
_struct_conf.end_label_asym_id 
_struct_conf.end_label_seq_id 
_struct_conf.pdbx_end_PDB_ins_code 
_struct_conf.beg_auth_comp_id 
_struct_conf.beg_auth_asym_id 
_struct_conf.beg_auth_seq_id 
_struct_conf.end_auth_comp_id 
_struct_conf.end_auth_asym_id 
_struct_conf.end_auth_seq_id 
_struct_conf.pdbx_PDB_helix_class 
_struct_conf.details 
_struct_conf.pdbx_PDB_helix_length 
HELX_P HELX_P1 1 GLU A 3   ? MSE A 14  ? GLU A 2   MSE A 13  1 ? 12 
HELX_P HELX_P2 2 THR A 51  ? ASP A 60  ? THR A 50  ASP A 59  1 ? 10 
HELX_P HELX_P3 3 GLU A 88  ? ALA A 97  ? GLU A 87  ALA A 96  1 ? 10 
HELX_P HELX_P4 4 ASN A 99  ? TYR A 106 ? ASN A 98  TYR A 105 5 ? 8  
HELX_P HELX_P5 5 THR A 130 ? GLY A 132 ? THR A 129 GLY A 131 5 ? 3  
# 
_struct_conf_type.id          HELX_P 
_struct_conf_type.criteria    ? 
_struct_conf_type.reference   ? 
# 
loop_
_struct_conn.id 
_struct_conn.conn_type_id 
_struct_conn.pdbx_leaving_atom_flag 
_struct_conn.pdbx_PDB_id 
_struct_conn.ptnr1_label_asym_id 
_struct_conn.ptnr1_label_comp_id 
_struct_conn.ptnr1_label_seq_id 
_struct_conn.ptnr1_label_atom_id 
_struct_conn.pdbx_ptnr1_label_alt_id 
_struct_conn.pdbx_ptnr1_PDB_ins_code 
_struct_conn.pdbx_ptnr1_standard_comp_id 
_struct_conn.ptnr1_symmetry 
_struct_conn.ptnr2_label_asym_id 
_struct_conn.ptnr2_label_comp_id 
_struct_conn.ptnr2_label_seq_id 
_struct_conn.ptnr2_label_atom_id 
_struct_conn.pdbx_ptnr2_label_alt_id 
_struct_conn.pdbx_ptnr2_PDB_ins_code 
_struct_conn.ptnr1_auth_asym_id 
_struct_conn.ptnr1_auth_comp_id 
_struct_conn.ptnr1_auth_seq_id 
_struct_conn.ptnr2_auth_asym_id 
_struct_conn.ptnr2_auth_comp_id 
_struct_conn.ptnr2_auth_seq_id 
_struct_conn.ptnr2_symmetry 
_struct_conn.pdbx_ptnr3_label_atom_id 
_struct_conn.pdbx_ptnr3_label_seq_id 
_struct_conn.pdbx_ptnr3_label_comp_id 
_struct_conn.pdbx_ptnr3_label_asym_id 
_struct_conn.pdbx_ptnr3_label_alt_id 
_struct_conn.pdbx_ptnr3_PDB_ins_code 
_struct_conn.details 
_struct_conn.pdbx_dist_value 
_struct_conn.pdbx_value_order 
_struct_conn.pdbx_role 
covale1  covale both ? A MSE 2   C ? ? ? 1_555 A GLU 3   N ? ? A MSE 1   A GLU 2   1_555 ? ? ? ? ? ? ? 1.331 ? ? 
covale2  covale both ? A ILE 7   C ? ? ? 1_555 A MSE 8   N ? ? A ILE 6   A MSE 7   1_555 ? ? ? ? ? ? ? 1.321 ? ? 
covale3  covale both ? A MSE 8   C ? ? ? 1_555 A HIS 9   N ? ? A MSE 7   A HIS 8   1_555 ? ? ? ? ? ? ? 1.317 ? ? 
covale4  covale both ? A ASP 13  C ? ? ? 1_555 A MSE 14  N ? ? A ASP 12  A MSE 13  1_555 ? ? ? ? ? ? ? 1.337 ? ? 
covale5  covale both ? A MSE 14  C ? ? ? 1_555 A LYS 15  N ? ? A MSE 13  A LYS 14  1_555 ? ? ? ? ? ? ? 1.333 ? ? 
covale6  covale both ? A PHE 45  C ? ? ? 1_555 A MSE 46  N ? ? A PHE 44  A MSE 45  1_555 ? ? ? ? ? ? ? 1.318 ? ? 
covale7  covale both ? A MSE 46  C ? ? ? 1_555 A THR 47  N ? ? A MSE 45  A THR 46  1_555 ? ? ? ? ? ? ? 1.327 ? ? 
covale8  covale both ? A LEU 57  C ? ? ? 1_555 A MSE 58  N ? ? A LEU 56  A MSE 57  1_555 ? ? ? ? ? ? ? 1.321 ? ? 
covale9  covale both ? A MSE 58  C ? ? ? 1_555 A GLY 59  N ? ? A MSE 57  A GLY 58  1_555 ? ? ? ? ? ? ? 1.331 ? ? 
covale10 covale both ? A ALA 64  C ? ? ? 1_555 A MSE 65  N ? ? A ALA 63  A MSE 64  1_555 ? ? ? ? ? ? ? 1.326 ? ? 
covale11 covale both ? A MSE 65  C ? ? ? 1_555 A THR 66  N ? ? A MSE 64  A THR 65  1_555 ? ? ? ? ? ? ? 1.328 ? ? 
covale12 covale both ? A THR 113 C ? ? ? 1_555 A MSE 114 N ? ? A THR 112 A MSE 113 1_555 ? ? ? ? ? ? ? 1.330 ? ? 
covale13 covale both ? A MSE 114 C ? ? ? 1_555 A GLN 115 N ? ? A MSE 113 A GLN 114 1_555 ? ? ? ? ? ? ? 1.330 ? ? 
# 
_struct_conn_type.id          covale 
_struct_conn_type.criteria    ? 
_struct_conn_type.reference   ? 
# 
loop_
_pdbx_modification_feature.ordinal 
_pdbx_modification_feature.label_comp_id 
_pdbx_modification_feature.label_asym_id 
_pdbx_modification_feature.label_seq_id 
_pdbx_modification_feature.label_alt_id 
_pdbx_modification_feature.modified_residue_label_comp_id 
_pdbx_modification_feature.modified_residue_label_asym_id 
_pdbx_modification_feature.modified_residue_label_seq_id 
_pdbx_modification_feature.modified_residue_label_alt_id 
_pdbx_modification_feature.auth_comp_id 
_pdbx_modification_feature.auth_asym_id 
_pdbx_modification_feature.auth_seq_id 
_pdbx_modification_feature.PDB_ins_code 
_pdbx_modification_feature.symmetry 
_pdbx_modification_feature.modified_residue_auth_comp_id 
_pdbx_modification_feature.modified_residue_auth_asym_id 
_pdbx_modification_feature.modified_residue_auth_seq_id 
_pdbx_modification_feature.modified_residue_PDB_ins_code 
_pdbx_modification_feature.modified_residue_symmetry 
_pdbx_modification_feature.comp_id_linking_atom 
_pdbx_modification_feature.modified_residue_id_linking_atom 
_pdbx_modification_feature.modified_residue_id 
_pdbx_modification_feature.ref_pcm_id 
_pdbx_modification_feature.ref_comp_id 
_pdbx_modification_feature.type 
_pdbx_modification_feature.category 
1 MSE A 2   ? . . . . MSE A 1   ? 1_555 . . . . . . . MET 1 MSE Selenomethionine 'Named protein modification' 
2 MSE A 8   ? . . . . MSE A 7   ? 1_555 . . . . . . . MET 1 MSE Selenomethionine 'Named protein modification' 
3 MSE A 14  ? . . . . MSE A 13  ? 1_555 . . . . . . . MET 1 MSE Selenomethionine 'Named protein modification' 
4 MSE A 46  ? . . . . MSE A 45  ? 1_555 . . . . . . . MET 1 MSE Selenomethionine 'Named protein modification' 
5 MSE A 58  ? . . . . MSE A 57  ? 1_555 . . . . . . . MET 1 MSE Selenomethionine 'Named protein modification' 
6 MSE A 65  ? . . . . MSE A 64  ? 1_555 . . . . . . . MET 1 MSE Selenomethionine 'Named protein modification' 
7 MSE A 114 ? . . . . MSE A 113 ? 1_555 . . . . . . . MET 1 MSE Selenomethionine 'Named protein modification' 
# 
_struct_sheet.id               A 
_struct_sheet.type             ? 
_struct_sheet.number_strands   9 
_struct_sheet.details          ? 
# 
loop_
_struct_sheet_order.sheet_id 
_struct_sheet_order.range_id_1 
_struct_sheet_order.range_id_2 
_struct_sheet_order.offset 
_struct_sheet_order.sense 
A 1 2 ? anti-parallel 
A 2 3 ? anti-parallel 
A 3 4 ? anti-parallel 
A 4 5 ? anti-parallel 
A 5 6 ? anti-parallel 
A 6 7 ? anti-parallel 
A 7 8 ? anti-parallel 
A 8 9 ? anti-parallel 
# 
loop_
_struct_sheet_range.sheet_id 
_struct_sheet_range.id 
_struct_sheet_range.beg_label_comp_id 
_struct_sheet_range.beg_label_asym_id 
_struct_sheet_range.beg_label_seq_id 
_struct_sheet_range.pdbx_beg_PDB_ins_code 
_struct_sheet_range.end_label_comp_id 
_struct_sheet_range.end_label_asym_id 
_struct_sheet_range.end_label_seq_id 
_struct_sheet_range.pdbx_end_PDB_ins_code 
_struct_sheet_range.beg_auth_comp_id 
_struct_sheet_range.beg_auth_asym_id 
_struct_sheet_range.beg_auth_seq_id 
_struct_sheet_range.end_auth_comp_id 
_struct_sheet_range.end_auth_asym_id 
_struct_sheet_range.end_auth_seq_id 
A 1 VAL A 147 ? ALA A 149 ? VAL A 146 ALA A 148 
A 2 HIS A 133 ? ILE A 139 ? HIS A 132 ILE A 138 
A 3 GLN A 115 ? SER A 128 ? GLN A 114 SER A 127 
A 4 GLN A 76  ? VAL A 87  ? GLN A 75  VAL A 86  
A 5 ARG A 62  ? SER A 69  ? ARG A 61  SER A 68  
A 6 VAL A 16  ? LEU A 22  ? VAL A 15  LEU A 21  
A 7 PRO A 28  ? ASN A 39  ? PRO A 27  ASN A 38  
A 8 GLY A 42  ? THR A 47  ? GLY A 41  THR A 46  
A 9 GLN A 115 ? SER A 128 ? GLN A 114 SER A 127 
# 
loop_
_pdbx_struct_sheet_hbond.sheet_id 
_pdbx_struct_sheet_hbond.range_id_1 
_pdbx_struct_sheet_hbond.range_id_2 
_pdbx_struct_sheet_hbond.range_1_label_atom_id 
_pdbx_struct_sheet_hbond.range_1_label_comp_id 
_pdbx_struct_sheet_hbond.range_1_label_asym_id 
_pdbx_struct_sheet_hbond.range_1_label_seq_id 
_pdbx_struct_sheet_hbond.range_1_PDB_ins_code 
_pdbx_struct_sheet_hbond.range_1_auth_atom_id 
_pdbx_struct_sheet_hbond.range_1_auth_comp_id 
_pdbx_struct_sheet_hbond.range_1_auth_asym_id 
_pdbx_struct_sheet_hbond.range_1_auth_seq_id 
_pdbx_struct_sheet_hbond.range_2_label_atom_id 
_pdbx_struct_sheet_hbond.range_2_label_comp_id 
_pdbx_struct_sheet_hbond.range_2_label_asym_id 
_pdbx_struct_sheet_hbond.range_2_label_seq_id 
_pdbx_struct_sheet_hbond.range_2_PDB_ins_code 
_pdbx_struct_sheet_hbond.range_2_auth_atom_id 
_pdbx_struct_sheet_hbond.range_2_auth_comp_id 
_pdbx_struct_sheet_hbond.range_2_auth_asym_id 
_pdbx_struct_sheet_hbond.range_2_auth_seq_id 
A 1 2 O ARG A 148 ? O ARG A 147 N ILE A 136 ? N ILE A 135 
A 2 3 O PHE A 137 ? O PHE A 136 N GLY A 124 ? N GLY A 123 
A 3 4 O HIS A 127 ? O HIS A 126 N VAL A 77  ? N VAL A 76  
A 4 5 O GLY A 82  ? O GLY A 81  N VAL A 63  ? N VAL A 62  
A 5 6 O THR A 66  ? O THR A 65  N VAL A 18  ? N VAL A 17  
A 6 7 N PHE A 19  ? N PHE A 18  O ARG A 31  ? O ARG A 30  
A 7 8 N ALA A 37  ? N ALA A 36  O PHE A 44  ? O PHE A 43  
A 8 9 N ILE A 43  ? N ILE A 42  O ILE A 119 ? O ILE A 118 
# 
loop_
_struct_site.id 
_struct_site.pdbx_evidence_code 
_struct_site.pdbx_auth_asym_id 
_struct_site.pdbx_auth_comp_id 
_struct_site.pdbx_auth_seq_id 
_struct_site.pdbx_auth_ins_code 
_struct_site.pdbx_num_residues 
_struct_site.details 
AC1 Software A PO4 150 ? 6 'BINDING SITE FOR RESIDUE PO4 A 150' 
AC2 Software A CL  151 ? 4 'BINDING SITE FOR RESIDUE CL A 151'  
AC3 Software A ACT 152 ? 3 'BINDING SITE FOR RESIDUE ACT A 152' 
# 
loop_
_struct_site_gen.id 
_struct_site_gen.site_id 
_struct_site_gen.pdbx_num_res 
_struct_site_gen.label_comp_id 
_struct_site_gen.label_asym_id 
_struct_site_gen.label_seq_id 
_struct_site_gen.pdbx_auth_ins_code 
_struct_site_gen.auth_comp_id 
_struct_site_gen.auth_asym_id 
_struct_site_gen.auth_seq_id 
_struct_site_gen.label_atom_id 
_struct_site_gen.label_alt_id 
_struct_site_gen.symmetry 
_struct_site_gen.details 
1  AC1 6 ARG A 31 ? ARG A 30  . ? 1_555 ? 
2  AC1 6 HIS A 52 ? HIS A 51  . ? 1_555 ? 
3  AC1 6 PHE A 53 ? PHE A 52  . ? 1_555 ? 
4  AC1 6 ARG A 79 ? ARG A 78  . ? 7_556 ? 
5  AC1 6 HOH E .  ? HOH A 170 . ? 1_555 ? 
6  AC1 6 HOH E .  ? HOH A 188 . ? 1_555 ? 
7  AC2 4 HIS A 32 ? HIS A 31  . ? 1_555 ? 
8  AC2 4 THR A 66 ? THR A 65  . ? 7_556 ? 
9  AC2 4 VAL A 77 ? VAL A 76  . ? 7_556 ? 
10 AC2 4 ARG A 79 ? ARG A 78  . ? 7_556 ? 
11 AC3 3 HIS A 32 ? HIS A 31  . ? 1_555 ? 
12 AC3 3 HOH E .  ? HOH A 195 . ? 1_555 ? 
13 AC3 3 HOH E .  ? HOH A 197 . ? 1_555 ? 
# 
_pdbx_entry_details.entry_id                   2HHZ 
_pdbx_entry_details.compound_details           ? 
_pdbx_entry_details.source_details             ? 
_pdbx_entry_details.nonpolymer_details         ? 
_pdbx_entry_details.sequence_details           ? 
_pdbx_entry_details.has_ligand_of_interest     ? 
_pdbx_entry_details.has_protein_modification   Y 
# 
loop_
_pdbx_validate_rmsd_angle.id 
_pdbx_validate_rmsd_angle.PDB_model_num 
_pdbx_validate_rmsd_angle.auth_atom_id_1 
_pdbx_validate_rmsd_angle.auth_asym_id_1 
_pdbx_validate_rmsd_angle.auth_comp_id_1 
_pdbx_validate_rmsd_angle.auth_seq_id_1 
_pdbx_validate_rmsd_angle.PDB_ins_code_1 
_pdbx_validate_rmsd_angle.label_alt_id_1 
_pdbx_validate_rmsd_angle.auth_atom_id_2 
_pdbx_validate_rmsd_angle.auth_asym_id_2 
_pdbx_validate_rmsd_angle.auth_comp_id_2 
_pdbx_validate_rmsd_angle.auth_seq_id_2 
_pdbx_validate_rmsd_angle.PDB_ins_code_2 
_pdbx_validate_rmsd_angle.label_alt_id_2 
_pdbx_validate_rmsd_angle.auth_atom_id_3 
_pdbx_validate_rmsd_angle.auth_asym_id_3 
_pdbx_validate_rmsd_angle.auth_comp_id_3 
_pdbx_validate_rmsd_angle.auth_seq_id_3 
_pdbx_validate_rmsd_angle.PDB_ins_code_3 
_pdbx_validate_rmsd_angle.label_alt_id_3 
_pdbx_validate_rmsd_angle.angle_value 
_pdbx_validate_rmsd_angle.angle_target_value 
_pdbx_validate_rmsd_angle.angle_deviation 
_pdbx_validate_rmsd_angle.angle_standard_deviation 
_pdbx_validate_rmsd_angle.linker_flag 
1 1 NE A ARG 30  ? ? CZ A ARG 30  ? ? NH1 A ARG 30  ? ? 123.31 120.30 3.01  0.50 N 
2 1 NE A ARG 147 ? ? CZ A ARG 147 ? ? NH2 A ARG 147 ? ? 117.27 120.30 -3.03 0.50 N 
# 
loop_
_pdbx_validate_torsion.id 
_pdbx_validate_torsion.PDB_model_num 
_pdbx_validate_torsion.auth_comp_id 
_pdbx_validate_torsion.auth_asym_id 
_pdbx_validate_torsion.auth_seq_id 
_pdbx_validate_torsion.PDB_ins_code 
_pdbx_validate_torsion.label_alt_id 
_pdbx_validate_torsion.phi 
_pdbx_validate_torsion.psi 
1 1 LYS A 14 ? ? 71.59  -31.94  
2 1 PRO A 48 ? ? -49.64 156.93  
3 1 ALA A 96 ? ? 53.81  -136.68 
# 
_pdbx_SG_project.project_name          'PSI, Protein Structure Initiative' 
_pdbx_SG_project.full_name_of_center   'Joint Center for Structural Genomics' 
_pdbx_SG_project.id                    1 
_pdbx_SG_project.initial_of_center     JCSG 
# 
loop_
_pdbx_struct_mod_residue.id 
_pdbx_struct_mod_residue.label_asym_id 
_pdbx_struct_mod_residue.label_comp_id 
_pdbx_struct_mod_residue.label_seq_id 
_pdbx_struct_mod_residue.auth_asym_id 
_pdbx_struct_mod_residue.auth_comp_id 
_pdbx_struct_mod_residue.auth_seq_id 
_pdbx_struct_mod_residue.PDB_ins_code 
_pdbx_struct_mod_residue.parent_comp_id 
_pdbx_struct_mod_residue.details 
1 A MSE 2   A MSE 1   ? MET SELENOMETHIONINE 
2 A MSE 8   A MSE 7   ? MET SELENOMETHIONINE 
3 A MSE 14  A MSE 13  ? MET SELENOMETHIONINE 
4 A MSE 46  A MSE 45  ? MET SELENOMETHIONINE 
5 A MSE 58  A MSE 57  ? MET SELENOMETHIONINE 
6 A MSE 65  A MSE 64  ? MET SELENOMETHIONINE 
7 A MSE 114 A MSE 113 ? MET SELENOMETHIONINE 
# 
loop_
_pdbx_struct_special_symmetry.id 
_pdbx_struct_special_symmetry.PDB_model_num 
_pdbx_struct_special_symmetry.auth_asym_id 
_pdbx_struct_special_symmetry.auth_comp_id 
_pdbx_struct_special_symmetry.auth_seq_id 
_pdbx_struct_special_symmetry.PDB_ins_code 
_pdbx_struct_special_symmetry.label_asym_id 
_pdbx_struct_special_symmetry.label_comp_id 
_pdbx_struct_special_symmetry.label_seq_id 
1 1 A HOH 162 ? E HOH . 
2 1 A HOH 169 ? E HOH . 
# 
_pdbx_refine_tls.id               1 
_pdbx_refine_tls.details          ? 
_pdbx_refine_tls.method           refined 
_pdbx_refine_tls.origin_x         0.2450 
_pdbx_refine_tls.origin_y         0.0405 
_pdbx_refine_tls.origin_z         0.0568 
_pdbx_refine_tls.T[1][1]          -0.1612 
_pdbx_refine_tls.T[2][2]          -0.0948 
_pdbx_refine_tls.T[3][3]          -0.1040 
_pdbx_refine_tls.T[1][2]          0.0112 
_pdbx_refine_tls.T[1][3]          0.0272 
_pdbx_refine_tls.T[2][3]          0.0525 
_pdbx_refine_tls.L[1][1]          2.7590 
_pdbx_refine_tls.L[2][2]          3.3726 
_pdbx_refine_tls.L[3][3]          2.5710 
_pdbx_refine_tls.L[1][2]          0.9024 
_pdbx_refine_tls.L[1][3]          0.4804 
_pdbx_refine_tls.L[2][3]          -0.1803 
_pdbx_refine_tls.S[1][1]          -0.0905 
_pdbx_refine_tls.S[2][2]          0.1230 
_pdbx_refine_tls.S[3][3]          -0.0325 
_pdbx_refine_tls.S[1][2]          0.3243 
_pdbx_refine_tls.S[1][3]          0.4042 
_pdbx_refine_tls.S[2][3]          0.4281 
_pdbx_refine_tls.S[2][1]          -0.1185 
_pdbx_refine_tls.S[3][1]          -0.4532 
_pdbx_refine_tls.S[3][2]          -0.1004 
_pdbx_refine_tls.pdbx_refine_id   'X-RAY DIFFRACTION' 
# 
loop_
_pdbx_refine_tls_group.id 
_pdbx_refine_tls_group.refine_tls_id 
_pdbx_refine_tls_group.beg_label_asym_id 
_pdbx_refine_tls_group.beg_label_seq_id 
_pdbx_refine_tls_group.end_label_asym_id 
_pdbx_refine_tls_group.end_label_seq_id 
_pdbx_refine_tls_group.selection 
_pdbx_refine_tls_group.beg_auth_asym_id 
_pdbx_refine_tls_group.beg_auth_seq_id 
_pdbx_refine_tls_group.end_auth_asym_id 
_pdbx_refine_tls_group.end_auth_seq_id 
_pdbx_refine_tls_group.pdbx_refine_id 
_pdbx_refine_tls_group.selection_details 
1 1 A 2   A 107 ALL A 1   A 106 'X-RAY DIFFRACTION' ? 
2 1 A 113 A 140 ALL A 112 A 139 'X-RAY DIFFRACTION' ? 
3 1 A 146 A 150 ALL A 145 A 149 'X-RAY DIFFRACTION' ? 
# 
_phasing.method   MAD 
# 
_pdbx_database_remark.id     999 
_pdbx_database_remark.text   
;SEQUENCE 
THE CONSTRUCT WAS EXPRESSED WITH A PURIFICATION TAG 
MGSDKIHHHHHHENLYFQG. THE TAG WAS REMOVED WITH TEV  
PROTEASE LEAVING ONLY A GLYCINE (0) FOLLOWED BY THE  
TARGET SEQUENCE. 

;
# 
loop_
_pdbx_unobs_or_zero_occ_residues.id 
_pdbx_unobs_or_zero_occ_residues.PDB_model_num 
_pdbx_unobs_or_zero_occ_residues.polymer_flag 
_pdbx_unobs_or_zero_occ_residues.occupancy_flag 
_pdbx_unobs_or_zero_occ_residues.auth_asym_id 
_pdbx_unobs_or_zero_occ_residues.auth_comp_id 
_pdbx_unobs_or_zero_occ_residues.auth_seq_id 
_pdbx_unobs_or_zero_occ_residues.PDB_ins_code 
_pdbx_unobs_or_zero_occ_residues.label_asym_id 
_pdbx_unobs_or_zero_occ_residues.label_comp_id 
_pdbx_unobs_or_zero_occ_residues.label_seq_id 
1  1 Y 1 A GLY 0   ? A GLY 1   
2  1 Y 1 A ASP 107 ? A ASP 108 
3  1 Y 1 A GLU 108 ? A GLU 109 
4  1 Y 1 A SER 109 ? A SER 110 
5  1 Y 1 A SER 110 ? A SER 111 
6  1 Y 1 A ASP 111 ? A ASP 112 
7  1 Y 1 A GLN 140 ? A GLN 141 
8  1 Y 1 A GLY 141 ? A GLY 142 
9  1 Y 1 A GLU 142 ? A GLU 143 
10 1 Y 1 A HIS 143 ? A HIS 144 
11 1 Y 1 A SER 144 ? A SER 145 
# 
loop_
_chem_comp_atom.comp_id 
_chem_comp_atom.atom_id 
_chem_comp_atom.type_symbol 
_chem_comp_atom.pdbx_aromatic_flag 
_chem_comp_atom.pdbx_stereo_config 
_chem_comp_atom.pdbx_ordinal 
ACT C    C  N N 1   
ACT O    O  N N 2   
ACT OXT  O  N N 3   
ACT CH3  C  N N 4   
ACT H1   H  N N 5   
ACT H2   H  N N 6   
ACT H3   H  N N 7   
ALA N    N  N N 8   
ALA CA   C  N S 9   
ALA C    C  N N 10  
ALA O    O  N N 11  
ALA CB   C  N N 12  
ALA OXT  O  N N 13  
ALA H    H  N N 14  
ALA H2   H  N N 15  
ALA HA   H  N N 16  
ALA HB1  H  N N 17  
ALA HB2  H  N N 18  
ALA HB3  H  N N 19  
ALA HXT  H  N N 20  
ARG N    N  N N 21  
ARG CA   C  N S 22  
ARG C    C  N N 23  
ARG O    O  N N 24  
ARG CB   C  N N 25  
ARG CG   C  N N 26  
ARG CD   C  N N 27  
ARG NE   N  N N 28  
ARG CZ   C  N N 29  
ARG NH1  N  N N 30  
ARG NH2  N  N N 31  
ARG OXT  O  N N 32  
ARG H    H  N N 33  
ARG H2   H  N N 34  
ARG HA   H  N N 35  
ARG HB2  H  N N 36  
ARG HB3  H  N N 37  
ARG HG2  H  N N 38  
ARG HG3  H  N N 39  
ARG HD2  H  N N 40  
ARG HD3  H  N N 41  
ARG HE   H  N N 42  
ARG HH11 H  N N 43  
ARG HH12 H  N N 44  
ARG HH21 H  N N 45  
ARG HH22 H  N N 46  
ARG HXT  H  N N 47  
ASN N    N  N N 48  
ASN CA   C  N S 49  
ASN C    C  N N 50  
ASN O    O  N N 51  
ASN CB   C  N N 52  
ASN CG   C  N N 53  
ASN OD1  O  N N 54  
ASN ND2  N  N N 55  
ASN OXT  O  N N 56  
ASN H    H  N N 57  
ASN H2   H  N N 58  
ASN HA   H  N N 59  
ASN HB2  H  N N 60  
ASN HB3  H  N N 61  
ASN HD21 H  N N 62  
ASN HD22 H  N N 63  
ASN HXT  H  N N 64  
ASP N    N  N N 65  
ASP CA   C  N S 66  
ASP C    C  N N 67  
ASP O    O  N N 68  
ASP CB   C  N N 69  
ASP CG   C  N N 70  
ASP OD1  O  N N 71  
ASP OD2  O  N N 72  
ASP OXT  O  N N 73  
ASP H    H  N N 74  
ASP H2   H  N N 75  
ASP HA   H  N N 76  
ASP HB2  H  N N 77  
ASP HB3  H  N N 78  
ASP HD2  H  N N 79  
ASP HXT  H  N N 80  
CL  CL   CL N N 81  
GLN N    N  N N 82  
GLN CA   C  N S 83  
GLN C    C  N N 84  
GLN O    O  N N 85  
GLN CB   C  N N 86  
GLN CG   C  N N 87  
GLN CD   C  N N 88  
GLN OE1  O  N N 89  
GLN NE2  N  N N 90  
GLN OXT  O  N N 91  
GLN H    H  N N 92  
GLN H2   H  N N 93  
GLN HA   H  N N 94  
GLN HB2  H  N N 95  
GLN HB3  H  N N 96  
GLN HG2  H  N N 97  
GLN HG3  H  N N 98  
GLN HE21 H  N N 99  
GLN HE22 H  N N 100 
GLN HXT  H  N N 101 
GLU N    N  N N 102 
GLU CA   C  N S 103 
GLU C    C  N N 104 
GLU O    O  N N 105 
GLU CB   C  N N 106 
GLU CG   C  N N 107 
GLU CD   C  N N 108 
GLU OE1  O  N N 109 
GLU OE2  O  N N 110 
GLU OXT  O  N N 111 
GLU H    H  N N 112 
GLU H2   H  N N 113 
GLU HA   H  N N 114 
GLU HB2  H  N N 115 
GLU HB3  H  N N 116 
GLU HG2  H  N N 117 
GLU HG3  H  N N 118 
GLU HE2  H  N N 119 
GLU HXT  H  N N 120 
GLY N    N  N N 121 
GLY CA   C  N N 122 
GLY C    C  N N 123 
GLY O    O  N N 124 
GLY OXT  O  N N 125 
GLY H    H  N N 126 
GLY H2   H  N N 127 
GLY HA2  H  N N 128 
GLY HA3  H  N N 129 
GLY HXT  H  N N 130 
HIS N    N  N N 131 
HIS CA   C  N S 132 
HIS C    C  N N 133 
HIS O    O  N N 134 
HIS CB   C  N N 135 
HIS CG   C  Y N 136 
HIS ND1  N  Y N 137 
HIS CD2  C  Y N 138 
HIS CE1  C  Y N 139 
HIS NE2  N  Y N 140 
HIS OXT  O  N N 141 
HIS H    H  N N 142 
HIS H2   H  N N 143 
HIS HA   H  N N 144 
HIS HB2  H  N N 145 
HIS HB3  H  N N 146 
HIS HD1  H  N N 147 
HIS HD2  H  N N 148 
HIS HE1  H  N N 149 
HIS HE2  H  N N 150 
HIS HXT  H  N N 151 
HOH O    O  N N 152 
HOH H1   H  N N 153 
HOH H2   H  N N 154 
ILE N    N  N N 155 
ILE CA   C  N S 156 
ILE C    C  N N 157 
ILE O    O  N N 158 
ILE CB   C  N S 159 
ILE CG1  C  N N 160 
ILE CG2  C  N N 161 
ILE CD1  C  N N 162 
ILE OXT  O  N N 163 
ILE H    H  N N 164 
ILE H2   H  N N 165 
ILE HA   H  N N 166 
ILE HB   H  N N 167 
ILE HG12 H  N N 168 
ILE HG13 H  N N 169 
ILE HG21 H  N N 170 
ILE HG22 H  N N 171 
ILE HG23 H  N N 172 
ILE HD11 H  N N 173 
ILE HD12 H  N N 174 
ILE HD13 H  N N 175 
ILE HXT  H  N N 176 
LEU N    N  N N 177 
LEU CA   C  N S 178 
LEU C    C  N N 179 
LEU O    O  N N 180 
LEU CB   C  N N 181 
LEU CG   C  N N 182 
LEU CD1  C  N N 183 
LEU CD2  C  N N 184 
LEU OXT  O  N N 185 
LEU H    H  N N 186 
LEU H2   H  N N 187 
LEU HA   H  N N 188 
LEU HB2  H  N N 189 
LEU HB3  H  N N 190 
LEU HG   H  N N 191 
LEU HD11 H  N N 192 
LEU HD12 H  N N 193 
LEU HD13 H  N N 194 
LEU HD21 H  N N 195 
LEU HD22 H  N N 196 
LEU HD23 H  N N 197 
LEU HXT  H  N N 198 
LYS N    N  N N 199 
LYS CA   C  N S 200 
LYS C    C  N N 201 
LYS O    O  N N 202 
LYS CB   C  N N 203 
LYS CG   C  N N 204 
LYS CD   C  N N 205 
LYS CE   C  N N 206 
LYS NZ   N  N N 207 
LYS OXT  O  N N 208 
LYS H    H  N N 209 
LYS H2   H  N N 210 
LYS HA   H  N N 211 
LYS HB2  H  N N 212 
LYS HB3  H  N N 213 
LYS HG2  H  N N 214 
LYS HG3  H  N N 215 
LYS HD2  H  N N 216 
LYS HD3  H  N N 217 
LYS HE2  H  N N 218 
LYS HE3  H  N N 219 
LYS HZ1  H  N N 220 
LYS HZ2  H  N N 221 
LYS HZ3  H  N N 222 
LYS HXT  H  N N 223 
MET N    N  N N 224 
MET CA   C  N S 225 
MET C    C  N N 226 
MET O    O  N N 227 
MET CB   C  N N 228 
MET CG   C  N N 229 
MET SD   S  N N 230 
MET CE   C  N N 231 
MET OXT  O  N N 232 
MET H    H  N N 233 
MET H2   H  N N 234 
MET HA   H  N N 235 
MET HB2  H  N N 236 
MET HB3  H  N N 237 
MET HG2  H  N N 238 
MET HG3  H  N N 239 
MET HE1  H  N N 240 
MET HE2  H  N N 241 
MET HE3  H  N N 242 
MET HXT  H  N N 243 
MSE N    N  N N 244 
MSE CA   C  N S 245 
MSE C    C  N N 246 
MSE O    O  N N 247 
MSE OXT  O  N N 248 
MSE CB   C  N N 249 
MSE CG   C  N N 250 
MSE SE   SE N N 251 
MSE CE   C  N N 252 
MSE H    H  N N 253 
MSE H2   H  N N 254 
MSE HA   H  N N 255 
MSE HXT  H  N N 256 
MSE HB2  H  N N 257 
MSE HB3  H  N N 258 
MSE HG2  H  N N 259 
MSE HG3  H  N N 260 
MSE HE1  H  N N 261 
MSE HE2  H  N N 262 
MSE HE3  H  N N 263 
PHE N    N  N N 264 
PHE CA   C  N S 265 
PHE C    C  N N 266 
PHE O    O  N N 267 
PHE CB   C  N N 268 
PHE CG   C  Y N 269 
PHE CD1  C  Y N 270 
PHE CD2  C  Y N 271 
PHE CE1  C  Y N 272 
PHE CE2  C  Y N 273 
PHE CZ   C  Y N 274 
PHE OXT  O  N N 275 
PHE H    H  N N 276 
PHE H2   H  N N 277 
PHE HA   H  N N 278 
PHE HB2  H  N N 279 
PHE HB3  H  N N 280 
PHE HD1  H  N N 281 
PHE HD2  H  N N 282 
PHE HE1  H  N N 283 
PHE HE2  H  N N 284 
PHE HZ   H  N N 285 
PHE HXT  H  N N 286 
PO4 P    P  N N 287 
PO4 O1   O  N N 288 
PO4 O2   O  N N 289 
PO4 O3   O  N N 290 
PO4 O4   O  N N 291 
PRO N    N  N N 292 
PRO CA   C  N S 293 
PRO C    C  N N 294 
PRO O    O  N N 295 
PRO CB   C  N N 296 
PRO CG   C  N N 297 
PRO CD   C  N N 298 
PRO OXT  O  N N 299 
PRO H    H  N N 300 
PRO HA   H  N N 301 
PRO HB2  H  N N 302 
PRO HB3  H  N N 303 
PRO HG2  H  N N 304 
PRO HG3  H  N N 305 
PRO HD2  H  N N 306 
PRO HD3  H  N N 307 
PRO HXT  H  N N 308 
SER N    N  N N 309 
SER CA   C  N S 310 
SER C    C  N N 311 
SER O    O  N N 312 
SER CB   C  N N 313 
SER OG   O  N N 314 
SER OXT  O  N N 315 
SER H    H  N N 316 
SER H2   H  N N 317 
SER HA   H  N N 318 
SER HB2  H  N N 319 
SER HB3  H  N N 320 
SER HG   H  N N 321 
SER HXT  H  N N 322 
THR N    N  N N 323 
THR CA   C  N S 324 
THR C    C  N N 325 
THR O    O  N N 326 
THR CB   C  N R 327 
THR OG1  O  N N 328 
THR CG2  C  N N 329 
THR OXT  O  N N 330 
THR H    H  N N 331 
THR H2   H  N N 332 
THR HA   H  N N 333 
THR HB   H  N N 334 
THR HG1  H  N N 335 
THR HG21 H  N N 336 
THR HG22 H  N N 337 
THR HG23 H  N N 338 
THR HXT  H  N N 339 
TYR N    N  N N 340 
TYR CA   C  N S 341 
TYR C    C  N N 342 
TYR O    O  N N 343 
TYR CB   C  N N 344 
TYR CG   C  Y N 345 
TYR CD1  C  Y N 346 
TYR CD2  C  Y N 347 
TYR CE1  C  Y N 348 
TYR CE2  C  Y N 349 
TYR CZ   C  Y N 350 
TYR OH   O  N N 351 
TYR OXT  O  N N 352 
TYR H    H  N N 353 
TYR H2   H  N N 354 
TYR HA   H  N N 355 
TYR HB2  H  N N 356 
TYR HB3  H  N N 357 
TYR HD1  H  N N 358 
TYR HD2  H  N N 359 
TYR HE1  H  N N 360 
TYR HE2  H  N N 361 
TYR HH   H  N N 362 
TYR HXT  H  N N 363 
VAL N    N  N N 364 
VAL CA   C  N S 365 
VAL C    C  N N 366 
VAL O    O  N N 367 
VAL CB   C  N N 368 
VAL CG1  C  N N 369 
VAL CG2  C  N N 370 
VAL OXT  O  N N 371 
VAL H    H  N N 372 
VAL H2   H  N N 373 
VAL HA   H  N N 374 
VAL HB   H  N N 375 
VAL HG11 H  N N 376 
VAL HG12 H  N N 377 
VAL HG13 H  N N 378 
VAL HG21 H  N N 379 
VAL HG22 H  N N 380 
VAL HG23 H  N N 381 
VAL HXT  H  N N 382 
# 
loop_
_chem_comp_bond.comp_id 
_chem_comp_bond.atom_id_1 
_chem_comp_bond.atom_id_2 
_chem_comp_bond.value_order 
_chem_comp_bond.pdbx_aromatic_flag 
_chem_comp_bond.pdbx_stereo_config 
_chem_comp_bond.pdbx_ordinal 
ACT C   O    doub N N 1   
ACT C   OXT  sing N N 2   
ACT C   CH3  sing N N 3   
ACT CH3 H1   sing N N 4   
ACT CH3 H2   sing N N 5   
ACT CH3 H3   sing N N 6   
ALA N   CA   sing N N 7   
ALA N   H    sing N N 8   
ALA N   H2   sing N N 9   
ALA CA  C    sing N N 10  
ALA CA  CB   sing N N 11  
ALA CA  HA   sing N N 12  
ALA C   O    doub N N 13  
ALA C   OXT  sing N N 14  
ALA CB  HB1  sing N N 15  
ALA CB  HB2  sing N N 16  
ALA CB  HB3  sing N N 17  
ALA OXT HXT  sing N N 18  
ARG N   CA   sing N N 19  
ARG N   H    sing N N 20  
ARG N   H2   sing N N 21  
ARG CA  C    sing N N 22  
ARG CA  CB   sing N N 23  
ARG CA  HA   sing N N 24  
ARG C   O    doub N N 25  
ARG C   OXT  sing N N 26  
ARG CB  CG   sing N N 27  
ARG CB  HB2  sing N N 28  
ARG CB  HB3  sing N N 29  
ARG CG  CD   sing N N 30  
ARG CG  HG2  sing N N 31  
ARG CG  HG3  sing N N 32  
ARG CD  NE   sing N N 33  
ARG CD  HD2  sing N N 34  
ARG CD  HD3  sing N N 35  
ARG NE  CZ   sing N N 36  
ARG NE  HE   sing N N 37  
ARG CZ  NH1  sing N N 38  
ARG CZ  NH2  doub N N 39  
ARG NH1 HH11 sing N N 40  
ARG NH1 HH12 sing N N 41  
ARG NH2 HH21 sing N N 42  
ARG NH2 HH22 sing N N 43  
ARG OXT HXT  sing N N 44  
ASN N   CA   sing N N 45  
ASN N   H    sing N N 46  
ASN N   H2   sing N N 47  
ASN CA  C    sing N N 48  
ASN CA  CB   sing N N 49  
ASN CA  HA   sing N N 50  
ASN C   O    doub N N 51  
ASN C   OXT  sing N N 52  
ASN CB  CG   sing N N 53  
ASN CB  HB2  sing N N 54  
ASN CB  HB3  sing N N 55  
ASN CG  OD1  doub N N 56  
ASN CG  ND2  sing N N 57  
ASN ND2 HD21 sing N N 58  
ASN ND2 HD22 sing N N 59  
ASN OXT HXT  sing N N 60  
ASP N   CA   sing N N 61  
ASP N   H    sing N N 62  
ASP N   H2   sing N N 63  
ASP CA  C    sing N N 64  
ASP CA  CB   sing N N 65  
ASP CA  HA   sing N N 66  
ASP C   O    doub N N 67  
ASP C   OXT  sing N N 68  
ASP CB  CG   sing N N 69  
ASP CB  HB2  sing N N 70  
ASP CB  HB3  sing N N 71  
ASP CG  OD1  doub N N 72  
ASP CG  OD2  sing N N 73  
ASP OD2 HD2  sing N N 74  
ASP OXT HXT  sing N N 75  
GLN N   CA   sing N N 76  
GLN N   H    sing N N 77  
GLN N   H2   sing N N 78  
GLN CA  C    sing N N 79  
GLN CA  CB   sing N N 80  
GLN CA  HA   sing N N 81  
GLN C   O    doub N N 82  
GLN C   OXT  sing N N 83  
GLN CB  CG   sing N N 84  
GLN CB  HB2  sing N N 85  
GLN CB  HB3  sing N N 86  
GLN CG  CD   sing N N 87  
GLN CG  HG2  sing N N 88  
GLN CG  HG3  sing N N 89  
GLN CD  OE1  doub N N 90  
GLN CD  NE2  sing N N 91  
GLN NE2 HE21 sing N N 92  
GLN NE2 HE22 sing N N 93  
GLN OXT HXT  sing N N 94  
GLU N   CA   sing N N 95  
GLU N   H    sing N N 96  
GLU N   H2   sing N N 97  
GLU CA  C    sing N N 98  
GLU CA  CB   sing N N 99  
GLU CA  HA   sing N N 100 
GLU C   O    doub N N 101 
GLU C   OXT  sing N N 102 
GLU CB  CG   sing N N 103 
GLU CB  HB2  sing N N 104 
GLU CB  HB3  sing N N 105 
GLU CG  CD   sing N N 106 
GLU CG  HG2  sing N N 107 
GLU CG  HG3  sing N N 108 
GLU CD  OE1  doub N N 109 
GLU CD  OE2  sing N N 110 
GLU OE2 HE2  sing N N 111 
GLU OXT HXT  sing N N 112 
GLY N   CA   sing N N 113 
GLY N   H    sing N N 114 
GLY N   H2   sing N N 115 
GLY CA  C    sing N N 116 
GLY CA  HA2  sing N N 117 
GLY CA  HA3  sing N N 118 
GLY C   O    doub N N 119 
GLY C   OXT  sing N N 120 
GLY OXT HXT  sing N N 121 
HIS N   CA   sing N N 122 
HIS N   H    sing N N 123 
HIS N   H2   sing N N 124 
HIS CA  C    sing N N 125 
HIS CA  CB   sing N N 126 
HIS CA  HA   sing N N 127 
HIS C   O    doub N N 128 
HIS C   OXT  sing N N 129 
HIS CB  CG   sing N N 130 
HIS CB  HB2  sing N N 131 
HIS CB  HB3  sing N N 132 
HIS CG  ND1  sing Y N 133 
HIS CG  CD2  doub Y N 134 
HIS ND1 CE1  doub Y N 135 
HIS ND1 HD1  sing N N 136 
HIS CD2 NE2  sing Y N 137 
HIS CD2 HD2  sing N N 138 
HIS CE1 NE2  sing Y N 139 
HIS CE1 HE1  sing N N 140 
HIS NE2 HE2  sing N N 141 
HIS OXT HXT  sing N N 142 
HOH O   H1   sing N N 143 
HOH O   H2   sing N N 144 
ILE N   CA   sing N N 145 
ILE N   H    sing N N 146 
ILE N   H2   sing N N 147 
ILE CA  C    sing N N 148 
ILE CA  CB   sing N N 149 
ILE CA  HA   sing N N 150 
ILE C   O    doub N N 151 
ILE C   OXT  sing N N 152 
ILE CB  CG1  sing N N 153 
ILE CB  CG2  sing N N 154 
ILE CB  HB   sing N N 155 
ILE CG1 CD1  sing N N 156 
ILE CG1 HG12 sing N N 157 
ILE CG1 HG13 sing N N 158 
ILE CG2 HG21 sing N N 159 
ILE CG2 HG22 sing N N 160 
ILE CG2 HG23 sing N N 161 
ILE CD1 HD11 sing N N 162 
ILE CD1 HD12 sing N N 163 
ILE CD1 HD13 sing N N 164 
ILE OXT HXT  sing N N 165 
LEU N   CA   sing N N 166 
LEU N   H    sing N N 167 
LEU N   H2   sing N N 168 
LEU CA  C    sing N N 169 
LEU CA  CB   sing N N 170 
LEU CA  HA   sing N N 171 
LEU C   O    doub N N 172 
LEU C   OXT  sing N N 173 
LEU CB  CG   sing N N 174 
LEU CB  HB2  sing N N 175 
LEU CB  HB3  sing N N 176 
LEU CG  CD1  sing N N 177 
LEU CG  CD2  sing N N 178 
LEU CG  HG   sing N N 179 
LEU CD1 HD11 sing N N 180 
LEU CD1 HD12 sing N N 181 
LEU CD1 HD13 sing N N 182 
LEU CD2 HD21 sing N N 183 
LEU CD2 HD22 sing N N 184 
LEU CD2 HD23 sing N N 185 
LEU OXT HXT  sing N N 186 
LYS N   CA   sing N N 187 
LYS N   H    sing N N 188 
LYS N   H2   sing N N 189 
LYS CA  C    sing N N 190 
LYS CA  CB   sing N N 191 
LYS CA  HA   sing N N 192 
LYS C   O    doub N N 193 
LYS C   OXT  sing N N 194 
LYS CB  CG   sing N N 195 
LYS CB  HB2  sing N N 196 
LYS CB  HB3  sing N N 197 
LYS CG  CD   sing N N 198 
LYS CG  HG2  sing N N 199 
LYS CG  HG3  sing N N 200 
LYS CD  CE   sing N N 201 
LYS CD  HD2  sing N N 202 
LYS CD  HD3  sing N N 203 
LYS CE  NZ   sing N N 204 
LYS CE  HE2  sing N N 205 
LYS CE  HE3  sing N N 206 
LYS NZ  HZ1  sing N N 207 
LYS NZ  HZ2  sing N N 208 
LYS NZ  HZ3  sing N N 209 
LYS OXT HXT  sing N N 210 
MET N   CA   sing N N 211 
MET N   H    sing N N 212 
MET N   H2   sing N N 213 
MET CA  C    sing N N 214 
MET CA  CB   sing N N 215 
MET CA  HA   sing N N 216 
MET C   O    doub N N 217 
MET C   OXT  sing N N 218 
MET CB  CG   sing N N 219 
MET CB  HB2  sing N N 220 
MET CB  HB3  sing N N 221 
MET CG  SD   sing N N 222 
MET CG  HG2  sing N N 223 
MET CG  HG3  sing N N 224 
MET SD  CE   sing N N 225 
MET CE  HE1  sing N N 226 
MET CE  HE2  sing N N 227 
MET CE  HE3  sing N N 228 
MET OXT HXT  sing N N 229 
MSE N   CA   sing N N 230 
MSE N   H    sing N N 231 
MSE N   H2   sing N N 232 
MSE CA  C    sing N N 233 
MSE CA  CB   sing N N 234 
MSE CA  HA   sing N N 235 
MSE C   O    doub N N 236 
MSE C   OXT  sing N N 237 
MSE OXT HXT  sing N N 238 
MSE CB  CG   sing N N 239 
MSE CB  HB2  sing N N 240 
MSE CB  HB3  sing N N 241 
MSE CG  SE   sing N N 242 
MSE CG  HG2  sing N N 243 
MSE CG  HG3  sing N N 244 
MSE SE  CE   sing N N 245 
MSE CE  HE1  sing N N 246 
MSE CE  HE2  sing N N 247 
MSE CE  HE3  sing N N 248 
PHE N   CA   sing N N 249 
PHE N   H    sing N N 250 
PHE N   H2   sing N N 251 
PHE CA  C    sing N N 252 
PHE CA  CB   sing N N 253 
PHE CA  HA   sing N N 254 
PHE C   O    doub N N 255 
PHE C   OXT  sing N N 256 
PHE CB  CG   sing N N 257 
PHE CB  HB2  sing N N 258 
PHE CB  HB3  sing N N 259 
PHE CG  CD1  doub Y N 260 
PHE CG  CD2  sing Y N 261 
PHE CD1 CE1  sing Y N 262 
PHE CD1 HD1  sing N N 263 
PHE CD2 CE2  doub Y N 264 
PHE CD2 HD2  sing N N 265 
PHE CE1 CZ   doub Y N 266 
PHE CE1 HE1  sing N N 267 
PHE CE2 CZ   sing Y N 268 
PHE CE2 HE2  sing N N 269 
PHE CZ  HZ   sing N N 270 
PHE OXT HXT  sing N N 271 
PO4 P   O1   doub N N 272 
PO4 P   O2   sing N N 273 
PO4 P   O3   sing N N 274 
PO4 P   O4   sing N N 275 
PRO N   CA   sing N N 276 
PRO N   CD   sing N N 277 
PRO N   H    sing N N 278 
PRO CA  C    sing N N 279 
PRO CA  CB   sing N N 280 
PRO CA  HA   sing N N 281 
PRO C   O    doub N N 282 
PRO C   OXT  sing N N 283 
PRO CB  CG   sing N N 284 
PRO CB  HB2  sing N N 285 
PRO CB  HB3  sing N N 286 
PRO CG  CD   sing N N 287 
PRO CG  HG2  sing N N 288 
PRO CG  HG3  sing N N 289 
PRO CD  HD2  sing N N 290 
PRO CD  HD3  sing N N 291 
PRO OXT HXT  sing N N 292 
SER N   CA   sing N N 293 
SER N   H    sing N N 294 
SER N   H2   sing N N 295 
SER CA  C    sing N N 296 
SER CA  CB   sing N N 297 
SER CA  HA   sing N N 298 
SER C   O    doub N N 299 
SER C   OXT  sing N N 300 
SER CB  OG   sing N N 301 
SER CB  HB2  sing N N 302 
SER CB  HB3  sing N N 303 
SER OG  HG   sing N N 304 
SER OXT HXT  sing N N 305 
THR N   CA   sing N N 306 
THR N   H    sing N N 307 
THR N   H2   sing N N 308 
THR CA  C    sing N N 309 
THR CA  CB   sing N N 310 
THR CA  HA   sing N N 311 
THR C   O    doub N N 312 
THR C   OXT  sing N N 313 
THR CB  OG1  sing N N 314 
THR CB  CG2  sing N N 315 
THR CB  HB   sing N N 316 
THR OG1 HG1  sing N N 317 
THR CG2 HG21 sing N N 318 
THR CG2 HG22 sing N N 319 
THR CG2 HG23 sing N N 320 
THR OXT HXT  sing N N 321 
TYR N   CA   sing N N 322 
TYR N   H    sing N N 323 
TYR N   H2   sing N N 324 
TYR CA  C    sing N N 325 
TYR CA  CB   sing N N 326 
TYR CA  HA   sing N N 327 
TYR C   O    doub N N 328 
TYR C   OXT  sing N N 329 
TYR CB  CG   sing N N 330 
TYR CB  HB2  sing N N 331 
TYR CB  HB3  sing N N 332 
TYR CG  CD1  doub Y N 333 
TYR CG  CD2  sing Y N 334 
TYR CD1 CE1  sing Y N 335 
TYR CD1 HD1  sing N N 336 
TYR CD2 CE2  doub Y N 337 
TYR CD2 HD2  sing N N 338 
TYR CE1 CZ   doub Y N 339 
TYR CE1 HE1  sing N N 340 
TYR CE2 CZ   sing Y N 341 
TYR CE2 HE2  sing N N 342 
TYR CZ  OH   sing N N 343 
TYR OH  HH   sing N N 344 
TYR OXT HXT  sing N N 345 
VAL N   CA   sing N N 346 
VAL N   H    sing N N 347 
VAL N   H2   sing N N 348 
VAL CA  C    sing N N 349 
VAL CA  CB   sing N N 350 
VAL CA  HA   sing N N 351 
VAL C   O    doub N N 352 
VAL C   OXT  sing N N 353 
VAL CB  CG1  sing N N 354 
VAL CB  CG2  sing N N 355 
VAL CB  HB   sing N N 356 
VAL CG1 HG11 sing N N 357 
VAL CG1 HG12 sing N N 358 
VAL CG1 HG13 sing N N 359 
VAL CG2 HG21 sing N N 360 
VAL CG2 HG22 sing N N 361 
VAL CG2 HG23 sing N N 362 
VAL OXT HXT  sing N N 363 
# 
_atom_sites.entry_id                    2HHZ 
_atom_sites.fract_transf_matrix[1][1]   0.00656387 
_atom_sites.fract_transf_matrix[1][2]   -0.00992433 
_atom_sites.fract_transf_matrix[1][3]   0.00754661 
_atom_sites.fract_transf_matrix[2][1]   0.01008228 
_atom_sites.fract_transf_matrix[2][2]   0.00924222 
_atom_sites.fract_transf_matrix[2][3]   0.00338483 
_atom_sites.fract_transf_matrix[3][1]   -0.00891145 
_atom_sites.fract_transf_matrix[3][2]   0.00464542 
_atom_sites.fract_transf_matrix[3][3]   0.01386003 
_atom_sites.fract_transf_vector[1]      0.269388 
_atom_sites.fract_transf_vector[2]      0.504000 
_atom_sites.fract_transf_vector[3]      0.441180 
# 
loop_
_atom_type.symbol 
C  
CL 
N  
O  
P  
SE 
# 
loop_
_atom_site.group_PDB 
_atom_site.id 
_atom_site.type_symbol 
_atom_site.label_atom_id 
_atom_site.label_alt_id 
_atom_site.label_comp_id 
_atom_site.label_asym_id 
_atom_site.label_entity_id 
_atom_site.label_seq_id 
_atom_site.pdbx_PDB_ins_code 
_atom_site.Cartn_x 
_atom_site.Cartn_y 
_atom_site.Cartn_z 
_atom_site.occupancy 
_atom_site.B_iso_or_equiv 
_atom_site.pdbx_formal_charge 
_atom_site.auth_seq_id 
_atom_site.auth_comp_id 
_atom_site.auth_asym_id 
_atom_site.auth_atom_id 
_atom_site.pdbx_PDB_model_num 
HETATM 1    N  N   . MSE A 1 2   ? 3.866   -3.539  -19.661 1.00 91.17  ? 1   MSE A N   1 
HETATM 2    C  CA  . MSE A 1 2   ? 3.167   -3.059  -18.427 1.00 92.18  ? 1   MSE A CA  1 
HETATM 3    C  C   . MSE A 1 2   ? 4.170   -2.417  -17.453 1.00 86.08  ? 1   MSE A C   1 
HETATM 4    O  O   . MSE A 1 2   ? 5.328   -2.833  -17.374 1.00 86.02  ? 1   MSE A O   1 
HETATM 5    C  CB  . MSE A 1 2   ? 2.381   -4.197  -17.752 1.00 91.31  ? 1   MSE A CB  1 
HETATM 6    C  CG  . MSE A 1 2   ? 1.650   -3.771  -16.454 1.00 92.74  ? 1   MSE A CG  1 
HETATM 7    SE SE  . MSE A 1 2   ? -0.209  -4.430  -16.186 0.75 106.53 ? 1   MSE A SE  1 
HETATM 8    C  CE  . MSE A 1 2   ? -1.010  -4.000  -17.972 1.00 101.39 ? 1   MSE A CE  1 
ATOM   9    N  N   . GLU A 1 3   ? 3.723   -1.389  -16.736 1.00 79.35  ? 2   GLU A N   1 
ATOM   10   C  CA  . GLU A 1 3   ? 4.608   -0.611  -15.888 1.00 75.99  ? 2   GLU A CA  1 
ATOM   11   C  C   . GLU A 1 3   ? 3.998   -0.381  -14.511 1.00 69.76  ? 2   GLU A C   1 
ATOM   12   O  O   . GLU A 1 3   ? 2.835   -0.715  -14.267 1.00 66.20  ? 2   GLU A O   1 
ATOM   13   C  CB  . GLU A 1 3   ? 4.985   0.717   -16.564 1.00 76.09  ? 2   GLU A CB  1 
ATOM   14   C  CG  . GLU A 1 3   ? 3.808   1.602   -16.941 1.00 77.68  ? 2   GLU A CG  1 
ATOM   15   C  CD  . GLU A 1 3   ? 4.212   2.776   -17.837 1.00 79.99  ? 2   GLU A CD  1 
ATOM   16   O  OE1 . GLU A 1 3   ? 5.334   3.319   -17.648 1.00 78.45  ? 2   GLU A OE1 1 
ATOM   17   O  OE2 . GLU A 1 3   ? 3.400   3.147   -18.729 1.00 84.03  ? 2   GLU A OE2 1 
ATOM   18   N  N   . LEU A 1 4   ? 4.805   0.175   -13.616 1.00 63.46  ? 3   LEU A N   1 
ATOM   19   C  CA  . LEU A 1 4   ? 4.420   0.307   -12.225 1.00 61.56  ? 3   LEU A CA  1 
ATOM   20   C  C   . LEU A 1 4   ? 3.226   1.214   -12.035 1.00 59.88  ? 3   LEU A C   1 
ATOM   21   O  O   . LEU A 1 4   ? 2.386   0.905   -11.198 1.00 58.11  ? 3   LEU A O   1 
ATOM   22   C  CB  . LEU A 1 4   ? 5.592   0.777   -11.368 1.00 60.76  ? 3   LEU A CB  1 
ATOM   23   C  CG  . LEU A 1 4   ? 5.354   0.813   -9.854  1.00 62.29  ? 3   LEU A CG  1 
ATOM   24   C  CD1 . LEU A 1 4   ? 5.342   -0.580  -9.282  1.00 59.78  ? 3   LEU A CD1 1 
ATOM   25   C  CD2 . LEU A 1 4   ? 6.423   1.669   -9.162  1.00 63.70  ? 3   LEU A CD2 1 
ATOM   26   N  N   . LYS A 1 5   ? 3.156   2.308   -12.800 1.00 58.33  ? 4   LYS A N   1 
ATOM   27   C  CA  . LYS A 1 5   ? 2.026   3.268   -12.743 1.00 60.60  ? 4   LYS A CA  1 
ATOM   28   C  C   . LYS A 1 5   ? 0.723   2.510   -12.837 1.00 57.56  ? 4   LYS A C   1 
ATOM   29   O  O   . LYS A 1 5   ? -0.230  2.794   -12.126 1.00 56.11  ? 4   LYS A O   1 
ATOM   30   C  CB  . LYS A 1 5   ? 2.034   4.291   -13.912 1.00 61.65  ? 4   LYS A CB  1 
ATOM   31   C  CG  . LYS A 1 5   ? 3.264   5.222   -14.048 1.00 66.85  ? 4   LYS A CG  1 
ATOM   32   N  N   . ASP A 1 6   ? 0.700   1.540   -13.736 1.00 56.40  ? 5   ASP A N   1 
ATOM   33   C  CA  . ASP A 1 6   ? -0.507  0.781   -14.014 1.00 56.75  ? 5   ASP A CA  1 
ATOM   34   C  C   . ASP A 1 6   ? -0.812  -0.242  -12.931 1.00 53.52  ? 5   ASP A C   1 
ATOM   35   O  O   . ASP A 1 6   ? -1.959  -0.366  -12.492 1.00 52.44  ? 5   ASP A O   1 
ATOM   36   C  CB  . ASP A 1 6   ? -0.387  0.112   -15.373 1.00 58.69  ? 5   ASP A CB  1 
ATOM   37   C  CG  . ASP A 1 6   ? -0.094  1.113   -16.472 1.00 65.32  ? 5   ASP A CG  1 
ATOM   38   O  OD1 . ASP A 1 6   ? 1.059   1.598   -16.535 1.00 77.84  ? 5   ASP A OD1 1 
ATOM   39   O  OD2 . ASP A 1 6   ? -1.015  1.430   -17.245 1.00 62.79  ? 5   ASP A OD2 1 
ATOM   40   N  N   . ILE A 1 7   ? 0.209   -0.955  -12.474 1.00 50.04  ? 6   ILE A N   1 
ATOM   41   C  CA  . ILE A 1 7   ? 0.008   -1.884  -11.373 1.00 48.49  ? 6   ILE A CA  1 
ATOM   42   C  C   . ILE A 1 7   ? -0.546  -1.116  -10.180 1.00 47.63  ? 6   ILE A C   1 
ATOM   43   O  O   . ILE A 1 7   ? -1.490  -1.541  -9.554  1.00 48.30  ? 6   ILE A O   1 
ATOM   44   C  CB  . ILE A 1 7   ? 1.298   -2.658  -11.020 1.00 49.30  ? 6   ILE A CB  1 
ATOM   45   C  CG1 . ILE A 1 7   ? 1.697   -3.598  -12.165 1.00 49.64  ? 6   ILE A CG1 1 
ATOM   46   C  CG2 . ILE A 1 7   ? 1.131   -3.516  -9.709  1.00 45.07  ? 6   ILE A CG2 1 
ATOM   47   C  CD1 . ILE A 1 7   ? 2.912   -4.466  -11.820 1.00 52.62  ? 6   ILE A CD1 1 
HETATM 48   N  N   . MSE A 1 8   ? 0.008   0.048   -9.894  1.00 48.03  ? 7   MSE A N   1 
HETATM 49   C  CA  . MSE A 1 8   ? -0.368  0.760   -8.692  1.00 47.64  ? 7   MSE A CA  1 
HETATM 50   C  C   . MSE A 1 8   ? -1.746  1.350   -8.870  1.00 49.02  ? 7   MSE A C   1 
HETATM 51   O  O   . MSE A 1 8   ? -2.494  1.509   -7.906  1.00 51.90  ? 7   MSE A O   1 
HETATM 52   C  CB  . MSE A 1 8   ? 0.646   1.838   -8.380  1.00 48.08  ? 7   MSE A CB  1 
HETATM 53   C  CG  . MSE A 1 8   ? 2.005   1.269   -8.040  1.00 49.14  ? 7   MSE A CG  1 
HETATM 54   SE SE  . MSE A 1 8   ? 2.124   0.447   -6.318  0.75 53.31  ? 7   MSE A SE  1 
HETATM 55   C  CE  . MSE A 1 8   ? 1.922   -1.423  -6.894  1.00 56.18  ? 7   MSE A CE  1 
ATOM   56   N  N   . HIS A 1 9   ? -2.125  1.646   -10.096 1.00 47.93  ? 8   HIS A N   1 
ATOM   57   C  CA  . HIS A 1 9   ? -3.470  2.138   -10.308 1.00 49.78  ? 8   HIS A CA  1 
ATOM   58   C  C   . HIS A 1 9   ? -4.494  1.032   -9.997  1.00 48.37  ? 8   HIS A C   1 
ATOM   59   O  O   . HIS A 1 9   ? -5.530  1.280   -9.379  1.00 47.32  ? 8   HIS A O   1 
ATOM   60   C  CB  . HIS A 1 9   ? -3.643  2.659   -11.728 1.00 50.55  ? 8   HIS A CB  1 
ATOM   61   C  CG  . HIS A 1 9   ? -4.973  3.280   -11.955 1.00 57.09  ? 8   HIS A CG  1 
ATOM   62   N  ND1 . HIS A 1 9   ? -5.563  4.113   -11.026 1.00 64.06  ? 8   HIS A ND1 1 
ATOM   63   C  CD2 . HIS A 1 9   ? -5.858  3.154   -12.973 1.00 66.22  ? 8   HIS A CD2 1 
ATOM   64   C  CE1 . HIS A 1 9   ? -6.742  4.499   -11.479 1.00 70.95  ? 8   HIS A CE1 1 
ATOM   65   N  NE2 . HIS A 1 9   ? -6.945  3.930   -12.658 1.00 70.15  ? 8   HIS A NE2 1 
ATOM   66   N  N   . ILE A 1 10  ? -4.167  -0.183  -10.419 1.00 48.50  ? 9   ILE A N   1 
ATOM   67   C  CA  . ILE A 1 10  ? -4.979  -1.363  -10.149 1.00 48.35  ? 9   ILE A CA  1 
ATOM   68   C  C   . ILE A 1 10  ? -5.125  -1.577  -8.666  1.00 47.23  ? 9   ILE A C   1 
ATOM   69   O  O   . ILE A 1 10  ? -6.219  -1.790  -8.170  1.00 47.38  ? 9   ILE A O   1 
ATOM   70   C  CB  . ILE A 1 10  ? -4.358  -2.626  -10.809 1.00 51.33  ? 9   ILE A CB  1 
ATOM   71   C  CG1 . ILE A 1 10  ? -4.523  -2.568  -12.352 1.00 54.76  ? 9   ILE A CG1 1 
ATOM   72   C  CG2 . ILE A 1 10  ? -5.009  -3.882  -10.278 1.00 45.79  ? 9   ILE A CG2 1 
ATOM   73   C  CD1 . ILE A 1 10  ? -3.818  -3.712  -13.120 1.00 50.83  ? 9   ILE A CD1 1 
ATOM   74   N  N   . LEU A 1 11  ? -4.010  -1.487  -7.952  1.00 48.32  ? 10  LEU A N   1 
ATOM   75   C  CA  . LEU A 1 11  ? -4.004  -1.656  -6.514  1.00 48.23  ? 10  LEU A CA  1 
ATOM   76   C  C   . LEU A 1 11  ? -4.852  -0.628  -5.825  1.00 48.69  ? 10  LEU A C   1 
ATOM   77   O  O   . LEU A 1 11  ? -5.671  -0.962  -4.981  1.00 51.94  ? 10  LEU A O   1 
ATOM   78   C  CB  . LEU A 1 11  ? -2.570  -1.559  -6.001  1.00 52.72  ? 10  LEU A CB  1 
ATOM   79   C  CG  . LEU A 1 11  ? -2.389  -1.561  -4.499  1.00 51.78  ? 10  LEU A CG  1 
ATOM   80   C  CD1 . LEU A 1 11  ? -3.067  -2.796  -3.885  1.00 55.74  ? 10  LEU A CD1 1 
ATOM   81   C  CD2 . LEU A 1 11  ? -0.936  -1.476  -4.180  1.00 46.18  ? 10  LEU A CD2 1 
ATOM   82   N  N   . GLU A 1 12  ? -4.672  0.625   -6.203  1.00 49.07  ? 11  GLU A N   1 
ATOM   83   C  CA  . GLU A 1 12  ? -5.462  1.703   -5.656  1.00 49.52  ? 11  GLU A CA  1 
ATOM   84   C  C   . GLU A 1 12  ? -6.949  1.430   -5.817  1.00 50.59  ? 11  GLU A C   1 
ATOM   85   O  O   . GLU A 1 12  ? -7.747  1.709   -4.902  1.00 51.40  ? 11  GLU A O   1 
ATOM   86   C  CB  . GLU A 1 12  ? -5.099  3.026   -6.342  1.00 50.01  ? 11  GLU A CB  1 
ATOM   87   C  CG  . GLU A 1 12  ? -5.715  4.246   -5.674  1.00 50.64  ? 11  GLU A CG  1 
ATOM   88   C  CD  . GLU A 1 12  ? -5.271  5.570   -6.307  1.00 53.17  ? 11  GLU A CD  1 
ATOM   89   O  OE1 . GLU A 1 12  ? -4.116  6.045   -6.054  1.00 51.63  ? 11  GLU A OE1 1 
ATOM   90   O  OE2 . GLU A 1 12  ? -6.104  6.141   -7.052  1.00 58.17  ? 11  GLU A OE2 1 
ATOM   91   N  N   . ASP A 1 13  ? -7.337  0.914   -6.983  1.00 50.56  ? 12  ASP A N   1 
ATOM   92   C  CA  . ASP A 1 13  ? -8.765  0.590   -7.236  1.00 51.68  ? 12  ASP A CA  1 
ATOM   93   C  C   . ASP A 1 13  ? -9.306  -0.601  -6.422  1.00 52.68  ? 12  ASP A C   1 
ATOM   94   O  O   . ASP A 1 13  ? -10.537 -0.757  -6.280  1.00 52.44  ? 12  ASP A O   1 
ATOM   95   C  CB  . ASP A 1 13  ? -9.034  0.339   -8.725  1.00 51.41  ? 12  ASP A CB  1 
ATOM   96   C  CG  . ASP A 1 13  ? -8.896  1.582   -9.560  1.00 57.15  ? 12  ASP A CG  1 
ATOM   97   O  OD1 . ASP A 1 13  ? -9.084  2.684   -9.007  1.00 57.58  ? 12  ASP A OD1 1 
ATOM   98   O  OD2 . ASP A 1 13  ? -8.586  1.459   -10.770 1.00 68.51  ? 12  ASP A OD2 1 
HETATM 99   N  N   . MSE A 1 14  ? -8.403  -1.431  -5.890  1.00 53.51  ? 13  MSE A N   1 
HETATM 100  C  CA  . MSE A 1 14  ? -8.778  -2.499  -4.936  1.00 51.73  ? 13  MSE A CA  1 
HETATM 101  C  C   . MSE A 1 14  ? -9.351  -1.966  -3.620  1.00 51.64  ? 13  MSE A C   1 
HETATM 102  O  O   . MSE A 1 14  ? -9.995  -2.713  -2.893  1.00 52.60  ? 13  MSE A O   1 
HETATM 103  C  CB  . MSE A 1 14  ? -7.576  -3.407  -4.667  1.00 50.07  ? 13  MSE A CB  1 
HETATM 104  C  CG  . MSE A 1 14  ? -7.269  -4.275  -5.853  1.00 49.68  ? 13  MSE A CG  1 
HETATM 105  SE SE  . MSE A 1 14  ? -5.750  -5.381  -5.661  0.75 50.82  ? 13  MSE A SE  1 
HETATM 106  C  CE  . MSE A 1 14  ? -5.631  -5.805  -7.530  1.00 49.25  ? 13  MSE A CE  1 
ATOM   107  N  N   . LYS A 1 15  ? -9.040  -0.708  -3.309  1.00 51.30  ? 14  LYS A N   1 
ATOM   108  C  CA  . LYS A 1 15  ? -9.597  0.060   -2.187  1.00 50.87  ? 14  LYS A CA  1 
ATOM   109  C  C   . LYS A 1 15  ? -9.134  -0.353  -0.761  1.00 51.33  ? 14  LYS A C   1 
ATOM   110  O  O   . LYS A 1 15  ? -9.043  0.482   0.146   1.00 51.97  ? 14  LYS A O   1 
ATOM   111  C  CB  . LYS A 1 15  ? -11.119 0.081   -2.289  1.00 50.26  ? 14  LYS A CB  1 
ATOM   112  C  CG  . LYS A 1 15  ? -11.652 0.916   -3.493  1.00 56.05  ? 14  LYS A CG  1 
ATOM   113  N  N   . VAL A 1 16  ? -8.859  -1.636  -0.574  1.00 51.95  ? 15  VAL A N   1 
ATOM   114  C  CA  . VAL A 1 16  ? -8.635  -2.217  0.736   1.00 53.18  ? 15  VAL A CA  1 
ATOM   115  C  C   . VAL A 1 16  ? -7.583  -3.291  0.590   1.00 52.58  ? 15  VAL A C   1 
ATOM   116  O  O   . VAL A 1 16  ? -7.592  -4.023  -0.378  1.00 53.52  ? 15  VAL A O   1 
ATOM   117  C  CB  . VAL A 1 16  ? -9.934  -2.854  1.282   1.00 53.04  ? 15  VAL A CB  1 
ATOM   118  C  CG1 . VAL A 1 16  ? -9.634  -3.763  2.420   1.00 55.29  ? 15  VAL A CG1 1 
ATOM   119  C  CG2 . VAL A 1 16  ? -10.890 -1.774  1.733   1.00 55.18  ? 15  VAL A CG2 1 
ATOM   120  N  N   . GLY A 1 17  ? -6.674  -3.370  1.554   1.00 53.49  ? 16  GLY A N   1 
ATOM   121  C  CA  . GLY A 1 17  ? -5.709  -4.460  1.629   1.00 51.92  ? 16  GLY A CA  1 
ATOM   122  C  C   . GLY A 1 17  ? -5.624  -4.977  3.039   1.00 49.63  ? 16  GLY A C   1 
ATOM   123  O  O   . GLY A 1 17  ? -6.127  -4.364  3.970   1.00 45.41  ? 16  GLY A O   1 
ATOM   124  N  N   . VAL A 1 18  ? -5.007  -6.126  3.199   1.00 47.35  ? 17  VAL A N   1 
ATOM   125  C  CA  . VAL A 1 18  ? -4.711  -6.642  4.524   1.00 46.85  ? 17  VAL A CA  1 
ATOM   126  C  C   . VAL A 1 18  ? -3.250  -6.272  4.748   1.00 46.78  ? 17  VAL A C   1 
ATOM   127  O  O   . VAL A 1 18  ? -2.393  -6.571  3.912   1.00 46.77  ? 17  VAL A O   1 
ATOM   128  C  CB  . VAL A 1 18  ? -4.973  -8.185  4.637   1.00 43.01  ? 17  VAL A CB  1 
ATOM   129  C  CG1 . VAL A 1 18  ? -4.418  -8.769  5.976   1.00 46.31  ? 17  VAL A CG1 1 
ATOM   130  C  CG2 . VAL A 1 18  ? -6.411  -8.484  4.516   1.00 42.39  ? 17  VAL A CG2 1 
ATOM   131  N  N   . PHE A 1 19  ? -2.990  -5.571  5.839   1.00 46.04  ? 18  PHE A N   1 
ATOM   132  C  CA  . PHE A 1 19  ? -1.629  -5.180  6.224   1.00 47.81  ? 18  PHE A CA  1 
ATOM   133  C  C   . PHE A 1 19  ? -1.149  -5.962  7.452   1.00 46.78  ? 18  PHE A C   1 
ATOM   134  O  O   . PHE A 1 19  ? -1.838  -5.969  8.464   1.00 48.49  ? 18  PHE A O   1 
ATOM   135  C  CB  . PHE A 1 19  ? -1.581  -3.656  6.530   1.00 49.64  ? 18  PHE A CB  1 
ATOM   136  C  CG  . PHE A 1 19  ? -1.829  -2.794  5.309   1.00 53.44  ? 18  PHE A CG  1 
ATOM   137  C  CD1 . PHE A 1 19  ? -3.086  -2.660  4.795   1.00 50.42  ? 18  PHE A CD1 1 
ATOM   138  C  CD2 . PHE A 1 19  ? -0.797  -2.149  4.669   1.00 52.19  ? 18  PHE A CD2 1 
ATOM   139  C  CE1 . PHE A 1 19  ? -3.338  -1.871  3.670   1.00 52.43  ? 18  PHE A CE1 1 
ATOM   140  C  CE2 . PHE A 1 19  ? -1.038  -1.377  3.542   1.00 56.98  ? 18  PHE A CE2 1 
ATOM   141  C  CZ  . PHE A 1 19  ? -2.305  -1.263  3.040   1.00 57.00  ? 18  PHE A CZ  1 
ATOM   142  N  N   . ALA A 1 20  ? 0.011   -6.614  7.313   1.00 48.28  ? 19  ALA A N   1 
ATOM   143  C  CA  . ALA A 1 20  ? 0.650   -7.409  8.381   1.00 46.91  ? 19  ALA A CA  1 
ATOM   144  C  C   . ALA A 1 20  ? 1.849   -6.666  8.912   1.00 45.80  ? 19  ALA A C   1 
ATOM   145  O  O   . ALA A 1 20  ? 2.734   -6.279  8.135   1.00 46.53  ? 19  ALA A O   1 
ATOM   146  C  CB  . ALA A 1 20  ? 1.125   -8.793  7.864   1.00 42.92  ? 19  ALA A CB  1 
ATOM   147  N  N   . THR A 1 21  ? 1.853   -6.479  10.227  1.00 46.76  ? 20  THR A N   1 
ATOM   148  C  CA  . THR A 1 21  ? 2.872   -5.771  10.946  1.00 48.63  ? 20  THR A CA  1 
ATOM   149  C  C   . THR A 1 21  ? 3.366   -6.581  12.184  1.00 49.92  ? 20  THR A C   1 
ATOM   150  O  O   . THR A 1 21  ? 2.792   -7.604  12.542  1.00 47.42  ? 20  THR A O   1 
ATOM   151  C  CB  . THR A 1 21  ? 2.329   -4.392  11.407  1.00 46.99  ? 20  THR A CB  1 
ATOM   152  O  OG1 . THR A 1 21  ? 1.109   -4.556  12.187  1.00 50.44  ? 20  THR A OG1 1 
ATOM   153  C  CG2 . THR A 1 21  ? 2.154   -3.470  10.197  1.00 52.41  ? 20  THR A CG2 1 
ATOM   154  N  N   . LEU A 1 22  ? 4.398   -6.066  12.861  1.00 49.12  ? 21  LEU A N   1 
ATOM   155  C  CA  . LEU A 1 22  ? 5.022   -6.742  14.000  1.00 46.32  ? 21  LEU A CA  1 
ATOM   156  C  C   . LEU A 1 22  ? 4.899   -5.942  15.275  1.00 46.04  ? 21  LEU A C   1 
ATOM   157  O  O   . LEU A 1 22  ? 5.020   -4.732  15.279  1.00 46.25  ? 21  LEU A O   1 
ATOM   158  C  CB  . LEU A 1 22  ? 6.511   -6.998  13.692  1.00 46.34  ? 21  LEU A CB  1 
ATOM   159  C  CG  . LEU A 1 22  ? 6.821   -7.701  12.345  1.00 48.06  ? 21  LEU A CG  1 
ATOM   160  C  CD1 . LEU A 1 22  ? 8.326   -7.751  12.066  1.00 47.42  ? 21  LEU A CD1 1 
ATOM   161  C  CD2 . LEU A 1 22  ? 6.222   -9.120  12.302  1.00 45.43  ? 21  LEU A CD2 1 
ATOM   162  N  N   . ASP A 1 23  ? 4.651   -6.623  16.375  1.00 47.24  ? 22  ASP A N   1 
ATOM   163  C  CA  . ASP A 1 23  ? 4.731   -5.977  17.647  1.00 45.76  ? 22  ASP A CA  1 
ATOM   164  C  C   . ASP A 1 23  ? 6.177   -6.067  18.188  1.00 46.89  ? 22  ASP A C   1 
ATOM   165  O  O   . ASP A 1 23  ? 7.098   -6.440  17.458  1.00 47.77  ? 22  ASP A O   1 
ATOM   166  C  CB  . ASP A 1 23  ? 3.682   -6.512  18.590  1.00 47.53  ? 22  ASP A CB  1 
ATOM   167  C  CG  . ASP A 1 23  ? 3.912   -7.933  18.987  1.00 51.10  ? 22  ASP A CG  1 
ATOM   168  O  OD1 . ASP A 1 23  ? 5.047   -8.435  18.905  1.00 48.62  ? 22  ASP A OD1 1 
ATOM   169  O  OD2 . ASP A 1 23  ? 2.924   -8.552  19.417  1.00 52.50  ? 22  ASP A OD2 1 
ATOM   170  N  N   . GLU A 1 24  ? 6.362   -5.652  19.431  1.00 47.71  ? 23  GLU A N   1 
ATOM   171  C  CA  . GLU A 1 24  ? 7.693   -5.477  20.026  1.00 49.94  ? 23  GLU A CA  1 
ATOM   172  C  C   . GLU A 1 24  ? 8.344   -6.827  20.353  1.00 48.35  ? 23  GLU A C   1 
ATOM   173  O  O   . GLU A 1 24  ? 9.531   -6.913  20.654  1.00 44.95  ? 23  GLU A O   1 
ATOM   174  C  CB  . GLU A 1 24  ? 7.609   -4.571  21.288  1.00 47.59  ? 23  GLU A CB  1 
ATOM   175  C  CG  . GLU A 1 24  ? 6.865   -5.106  22.497  1.00 53.90  ? 23  GLU A CG  1 
ATOM   176  C  CD  . GLU A 1 24  ? 5.349   -4.864  22.503  1.00 61.07  ? 23  GLU A CD  1 
ATOM   177  O  OE1 . GLU A 1 24  ? 4.701   -4.747  21.433  1.00 65.90  ? 23  GLU A OE1 1 
ATOM   178  O  OE2 . GLU A 1 24  ? 4.804   -4.823  23.611  1.00 59.74  ? 23  GLU A OE2 1 
ATOM   179  N  N   . TYR A 1 25  ? 7.533   -7.870  20.324  1.00 47.91  ? 24  TYR A N   1 
ATOM   180  C  CA  . TYR A 1 25  ? 7.995   -9.211  20.511  1.00 44.76  ? 24  TYR A CA  1 
ATOM   181  C  C   . TYR A 1 25  ? 8.187   -9.891  19.181  1.00 43.96  ? 24  TYR A C   1 
ATOM   182  O  O   . TYR A 1 25  ? 8.498   -11.057 19.148  1.00 45.79  ? 24  TYR A O   1 
ATOM   183  C  CB  . TYR A 1 25  ? 6.964   -9.984  21.295  1.00 46.00  ? 24  TYR A CB  1 
ATOM   184  C  CG  . TYR A 1 25  ? 6.622   -9.373  22.610  1.00 50.90  ? 24  TYR A CG  1 
ATOM   185  C  CD1 . TYR A 1 25  ? 7.599   -9.188  23.586  1.00 52.41  ? 24  TYR A CD1 1 
ATOM   186  C  CD2 . TYR A 1 25  ? 5.321   -8.996  22.903  1.00 55.88  ? 24  TYR A CD2 1 
ATOM   187  C  CE1 . TYR A 1 25  ? 7.284   -8.633  24.816  1.00 59.23  ? 24  TYR A CE1 1 
ATOM   188  C  CE2 . TYR A 1 25  ? 4.995   -8.443  24.139  1.00 59.63  ? 24  TYR A CE2 1 
ATOM   189  C  CZ  . TYR A 1 25  ? 5.979   -8.273  25.084  1.00 56.04  ? 24  TYR A CZ  1 
ATOM   190  O  OH  . TYR A 1 25  ? 5.646   -7.727  26.297  1.00 63.79  ? 24  TYR A OH  1 
ATOM   191  N  N   . GLY A 1 26  ? 7.932   -9.209  18.085  1.00 43.04  ? 25  GLY A N   1 
ATOM   192  C  CA  . GLY A 1 26  ? 8.073   -9.819  16.751  1.00 45.72  ? 25  GLY A CA  1 
ATOM   193  C  C   . GLY A 1 26  ? 6.891   -10.639 16.317  1.00 46.54  ? 25  GLY A C   1 
ATOM   194  O  O   . GLY A 1 26  ? 6.925   -11.257 15.259  1.00 45.22  ? 25  GLY A O   1 
ATOM   195  N  N   . ASN A 1 27  ? 5.842   -10.650 17.135  1.00 43.08  ? 26  ASN A N   1 
ATOM   196  C  CA  . ASN A 1 27  ? 4.614   -11.362 16.826  1.00 45.19  ? 26  ASN A CA  1 
ATOM   197  C  C   . ASN A 1 27  ? 3.905   -10.704 15.665  1.00 45.57  ? 26  ASN A C   1 
ATOM   198  O  O   . ASN A 1 27  ? 3.818   -9.492  15.591  1.00 48.46  ? 26  ASN A O   1 
ATOM   199  C  CB  . ASN A 1 27  ? 3.636   -11.336 18.009  1.00 44.05  ? 26  ASN A CB  1 
ATOM   200  C  CG  . ASN A 1 27  ? 4.146   -12.040 19.248  1.00 49.06  ? 26  ASN A CG  1 
ATOM   201  O  OD1 . ASN A 1 27  ? 4.973   -12.938 19.186  1.00 44.36  ? 26  ASN A OD1 1 
ATOM   202  N  ND2 . ASN A 1 27  ? 3.596   -11.653 20.407  1.00 54.38  ? 26  ASN A ND2 1 
ATOM   203  N  N   . PRO A 1 28  ? 3.334   -11.509 14.772  1.00 48.30  ? 27  PRO A N   1 
ATOM   204  C  CA  . PRO A 1 28  ? 2.609   -10.932 13.636  1.00 45.53  ? 27  PRO A CA  1 
ATOM   205  C  C   . PRO A 1 28  ? 1.186   -10.558 13.971  1.00 43.25  ? 27  PRO A C   1 
ATOM   206  O  O   . PRO A 1 28  ? 0.537   -11.260 14.731  1.00 41.25  ? 27  PRO A O   1 
ATOM   207  C  CB  . PRO A 1 28  ? 2.579   -12.061 12.637  1.00 43.80  ? 27  PRO A CB  1 
ATOM   208  C  CG  . PRO A 1 28  ? 2.561   -13.299 13.503  1.00 50.51  ? 27  PRO A CG  1 
ATOM   209  C  CD  . PRO A 1 28  ? 3.305   -12.990 14.762  1.00 47.77  ? 27  PRO A CD  1 
ATOM   210  N  N   . HIS A 1 29  ? 0.726   -9.487  13.330  1.00 43.53  ? 28  HIS A N   1 
ATOM   211  C  CA  . HIS A 1 29  ? -0.637  -8.976  13.405  1.00 46.59  ? 28  HIS A CA  1 
ATOM   212  C  C   . HIS A 1 29  ? -1.059  -8.570  11.998  1.00 44.91  ? 28  HIS A C   1 
ATOM   213  O  O   . HIS A 1 29  ? -0.211  -8.223  11.193  1.00 48.64  ? 28  HIS A O   1 
ATOM   214  C  CB  . HIS A 1 29  ? -0.717  -7.783  14.369  1.00 48.49  ? 28  HIS A CB  1 
ATOM   215  C  CG  . HIS A 1 29  ? -0.243  -8.096  15.759  1.00 44.02  ? 28  HIS A CG  1 
ATOM   216  N  ND1 . HIS A 1 29  ? -1.073  -8.590  16.743  1.00 45.85  ? 28  HIS A ND1 1 
ATOM   217  C  CD2 . HIS A 1 29  ? 0.993   -8.010  16.311  1.00 45.26  ? 28  HIS A CD2 1 
ATOM   218  C  CE1 . HIS A 1 29  ? -0.371  -8.798  17.847  1.00 42.98  ? 28  HIS A CE1 1 
ATOM   219  N  NE2 . HIS A 1 29  ? 0.884   -8.432  17.612  1.00 40.65  ? 28  HIS A NE2 1 
ATOM   220  N  N   . ALA A 1 30  ? -2.338  -8.739  11.676  1.00 44.31  ? 29  ALA A N   1 
ATOM   221  C  CA  . ALA A 1 30  ? -2.864  -8.484  10.320  1.00 46.06  ? 29  ALA A CA  1 
ATOM   222  C  C   . ALA A 1 30  ? -4.318  -7.971  10.413  1.00 46.43  ? 29  ALA A C   1 
ATOM   223  O  O   . ALA A 1 30  ? -5.152  -8.477  11.206  1.00 45.93  ? 29  ALA A O   1 
ATOM   224  C  CB  . ALA A 1 30  ? -2.747  -9.733  9.420   1.00 42.10  ? 29  ALA A CB  1 
ATOM   225  N  N   . ARG A 1 31  ? -4.578  -6.906  9.656   1.00 44.80  ? 30  ARG A N   1 
ATOM   226  C  CA  . ARG A 1 31  ? -5.910  -6.298  9.556   1.00 43.78  ? 30  ARG A CA  1 
ATOM   227  C  C   . ARG A 1 31  ? -6.129  -5.617  8.205   1.00 40.57  ? 30  ARG A C   1 
ATOM   228  O  O   . ARG A 1 31  ? -5.167  -5.238  7.515   1.00 41.26  ? 30  ARG A O   1 
ATOM   229  C  CB  . ARG A 1 31  ? -6.205  -5.299  10.707  1.00 43.76  ? 30  ARG A CB  1 
ATOM   230  C  CG  . ARG A 1 31  ? -5.639  -3.916  10.501  1.00 42.18  ? 30  ARG A CG  1 
ATOM   231  C  CD  . ARG A 1 31  ? -4.129  -3.940  10.490  1.00 44.77  ? 30  ARG A CD  1 
ATOM   232  N  NE  . ARG A 1 31  ? -3.591  -4.078  11.834  1.00 48.49  ? 30  ARG A NE  1 
ATOM   233  C  CZ  . ARG A 1 31  ? -2.333  -4.391  12.157  1.00 42.79  ? 30  ARG A CZ  1 
ATOM   234  N  NH1 . ARG A 1 31  ? -1.439  -4.760  11.281  1.00 41.24  ? 30  ARG A NH1 1 
ATOM   235  N  NH2 . ARG A 1 31  ? -1.987  -4.383  13.432  1.00 44.22  ? 30  ARG A NH2 1 
ATOM   236  N  N   . HIS A 1 32  ? -7.410  -5.479  7.845   1.00 43.00  ? 31  HIS A N   1 
ATOM   237  C  CA  . HIS A 1 32  ? -7.800  -4.681  6.675   1.00 44.92  ? 31  HIS A CA  1 
ATOM   238  C  C   . HIS A 1 32  ? -7.620  -3.199  6.954   1.00 46.65  ? 31  HIS A C   1 
ATOM   239  O  O   . HIS A 1 32  ? -8.019  -2.680  8.018   1.00 47.88  ? 31  HIS A O   1 
ATOM   240  C  CB  . HIS A 1 32  ? -9.254  -4.936  6.274   1.00 46.06  ? 31  HIS A CB  1 
ATOM   241  C  CG  . HIS A 1 32  ? -9.514  -6.328  5.780   1.00 53.62  ? 31  HIS A CG  1 
ATOM   242  N  ND1 . HIS A 1 32  ? -9.925  -7.351  6.610   1.00 58.00  ? 31  HIS A ND1 1 
ATOM   243  C  CD2 . HIS A 1 32  ? -9.413  -6.868  4.544   1.00 57.89  ? 31  HIS A CD2 1 
ATOM   244  C  CE1 . HIS A 1 32  ? -10.041 -8.465  5.912   1.00 55.49  ? 31  HIS A CE1 1 
ATOM   245  N  NE2 . HIS A 1 32  ? -9.743  -8.197  4.654   1.00 62.06  ? 31  HIS A NE2 1 
ATOM   246  N  N   . ALA A 1 33  ? -7.107  -2.493  5.970   1.00 46.22  ? 32  ALA A N   1 
ATOM   247  C  CA  . ALA A 1 33  ? -7.069  -1.041  6.033   1.00 47.13  ? 32  ALA A CA  1 
ATOM   248  C  C   . ALA A 1 33  ? -7.312  -0.508  4.634   1.00 48.12  ? 32  ALA A C   1 
ATOM   249  O  O   . ALA A 1 33  ? -6.915  -1.129  3.643   1.00 45.86  ? 32  ALA A O   1 
ATOM   250  C  CB  . ALA A 1 33  ? -5.709  -0.570  6.543   1.00 49.76  ? 32  ALA A CB  1 
ATOM   251  N  N   . HIS A 1 34  ? -7.920  0.666   4.575   1.00 48.98  ? 33  HIS A N   1 
ATOM   252  C  CA  . HIS A 1 34  ? -8.161  1.351   3.320   1.00 51.66  ? 33  HIS A CA  1 
ATOM   253  C  C   . HIS A 1 34  ? -6.855  1.787   2.623   1.00 51.14  ? 33  HIS A C   1 
ATOM   254  O  O   . HIS A 1 34  ? -5.936  2.309   3.253   1.00 49.89  ? 33  HIS A O   1 
ATOM   255  C  CB  . HIS A 1 34  ? -9.054  2.558   3.575   1.00 51.88  ? 33  HIS A CB  1 
ATOM   256  C  CG  . HIS A 1 34  ? -9.568  3.189   2.325   1.00 63.56  ? 33  HIS A CG  1 
ATOM   257  N  ND1 . HIS A 1 34  ? -10.660 2.695   1.641   1.00 70.34  ? 33  HIS A ND1 1 
ATOM   258  C  CD2 . HIS A 1 34  ? -9.126  4.262   1.619   1.00 66.15  ? 33  HIS A CD2 1 
ATOM   259  C  CE1 . HIS A 1 34  ? -10.868 3.439   0.566   1.00 71.56  ? 33  HIS A CE1 1 
ATOM   260  N  NE2 . HIS A 1 34  ? -9.952  4.394   0.530   1.00 65.71  ? 33  HIS A NE2 1 
ATOM   261  N  N   . ILE A 1 35  ? -6.757  1.526   1.329   1.00 50.33  ? 34  ILE A N   1 
ATOM   262  C  CA  . ILE A 1 35  ? -5.659  2.068   0.534   1.00 48.53  ? 34  ILE A CA  1 
ATOM   263  C  C   . ILE A 1 35  ? -6.056  3.481   0.112   1.00 48.67  ? 34  ILE A C   1 
ATOM   264  O  O   . ILE A 1 35  ? -6.881  3.653   -0.763  1.00 49.13  ? 34  ILE A O   1 
ATOM   265  C  CB  . ILE A 1 35  ? -5.429  1.204   -0.711  1.00 48.81  ? 34  ILE A CB  1 
ATOM   266  C  CG1 . ILE A 1 35  ? -4.961  -0.192  -0.326  1.00 48.59  ? 34  ILE A CG1 1 
ATOM   267  C  CG2 . ILE A 1 35  ? -4.419  1.825   -1.627  1.00 47.35  ? 34  ILE A CG2 1 
ATOM   268  C  CD1 . ILE A 1 35  ? -5.111  -1.172  -1.457  1.00 48.53  ? 34  ILE A CD1 1 
ATOM   269  N  N   . THR A 1 36  ? -5.497  4.496   0.753   1.00 49.19  ? 35  THR A N   1 
ATOM   270  C  CA  A THR A 1 36  ? -5.831  5.872   0.415   0.50 48.65  ? 35  THR A CA  1 
ATOM   271  C  CA  B THR A 1 36  ? -5.809  5.885   0.423   0.50 47.16  ? 35  THR A CA  1 
ATOM   272  C  C   . THR A 1 36  ? -5.287  6.256   -0.955  1.00 46.53  ? 35  THR A C   1 
ATOM   273  O  O   . THR A 1 36  ? -5.923  6.997   -1.678  1.00 47.89  ? 35  THR A O   1 
ATOM   274  C  CB  A THR A 1 36  ? -5.348  6.872   1.497   0.50 49.15  ? 35  THR A CB  1 
ATOM   275  C  CB  B THR A 1 36  ? -5.232  6.885   1.460   0.50 47.28  ? 35  THR A CB  1 
ATOM   276  O  OG1 A THR A 1 36  ? -4.159  6.371   2.113   0.50 52.69  ? 35  THR A OG1 1 
ATOM   277  O  OG1 B THR A 1 36  ? -5.447  6.387   2.787   0.50 49.46  ? 35  THR A OG1 1 
ATOM   278  C  CG2 A THR A 1 36  ? -6.423  7.063   2.572   0.50 55.22  ? 35  THR A CG2 1 
ATOM   279  C  CG2 B THR A 1 36  ? -5.899  8.265   1.314   0.50 43.05  ? 35  THR A CG2 1 
ATOM   280  N  N   . ALA A 1 37  ? -4.114  5.761   -1.314  1.00 46.47  ? 36  ALA A N   1 
ATOM   281  C  CA  . ALA A 1 37  ? -3.588  6.011   -2.649  1.00 45.32  ? 36  ALA A CA  1 
ATOM   282  C  C   . ALA A 1 37  ? -2.499  5.023   -2.938  1.00 44.31  ? 36  ALA A C   1 
ATOM   283  O  O   . ALA A 1 37  ? -1.941  4.449   -2.025  1.00 44.46  ? 36  ALA A O   1 
ATOM   284  C  CB  . ALA A 1 37  ? -3.056  7.455   -2.769  1.00 42.98  ? 36  ALA A CB  1 
ATOM   285  N  N   . ALA A 1 38  ? -2.191  4.822   -4.205  1.00 44.52  ? 37  ALA A N   1 
ATOM   286  C  CA  . ALA A 1 38  ? -1.063  3.969   -4.574  1.00 45.31  ? 37  ALA A CA  1 
ATOM   287  C  C   . ALA A 1 38  ? -0.532  4.367   -5.948  1.00 47.41  ? 37  ALA A C   1 
ATOM   288  O  O   . ALA A 1 38  ? -1.283  4.430   -6.905  1.00 47.67  ? 37  ALA A O   1 
ATOM   289  C  CB  . ALA A 1 38  ? -1.472  2.521   -4.530  1.00 43.08  ? 37  ALA A CB  1 
ATOM   290  N  N   . ASN A 1 39  ? 0.770   4.629   -6.040  1.00 49.10  ? 38  ASN A N   1 
ATOM   291  C  CA  . ASN A 1 39  ? 1.374   5.141   -7.269  1.00 49.23  ? 38  ASN A CA  1 
ATOM   292  C  C   . ASN A 1 39  ? 2.866   4.809   -7.330  1.00 50.78  ? 38  ASN A C   1 
ATOM   293  O  O   . ASN A 1 39  ? 3.361   4.068   -6.512  1.00 54.13  ? 38  ASN A O   1 
ATOM   294  C  CB  . ASN A 1 39  ? 1.145   6.651   -7.335  1.00 50.86  ? 38  ASN A CB  1 
ATOM   295  C  CG  . ASN A 1 39  ? 1.538   7.358   -6.055  1.00 51.01  ? 38  ASN A CG  1 
ATOM   296  O  OD1 . ASN A 1 39  ? 2.685   7.285   -5.627  1.00 48.53  ? 38  ASN A OD1 1 
ATOM   297  N  ND2 . ASN A 1 39  ? 0.588   8.037   -5.437  1.00 44.84  ? 38  ASN A ND2 1 
ATOM   298  N  N   . GLU A 1 40  ? 3.606   5.362   -8.269  1.00 52.14  ? 39  GLU A N   1 
ATOM   299  C  CA  . GLU A 1 40  ? 5.032   5.057   -8.350  1.00 54.63  ? 39  GLU A CA  1 
ATOM   300  C  C   . GLU A 1 40  ? 5.800   5.381   -7.080  1.00 53.28  ? 39  GLU A C   1 
ATOM   301  O  O   . GLU A 1 40  ? 6.872   4.833   -6.860  1.00 53.88  ? 39  GLU A O   1 
ATOM   302  C  CB  . GLU A 1 40  ? 5.683   5.804   -9.506  1.00 55.74  ? 39  GLU A CB  1 
ATOM   303  C  CG  . GLU A 1 40  ? 5.087   5.489   -10.834 1.00 63.96  ? 39  GLU A CG  1 
ATOM   304  C  CD  . GLU A 1 40  ? 5.736   6.274   -11.954 1.00 61.06  ? 39  GLU A CD  1 
ATOM   305  O  OE1 . GLU A 1 40  ? 5.760   7.520   -11.868 1.00 62.30  ? 39  GLU A OE1 1 
ATOM   306  O  OE2 . GLU A 1 40  ? 6.198   5.624   -12.915 1.00 73.73  ? 39  GLU A OE2 1 
ATOM   307  N  N   . GLU A 1 41  ? 5.262   6.260   -6.242  1.00 51.84  ? 40  GLU A N   1 
ATOM   308  C  CA  . GLU A 1 41  ? 5.950   6.645   -5.033  1.00 50.54  ? 40  GLU A CA  1 
ATOM   309  C  C   . GLU A 1 41  ? 5.683   5.701   -3.909  1.00 49.30  ? 40  GLU A C   1 
ATOM   310  O  O   . GLU A 1 41  ? 6.416   5.711   -2.935  1.00 48.36  ? 40  GLU A O   1 
ATOM   311  C  CB  . GLU A 1 41  ? 5.563   8.047   -4.570  1.00 52.68  ? 40  GLU A CB  1 
ATOM   312  C  CG  . GLU A 1 41  ? 5.719   9.131   -5.622  1.00 56.46  ? 40  GLU A CG  1 
ATOM   313  C  CD  . GLU A 1 41  ? 7.051   9.076   -6.315  1.00 65.80  ? 40  GLU A CD  1 
ATOM   314  O  OE1 . GLU A 1 41  ? 8.093   8.907   -5.621  1.00 66.52  ? 40  GLU A OE1 1 
ATOM   315  O  OE2 . GLU A 1 41  ? 7.049   9.205   -7.560  1.00 79.66  ? 40  GLU A OE2 1 
ATOM   316  N  N   . GLY A 1 42  ? 4.657   4.872   -4.029  1.00 48.89  ? 41  GLY A N   1 
ATOM   317  C  CA  . GLY A 1 42  ? 4.356   3.907   -2.979  1.00 47.82  ? 41  GLY A CA  1 
ATOM   318  C  C   . GLY A 1 42  ? 2.889   3.754   -2.679  1.00 47.35  ? 41  GLY A C   1 
ATOM   319  O  O   . GLY A 1 42  ? 2.040   4.188   -3.452  1.00 46.71  ? 41  GLY A O   1 
ATOM   320  N  N   . ILE A 1 43  ? 2.617   3.101   -1.553  1.00 46.65  ? 42  ILE A N   1 
ATOM   321  C  CA  . ILE A 1 43  ? 1.289   2.764   -1.113  1.00 47.19  ? 42  ILE A CA  1 
ATOM   322  C  C   . ILE A 1 43  ? 0.988   3.531   0.181   1.00 47.09  ? 42  ILE A C   1 
ATOM   323  O  O   . ILE A 1 43  ? 1.723   3.434   1.140   1.00 47.14  ? 42  ILE A O   1 
ATOM   324  C  CB  . ILE A 1 43  ? 1.179   1.245   -0.843  1.00 49.27  ? 42  ILE A CB  1 
ATOM   325  C  CG1 . ILE A 1 43  ? 1.502   0.466   -2.129  1.00 43.80  ? 42  ILE A CG1 1 
ATOM   326  C  CG2 . ILE A 1 43  ? -0.192  0.926   -0.213  1.00 42.91  ? 42  ILE A CG2 1 
ATOM   327  C  CD1 . ILE A 1 43  ? 1.871   -1.019  -1.986  1.00 46.97  ? 42  ILE A CD1 1 
ATOM   328  N  N   . PHE A 1 44  ? -0.118  4.274   0.185   1.00 47.48  ? 43  PHE A N   1 
ATOM   329  C  CA  . PHE A 1 44  ? -0.506  5.130   1.284   1.00 44.90  ? 43  PHE A CA  1 
ATOM   330  C  C   . PHE A 1 44  ? -1.766  4.625   1.972   1.00 47.56  ? 43  PHE A C   1 
ATOM   331  O  O   . PHE A 1 44  ? -2.729  4.172   1.341   1.00 47.09  ? 43  PHE A O   1 
ATOM   332  C  CB  . PHE A 1 44  ? -0.726  6.541   0.785   1.00 44.88  ? 43  PHE A CB  1 
ATOM   333  C  CG  . PHE A 1 44  ? 0.489   7.143   0.111   1.00 44.12  ? 43  PHE A CG  1 
ATOM   334  C  CD1 . PHE A 1 44  ? 0.792   6.840   -1.200  1.00 48.09  ? 43  PHE A CD1 1 
ATOM   335  C  CD2 . PHE A 1 44  ? 1.349   7.994   0.809   1.00 43.96  ? 43  PHE A CD2 1 
ATOM   336  C  CE1 . PHE A 1 44  ? 1.920   7.384   -1.813  1.00 44.14  ? 43  PHE A CE1 1 
ATOM   337  C  CE2 . PHE A 1 44  ? 2.460   8.542   0.195   1.00 42.96  ? 43  PHE A CE2 1 
ATOM   338  C  CZ  . PHE A 1 44  ? 2.744   8.234   -1.110  1.00 40.84  ? 43  PHE A CZ  1 
ATOM   339  N  N   . PHE A 1 45  ? -1.748  4.726   3.288   1.00 47.51  ? 44  PHE A N   1 
ATOM   340  C  CA  . PHE A 1 45  ? -2.839  4.272   4.102   1.00 50.31  ? 44  PHE A CA  1 
ATOM   341  C  C   . PHE A 1 45  ? -2.850  5.098   5.358   1.00 50.18  ? 44  PHE A C   1 
ATOM   342  O  O   . PHE A 1 45  ? -1.928  5.837   5.604   1.00 48.06  ? 44  PHE A O   1 
ATOM   343  C  CB  . PHE A 1 45  ? -2.747  2.765   4.378   1.00 49.52  ? 44  PHE A CB  1 
ATOM   344  C  CG  . PHE A 1 45  ? -1.509  2.336   5.086   1.00 47.80  ? 44  PHE A CG  1 
ATOM   345  C  CD1 . PHE A 1 45  ? -0.353  2.062   4.380   1.00 47.49  ? 44  PHE A CD1 1 
ATOM   346  C  CD2 . PHE A 1 45  ? -1.504  2.150   6.441   1.00 50.48  ? 44  PHE A CD2 1 
ATOM   347  C  CE1 . PHE A 1 45  ? 0.793   1.650   5.025   1.00 48.61  ? 44  PHE A CE1 1 
ATOM   348  C  CE2 . PHE A 1 45  ? -0.362  1.719   7.073   1.00 48.27  ? 44  PHE A CE2 1 
ATOM   349  C  CZ  . PHE A 1 45  ? 0.784   1.462   6.354   1.00 50.48  ? 44  PHE A CZ  1 
HETATM 350  N  N   . MSE A 1 46  ? -3.924  5.007   6.118   1.00 52.46  ? 45  MSE A N   1 
HETATM 351  C  CA  . MSE A 1 46  ? -4.051  5.781   7.332   1.00 56.42  ? 45  MSE A CA  1 
HETATM 352  C  C   . MSE A 1 46  ? -4.377  4.905   8.520   1.00 54.24  ? 45  MSE A C   1 
HETATM 353  O  O   . MSE A 1 46  ? -4.971  3.823   8.379   1.00 50.24  ? 45  MSE A O   1 
HETATM 354  C  CB  . MSE A 1 46  ? -5.184  6.752   7.204   1.00 57.16  ? 45  MSE A CB  1 
HETATM 355  C  CG  . MSE A 1 46  ? -4.984  7.846   6.217   1.00 62.64  ? 45  MSE A CG  1 
HETATM 356  SE SE  . MSE A 1 46  ? -6.565  8.910   6.475   0.75 71.48  ? 45  MSE A SE  1 
HETATM 357  C  CE  . MSE A 1 46  ? -5.782  10.731  6.350   1.00 70.72  ? 45  MSE A CE  1 
ATOM   358  N  N   . THR A 1 47  ? -3.994  5.389   9.695   1.00 53.37  ? 46  THR A N   1 
ATOM   359  C  CA  . THR A 1 47  ? -4.461  4.818   10.922  1.00 52.25  ? 46  THR A CA  1 
ATOM   360  C  C   . THR A 1 47  ? -4.385  5.863   11.963  1.00 51.72  ? 46  THR A C   1 
ATOM   361  O  O   . THR A 1 47  ? -3.910  6.944   11.728  1.00 51.53  ? 46  THR A O   1 
ATOM   362  C  CB  . THR A 1 47  ? -3.731  3.465   11.350  1.00 57.12  ? 46  THR A CB  1 
ATOM   363  O  OG1 . THR A 1 47  ? -4.262  2.992   12.625  1.00 58.36  ? 46  THR A OG1 1 
ATOM   364  C  CG2 . THR A 1 47  ? -2.197  3.581   11.376  1.00 44.55  ? 46  THR A CG2 1 
ATOM   365  N  N   . SER A 1 48  ? -4.916  5.551   13.116  1.00 51.40  ? 47  SER A N   1 
ATOM   366  C  CA  . SER A 1 48  ? -4.991  6.509   14.165  1.00 52.77  ? 47  SER A CA  1 
ATOM   367  C  C   . SER A 1 48  ? -3.927  6.243   15.240  1.00 52.21  ? 47  SER A C   1 
ATOM   368  O  O   . SER A 1 48  ? -3.605  5.111   15.522  1.00 50.93  ? 47  SER A O   1 
ATOM   369  C  CB  . SER A 1 48  ? -6.407  6.448   14.723  1.00 52.61  ? 47  SER A CB  1 
ATOM   370  O  OG  . SER A 1 48  ? -6.478  7.179   15.907  1.00 61.77  ? 47  SER A OG  1 
ATOM   371  N  N   . PRO A 1 49  ? -3.385  7.298   15.854  1.00 53.64  ? 48  PRO A N   1 
ATOM   372  C  CA  . PRO A 1 49  ? -2.548  7.158   17.045  1.00 54.57  ? 48  PRO A CA  1 
ATOM   373  C  C   . PRO A 1 49  ? -3.218  6.288   18.078  1.00 52.86  ? 48  PRO A C   1 
ATOM   374  O  O   . PRO A 1 49  ? -4.436  6.180   18.063  1.00 56.59  ? 48  PRO A O   1 
ATOM   375  C  CB  . PRO A 1 49  ? -2.486  8.592   17.604  1.00 54.53  ? 48  PRO A CB  1 
ATOM   376  C  CG  . PRO A 1 49  ? -2.653  9.464   16.403  1.00 57.58  ? 48  PRO A CG  1 
ATOM   377  C  CD  . PRO A 1 49  ? -3.546  8.704   15.449  1.00 56.27  ? 48  PRO A CD  1 
ATOM   378  N  N   . GLU A 1 50  ? -2.466  5.679   18.986  1.00 50.00  ? 49  GLU A N   1 
ATOM   379  C  CA  . GLU A 1 50  ? -3.114  4.871   20.026  1.00 50.99  ? 49  GLU A CA  1 
ATOM   380  C  C   . GLU A 1 50  ? -3.923  3.664   19.440  1.00 48.76  ? 49  GLU A C   1 
ATOM   381  O  O   . GLU A 1 50  ? -4.808  3.121   20.061  1.00 44.52  ? 49  GLU A O   1 
ATOM   382  C  CB  . GLU A 1 50  ? -3.990  5.763   20.942  1.00 50.18  ? 49  GLU A CB  1 
ATOM   383  N  N   . THR A 1 51  ? -3.630  3.233   18.231  1.00 40.94  ? 50  THR A N   1 
ATOM   384  C  CA  . THR A 1 51  ? -4.091  1.931   17.834  1.00 40.29  ? 50  THR A CA  1 
ATOM   385  C  C   . THR A 1 51  ? -2.841  1.093   17.779  1.00 43.22  ? 50  THR A C   1 
ATOM   386  O  O   . THR A 1 51  ? -1.718  1.615   17.611  1.00 39.50  ? 50  THR A O   1 
ATOM   387  C  CB  . THR A 1 51  ? -4.744  1.931   16.449  1.00 40.87  ? 50  THR A CB  1 
ATOM   388  O  OG1 . THR A 1 51  ? -3.784  2.366   15.479  1.00 38.51  ? 50  THR A OG1 1 
ATOM   389  C  CG2 . THR A 1 51  ? -5.907  2.869   16.440  1.00 33.95  ? 50  THR A CG2 1 
ATOM   390  N  N   . HIS A 1 52  ? -3.053  -0.214  17.839  1.00 44.11  ? 51  HIS A N   1 
ATOM   391  C  CA  . HIS A 1 52  ? -1.971  -1.152  17.816  1.00 40.62  ? 51  HIS A CA  1 
ATOM   392  C  C   . HIS A 1 52  ? -1.314  -1.097  16.472  1.00 42.27  ? 51  HIS A C   1 
ATOM   393  O  O   . HIS A 1 52  ? -0.084  -1.198  16.406  1.00 45.77  ? 51  HIS A O   1 
ATOM   394  C  CB  . HIS A 1 52  ? -2.492  -2.559  18.157  1.00 42.45  ? 51  HIS A CB  1 
ATOM   395  C  CG  . HIS A 1 52  ? -3.208  -2.629  19.481  1.00 35.27  ? 51  HIS A CG  1 
ATOM   396  N  ND1 . HIS A 1 52  ? -2.628  -2.225  20.655  1.00 53.05  ? 51  HIS A ND1 1 
ATOM   397  C  CD2 . HIS A 1 52  ? -4.426  -3.113  19.809  1.00 43.62  ? 51  HIS A CD2 1 
ATOM   398  C  CE1 . HIS A 1 52  ? -3.475  -2.410  21.656  1.00 51.77  ? 51  HIS A CE1 1 
ATOM   399  N  NE2 . HIS A 1 52  ? -4.581  -2.942  21.169  1.00 49.16  ? 51  HIS A NE2 1 
ATOM   400  N  N   . PHE A 1 53  ? -2.114  -0.947  15.399  1.00 40.26  ? 52  PHE A N   1 
ATOM   401  C  CA  . PHE A 1 53  ? -1.528  -0.865  14.007  1.00 40.61  ? 52  PHE A CA  1 
ATOM   402  C  C   . PHE A 1 53  ? -0.501  0.263   14.069  1.00 42.18  ? 52  PHE A C   1 
ATOM   403  O  O   . PHE A 1 53  ? 0.646   0.085   13.685  1.00 39.39  ? 52  PHE A O   1 
ATOM   404  C  CB  . PHE A 1 53  ? -2.669  -0.585  13.010  1.00 39.17  ? 52  PHE A CB  1 
ATOM   405  C  CG  . PHE A 1 53  ? -2.323  -0.626  11.565  1.00 43.37  ? 52  PHE A CG  1 
ATOM   406  C  CD1 . PHE A 1 53  ? -1.241  -1.300  11.066  1.00 40.71  ? 52  PHE A CD1 1 
ATOM   407  C  CD2 . PHE A 1 53  ? -3.198  -0.058  10.668  1.00 42.98  ? 52  PHE A CD2 1 
ATOM   408  C  CE1 . PHE A 1 53  ? -1.013  -1.347  9.707   1.00 50.39  ? 52  PHE A CE1 1 
ATOM   409  C  CE2 . PHE A 1 53  ? -2.976  -0.144  9.332   1.00 47.55  ? 52  PHE A CE2 1 
ATOM   410  C  CZ  . PHE A 1 53  ? -1.899  -0.760  8.857   1.00 45.28  ? 52  PHE A CZ  1 
ATOM   411  N  N   . TYR A 1 54  ? -0.901  1.393   14.678  1.00 41.01  ? 53  TYR A N   1 
ATOM   412  C  CA  . TYR A 1 54  ? -0.036  2.591   14.697  1.00 44.43  ? 53  TYR A CA  1 
ATOM   413  C  C   . TYR A 1 54  ? 1.217   2.325   15.511  1.00 45.41  ? 53  TYR A C   1 
ATOM   414  O  O   . TYR A 1 54  ? 2.338   2.552   15.060  1.00 45.44  ? 53  TYR A O   1 
ATOM   415  C  CB  . TYR A 1 54  ? -0.809  3.781   15.277  1.00 44.16  ? 53  TYR A CB  1 
ATOM   416  C  CG  . TYR A 1 54  ? -0.034  5.075   15.499  1.00 44.48  ? 53  TYR A CG  1 
ATOM   417  C  CD1 . TYR A 1 54  ? 0.689   5.286   16.652  1.00 51.06  ? 53  TYR A CD1 1 
ATOM   418  C  CD2 . TYR A 1 54  ? -0.073  6.110   14.560  1.00 49.78  ? 53  TYR A CD2 1 
ATOM   419  C  CE1 . TYR A 1 54  ? 1.355   6.494   16.882  1.00 45.71  ? 53  TYR A CE1 1 
ATOM   420  C  CE2 . TYR A 1 54  ? 0.615   7.303   14.765  1.00 46.68  ? 53  TYR A CE2 1 
ATOM   421  C  CZ  . TYR A 1 54  ? 1.333   7.488   15.923  1.00 54.14  ? 53  TYR A CZ  1 
ATOM   422  O  OH  . TYR A 1 54  ? 2.004   8.689   16.145  1.00 53.03  ? 53  TYR A OH  1 
ATOM   423  N  N   . ASP A 1 55  ? 1.014   1.828   16.726  1.00 42.73  ? 54  ASP A N   1 
ATOM   424  C  CA  . ASP A 1 55  ? 2.134   1.431   17.569  1.00 42.54  ? 54  ASP A CA  1 
ATOM   425  C  C   . ASP A 1 55  ? 3.082   0.497   16.873  1.00 43.23  ? 54  ASP A C   1 
ATOM   426  O  O   . ASP A 1 55  ? 4.289   0.651   16.961  1.00 45.65  ? 54  ASP A O   1 
ATOM   427  C  CB  . ASP A 1 55  ? 1.619   0.723   18.764  1.00 45.86  ? 54  ASP A CB  1 
ATOM   428  C  CG  . ASP A 1 55  ? 0.950   1.656   19.712  1.00 42.62  ? 54  ASP A CG  1 
ATOM   429  O  OD1 . ASP A 1 55  ? 0.842   2.849   19.309  1.00 47.51  ? 54  ASP A OD1 1 
ATOM   430  O  OD2 . ASP A 1 55  ? 0.558   1.194   20.812  1.00 57.63  ? 54  ASP A OD2 1 
ATOM   431  N  N   . GLN A 1 56  ? 2.529   -0.502  16.231  1.00 41.89  ? 55  GLN A N   1 
ATOM   432  C  CA  . GLN A 1 56  ? 3.393   -1.513  15.599  1.00 42.04  ? 55  GLN A CA  1 
ATOM   433  C  C   . GLN A 1 56  ? 4.226   -0.877  14.531  1.00 43.47  ? 55  GLN A C   1 
ATOM   434  O  O   . GLN A 1 56  ? 5.440   -1.050  14.507  1.00 47.44  ? 55  GLN A O   1 
ATOM   435  C  CB  . GLN A 1 56  ? 2.548   -2.662  15.074  1.00 39.89  ? 55  GLN A CB  1 
ATOM   436  C  CG  . GLN A 1 56  ? 2.048   -3.566  16.220  1.00 39.60  ? 55  GLN A CG  1 
ATOM   437  C  CD  . GLN A 1 56  ? 0.787   -4.303  15.889  1.00 38.82  ? 55  GLN A CD  1 
ATOM   438  O  OE1 . GLN A 1 56  ? 0.535   -4.576  14.725  1.00 42.97  ? 55  GLN A OE1 1 
ATOM   439  N  NE2 . GLN A 1 56  ? -0.033  -4.605  16.901  1.00 38.67  ? 55  GLN A NE2 1 
ATOM   440  N  N   . LEU A 1 57  ? 3.584   -0.113  13.651  1.00 45.69  ? 56  LEU A N   1 
ATOM   441  C  CA  . LEU A 1 57  ? 4.309   0.526   12.509  1.00 48.22  ? 56  LEU A CA  1 
ATOM   442  C  C   . LEU A 1 57  ? 5.369   1.478   13.030  1.00 49.65  ? 56  LEU A C   1 
ATOM   443  O  O   . LEU A 1 57  ? 6.482   1.572   12.505  1.00 48.29  ? 56  LEU A O   1 
ATOM   444  C  CB  . LEU A 1 57  ? 3.336   1.312   11.620  1.00 49.56  ? 56  LEU A CB  1 
ATOM   445  C  CG  . LEU A 1 57  ? 2.380   0.512   10.750  1.00 51.28  ? 56  LEU A CG  1 
ATOM   446  C  CD1 . LEU A 1 57  ? 1.228   1.377   10.295  1.00 48.71  ? 56  LEU A CD1 1 
ATOM   447  C  CD2 . LEU A 1 57  ? 3.190   -0.065  9.583   1.00 44.17  ? 56  LEU A CD2 1 
HETATM 448  N  N   . MSE A 1 58  ? 5.031   2.178   14.099  1.00 48.15  ? 57  MSE A N   1 
HETATM 449  C  CA  . MSE A 1 58  ? 5.981   3.115   14.652  1.00 50.40  ? 57  MSE A CA  1 
HETATM 450  C  C   . MSE A 1 58  ? 7.153   2.393   15.275  1.00 51.68  ? 57  MSE A C   1 
HETATM 451  O  O   . MSE A 1 58  ? 8.249   2.935   15.303  1.00 50.77  ? 57  MSE A O   1 
HETATM 452  C  CB  . MSE A 1 58  ? 5.328   4.028   15.693  1.00 49.20  ? 57  MSE A CB  1 
HETATM 453  C  CG  . MSE A 1 58  ? 4.350   5.047   15.124  1.00 54.02  ? 57  MSE A CG  1 
HETATM 454  SE SE  . MSE A 1 58  ? 5.157   6.336   13.874  0.75 51.03  ? 57  MSE A SE  1 
HETATM 455  C  CE  . MSE A 1 58  ? 5.961   7.372   15.330  1.00 55.54  ? 57  MSE A CE  1 
ATOM   456  N  N   . GLY A 1 59  ? 6.927   1.187   15.789  1.00 49.36  ? 58  GLY A N   1 
ATOM   457  C  CA  . GLY A 1 59  ? 8.001   0.455   16.443  1.00 50.17  ? 58  GLY A CA  1 
ATOM   458  C  C   . GLY A 1 59  ? 8.846   -0.346  15.469  1.00 49.39  ? 58  GLY A C   1 
ATOM   459  O  O   . GLY A 1 59  ? 10.009  -0.628  15.708  1.00 46.79  ? 58  GLY A O   1 
ATOM   460  N  N   . ASP A 1 60  ? 8.272   -0.688  14.342  1.00 49.39  ? 59  ASP A N   1 
ATOM   461  C  CA  . ASP A 1 60  ? 8.939   -1.521  13.388  1.00 49.05  ? 59  ASP A CA  1 
ATOM   462  C  C   . ASP A 1 60  ? 8.316   -1.266  12.015  1.00 50.01  ? 59  ASP A C   1 
ATOM   463  O  O   . ASP A 1 60  ? 7.132   -1.524  11.807  1.00 51.43  ? 59  ASP A O   1 
ATOM   464  C  CB  . ASP A 1 60  ? 8.726   -2.973  13.807  1.00 50.03  ? 59  ASP A CB  1 
ATOM   465  C  CG  . ASP A 1 60  ? 9.573   -3.966  13.000  1.00 63.55  ? 59  ASP A CG  1 
ATOM   466  O  OD1 . ASP A 1 60  ? 9.920   -3.683  11.829  1.00 57.34  ? 59  ASP A OD1 1 
ATOM   467  O  OD2 . ASP A 1 60  ? 9.889   -5.034  13.578  1.00 59.68  ? 59  ASP A OD2 1 
ATOM   468  N  N   . GLN A 1 61  ? 9.128   -0.782  11.088  1.00 48.54  ? 60  GLN A N   1 
ATOM   469  C  CA  . GLN A 1 61  ? 8.668   -0.376  9.767   1.00 50.92  ? 60  GLN A CA  1 
ATOM   470  C  C   . GLN A 1 61  ? 8.266   -1.497  8.845   1.00 51.95  ? 60  GLN A C   1 
ATOM   471  O  O   . GLN A 1 61  ? 7.677   -1.255  7.755   1.00 50.87  ? 60  GLN A O   1 
ATOM   472  C  CB  . GLN A 1 61  ? 9.775   0.391   9.071   1.00 52.21  ? 60  GLN A CB  1 
ATOM   473  C  CG  . GLN A 1 61  ? 10.018  1.767   9.641   1.00 58.52  ? 60  GLN A CG  1 
ATOM   474  C  CD  . GLN A 1 61  ? 10.725  2.695   8.638   1.00 61.85  ? 60  GLN A CD  1 
ATOM   475  O  OE1 . GLN A 1 61  ? 11.266  2.206   7.599   1.00 62.80  ? 60  GLN A OE1 1 
ATOM   476  N  NE2 . GLN A 1 61  ? 10.750  4.049   8.949   1.00 55.75  ? 60  GLN A NE2 1 
ATOM   477  N  N   . ARG A 1 62  ? 8.636   -2.723  9.225   1.00 51.03  ? 61  ARG A N   1 
ATOM   478  C  CA  . ARG A 1 62  ? 8.457   -3.859  8.324   1.00 50.15  ? 61  ARG A CA  1 
ATOM   479  C  C   . ARG A 1 62  ? 7.001   -4.174  8.128   1.00 51.14  ? 61  ARG A C   1 
ATOM   480  O  O   . ARG A 1 62  ? 6.221   -4.289  9.100   1.00 45.56  ? 61  ARG A O   1 
ATOM   481  C  CB  . ARG A 1 62  ? 9.213   -5.085  8.829   1.00 51.45  ? 61  ARG A CB  1 
ATOM   482  C  CG  . ARG A 1 62  ? 10.706  -4.957  8.655   1.00 53.15  ? 61  ARG A CG  1 
ATOM   483  C  CD  . ARG A 1 62  ? 11.431  -6.137  9.244   1.00 46.96  ? 61  ARG A CD  1 
ATOM   484  N  NE  . ARG A 1 62  ? 11.363  -6.194  10.675  1.00 52.56  ? 61  ARG A NE  1 
ATOM   485  C  CZ  . ARG A 1 62  ? 11.745  -7.244  11.395  1.00 58.13  ? 61  ARG A CZ  1 
ATOM   486  N  NH1 . ARG A 1 62  ? 12.240  -8.338  10.836  1.00 57.60  ? 61  ARG A NH1 1 
ATOM   487  N  NH2 . ARG A 1 62  ? 11.652  -7.190  12.698  1.00 53.03  ? 61  ARG A NH2 1 
ATOM   488  N  N   . VAL A 1 63  ? 6.608   -4.264  6.866   1.00 47.92  ? 62  VAL A N   1 
ATOM   489  C  CA  . VAL A 1 63  ? 5.193   -4.541  6.592   1.00 50.66  ? 62  VAL A CA  1 
ATOM   490  C  C   . VAL A 1 63  ? 5.040   -5.490  5.414   1.00 48.05  ? 62  VAL A C   1 
ATOM   491  O  O   . VAL A 1 63  ? 5.867   -5.491  4.478   1.00 48.51  ? 62  VAL A O   1 
ATOM   492  C  CB  . VAL A 1 63  ? 4.383   -3.184  6.392   1.00 52.41  ? 62  VAL A CB  1 
ATOM   493  C  CG1 . VAL A 1 63  ? 4.862   -2.445  5.119   1.00 48.62  ? 62  VAL A CG1 1 
ATOM   494  C  CG2 . VAL A 1 63  ? 2.922   -3.450  6.322   1.00 51.13  ? 62  VAL A CG2 1 
ATOM   495  N  N   . ALA A 1 64  ? 4.013   -6.341  5.461   1.00 49.53  ? 63  ALA A N   1 
ATOM   496  C  CA  . ALA A 1 64  ? 3.578   -7.098  4.261   1.00 50.30  ? 63  ALA A CA  1 
ATOM   497  C  C   . ALA A 1 64  ? 2.119   -6.728  3.966   1.00 51.11  ? 63  ALA A C   1 
ATOM   498  O  O   . ALA A 1 64  ? 1.340   -6.537  4.872   1.00 53.07  ? 63  ALA A O   1 
ATOM   499  C  CB  . ALA A 1 64  ? 3.705   -8.611  4.467   1.00 48.31  ? 63  ALA A CB  1 
HETATM 500  N  N   . MSE A 1 65  ? 1.741   -6.627  2.700   1.00 52.56  ? 64  MSE A N   1 
HETATM 501  C  CA  . MSE A 1 65  ? 0.329   -6.321  2.398   1.00 49.44  ? 64  MSE A CA  1 
HETATM 502  C  C   . MSE A 1 65  ? -0.157  -7.241  1.298   1.00 50.51  ? 64  MSE A C   1 
HETATM 503  O  O   . MSE A 1 65  ? 0.580   -7.512  0.364   1.00 43.80  ? 64  MSE A O   1 
HETATM 504  C  CB  . MSE A 1 65  ? 0.200   -4.878  1.926   1.00 49.53  ? 64  MSE A CB  1 
HETATM 505  C  CG  . MSE A 1 65  ? -1.272  -4.420  1.615   1.00 54.00  ? 64  MSE A CG  1 
HETATM 506  SE SE  . MSE A 1 65  ? -1.283  -3.254  0.059   0.75 49.80  ? 64  MSE A SE  1 
HETATM 507  C  CE  . MSE A 1 65  ? -0.629  -4.576  -1.279  1.00 45.04  ? 64  MSE A CE  1 
ATOM   508  N  N   . THR A 1 66  ? -1.396  -7.707  1.396   1.00 49.55  ? 65  THR A N   1 
ATOM   509  C  CA  A THR A 1 66  ? -2.016  -8.365  0.258   0.50 50.98  ? 65  THR A CA  1 
ATOM   510  C  CA  B THR A 1 66  ? -2.074  -8.437  0.296   0.50 52.01  ? 65  THR A CA  1 
ATOM   511  C  C   . THR A 1 66  ? -3.357  -7.727  -0.005  1.00 50.07  ? 65  THR A C   1 
ATOM   512  O  O   . THR A 1 66  ? -4.070  -7.329  0.928   1.00 51.73  ? 65  THR A O   1 
ATOM   513  C  CB  A THR A 1 66  ? -2.117  -9.901  0.471   0.50 53.41  ? 65  THR A CB  1 
ATOM   514  C  CB  B THR A 1 66  ? -2.522  -9.941  0.621   0.50 54.34  ? 65  THR A CB  1 
ATOM   515  O  OG1 A THR A 1 66  ? -0.809  -10.401 0.789   0.50 62.58  ? 65  THR A OG1 1 
ATOM   516  O  OG1 B THR A 1 66  ? -3.290  -10.000 1.828   0.50 57.14  ? 65  THR A OG1 1 
ATOM   517  C  CG2 A THR A 1 66  ? -2.655  -10.593 -0.782  0.50 42.93  ? 65  THR A CG2 1 
ATOM   518  C  CG2 B THR A 1 66  ? -1.369  -10.878 0.742   0.50 57.65  ? 65  THR A CG2 1 
ATOM   519  N  N   . ALA A 1 67  ? -3.664  -7.579  -1.277  1.00 50.33  ? 66  ALA A N   1 
ATOM   520  C  CA  . ALA A 1 67  ? -4.929  -6.993  -1.703  1.00 51.54  ? 66  ALA A CA  1 
ATOM   521  C  C   . ALA A 1 67  ? -5.429  -7.836  -2.858  1.00 52.20  ? 66  ALA A C   1 
ATOM   522  O  O   . ALA A 1 67  ? -4.635  -8.470  -3.574  1.00 50.76  ? 66  ALA A O   1 
ATOM   523  C  CB  . ALA A 1 67  ? -4.748  -5.506  -2.120  1.00 51.84  ? 66  ALA A CB  1 
ATOM   524  N  N   . ILE A 1 68  ? -6.741  -7.835  -3.032  1.00 55.55  ? 67  ILE A N   1 
ATOM   525  C  CA  . ILE A 1 68  ? -7.402  -8.695  -4.013  1.00 58.53  ? 67  ILE A CA  1 
ATOM   526  C  C   . ILE A 1 68  ? -8.655  -7.992  -4.509  1.00 60.07  ? 67  ILE A C   1 
ATOM   527  O  O   . ILE A 1 68  ? -9.342  -7.335  -3.746  1.00 60.02  ? 67  ILE A O   1 
ATOM   528  C  CB  . ILE A 1 68  ? -7.759  -10.060 -3.400  1.00 60.26  ? 67  ILE A CB  1 
ATOM   529  C  CG1 . ILE A 1 68  ? -8.370  -10.990 -4.446  1.00 63.05  ? 67  ILE A CG1 1 
ATOM   530  C  CG2 . ILE A 1 68  ? -8.731  -9.892  -2.231  1.00 59.74  ? 67  ILE A CG2 1 
ATOM   531  C  CD1 . ILE A 1 68  ? -8.482  -12.430 -3.954  1.00 57.14  ? 67  ILE A CD1 1 
ATOM   532  N  N   . SER A 1 69  ? -8.902  -8.075  -5.806  1.00 63.06  ? 68  SER A N   1 
ATOM   533  C  CA  . SER A 1 69  ? -10.095 -7.508  -6.409  1.00 64.60  ? 68  SER A CA  1 
ATOM   534  C  C   . SER A 1 69  ? -10.708 -8.605  -7.196  1.00 66.22  ? 68  SER A C   1 
ATOM   535  O  O   . SER A 1 69  ? -10.029 -9.223  -8.014  1.00 62.33  ? 68  SER A O   1 
ATOM   536  C  CB  . SER A 1 69  ? -9.771  -6.373  -7.371  1.00 65.36  ? 68  SER A CB  1 
ATOM   537  O  OG  . SER A 1 69  ? -10.950 -5.776  -7.909  1.00 73.02  ? 68  SER A OG  1 
ATOM   538  N  N   . GLU A 1 70  ? -11.987 -8.854  -6.911  1.00 71.24  ? 69  GLU A N   1 
ATOM   539  C  CA  . GLU A 1 70  ? -12.895 -9.549  -7.823  1.00 73.51  ? 69  GLU A CA  1 
ATOM   540  C  C   . GLU A 1 70  ? -13.905 -8.531  -8.415  1.00 73.67  ? 69  GLU A C   1 
ATOM   541  O  O   . GLU A 1 70  ? -15.005 -8.902  -8.829  1.00 75.23  ? 69  GLU A O   1 
ATOM   542  C  CB  . GLU A 1 70  ? -13.542 -10.746 -7.098  1.00 73.29  ? 69  GLU A CB  1 
ATOM   543  C  CG  . GLU A 1 70  ? -12.479 -11.496 -6.184  1.00 74.71  ? 69  GLU A CG  1 
ATOM   544  C  CD  . GLU A 1 70  ? -12.996 -12.778 -5.536  1.00 76.50  ? 69  GLU A CD  1 
ATOM   545  N  N   . GLU A 1 71  ? -13.510 -7.246  -8.470  1.00 74.18  ? 70  GLU A N   1 
ATOM   546  C  CA  . GLU A 1 71  ? -14.266 -6.208  -9.228  1.00 74.39  ? 70  GLU A CA  1 
ATOM   547  C  C   . GLU A 1 71  ? -14.075 -6.426  -10.747 1.00 72.41  ? 70  GLU A C   1 
ATOM   548  O  O   . GLU A 1 71  ? -12.962 -6.701  -11.237 1.00 73.13  ? 70  GLU A O   1 
ATOM   549  C  CB  . GLU A 1 71  ? -13.874 -4.761  -8.832  1.00 74.48  ? 70  GLU A CB  1 
ATOM   550  N  N   . GLY A 1 72  ? -15.177 -6.304  -11.479 1.00 69.35  ? 71  GLY A N   1 
ATOM   551  C  CA  . GLY A 1 72  ? -15.254 -6.727  -12.881 1.00 64.82  ? 71  GLY A CA  1 
ATOM   552  C  C   . GLY A 1 72  ? -15.081 -8.233  -13.071 1.00 60.15  ? 71  GLY A C   1 
ATOM   553  O  O   . GLY A 1 72  ? -15.370 -9.056  -12.187 1.00 58.66  ? 71  GLY A O   1 
ATOM   554  N  N   . TYR A 1 73  ? -14.545 -8.578  -14.224 1.00 55.58  ? 72  TYR A N   1 
ATOM   555  C  CA  . TYR A 1 73  ? -14.398 -9.940  -14.593 1.00 53.97  ? 72  TYR A CA  1 
ATOM   556  C  C   . TYR A 1 73  ? -13.018 -10.447 -14.367 1.00 49.45  ? 72  TYR A C   1 
ATOM   557  O  O   . TYR A 1 73  ? -12.757 -11.563 -14.714 1.00 49.02  ? 72  TYR A O   1 
ATOM   558  C  CB  . TYR A 1 73  ? -14.775 -10.122 -16.061 1.00 60.60  ? 72  TYR A CB  1 
ATOM   559  C  CG  . TYR A 1 73  ? -13.772 -9.624  -17.052 1.00 64.23  ? 72  TYR A CG  1 
ATOM   560  C  CD1 . TYR A 1 73  ? -13.744 -8.284  -17.402 1.00 74.32  ? 72  TYR A CD1 1 
ATOM   561  C  CD2 . TYR A 1 73  ? -12.879 -10.495 -17.665 1.00 65.13  ? 72  TYR A CD2 1 
ATOM   562  C  CE1 . TYR A 1 73  ? -12.832 -7.800  -18.320 1.00 80.23  ? 72  TYR A CE1 1 
ATOM   563  C  CE2 . TYR A 1 73  ? -11.962 -10.035 -18.587 1.00 75.99  ? 72  TYR A CE2 1 
ATOM   564  C  CZ  . TYR A 1 73  ? -11.938 -8.673  -18.918 1.00 79.61  ? 72  TYR A CZ  1 
ATOM   565  O  OH  . TYR A 1 73  ? -11.034 -8.160  -19.839 1.00 77.73  ? 72  TYR A OH  1 
ATOM   566  N  N   . LEU A 1 74  ? -12.127 -9.644  -13.808 1.00 45.57  ? 73  LEU A N   1 
ATOM   567  C  CA  . LEU A 1 74  ? -10.791 -10.111 -13.505 1.00 45.82  ? 73  LEU A CA  1 
ATOM   568  C  C   . LEU A 1 74  ? -10.683 -10.481 -12.043 1.00 47.28  ? 73  LEU A C   1 
ATOM   569  O  O   . LEU A 1 74  ? -11.426 -9.954  -11.224 1.00 49.05  ? 73  LEU A O   1 
ATOM   570  C  CB  . LEU A 1 74  ? -9.755  -9.041  -13.848 1.00 45.63  ? 73  LEU A CB  1 
ATOM   571  C  CG  . LEU A 1 74  ? -9.604  -8.741  -15.327 1.00 46.76  ? 73  LEU A CG  1 
ATOM   572  C  CD1 . LEU A 1 74  ? -8.410  -7.844  -15.538 1.00 48.51  ? 73  LEU A CD1 1 
ATOM   573  C  CD2 . LEU A 1 74  ? -9.445  -10.036 -16.081 1.00 39.21  ? 73  LEU A CD2 1 
ATOM   574  N  N   . ILE A 1 75  ? -9.771  -11.403 -11.723 1.00 48.96  ? 74  ILE A N   1 
ATOM   575  C  CA  . ILE A 1 75  ? -9.402  -11.679 -10.330 1.00 50.48  ? 74  ILE A CA  1 
ATOM   576  C  C   . ILE A 1 75  ? -7.957  -11.302 -10.152 1.00 50.25  ? 74  ILE A C   1 
ATOM   577  O  O   . ILE A 1 75  ? -7.068  -11.931 -10.701 1.00 49.48  ? 74  ILE A O   1 
ATOM   578  C  CB  . ILE A 1 75  ? -9.528  -13.167 -9.892  1.00 53.89  ? 74  ILE A CB  1 
ATOM   579  C  CG1 . ILE A 1 75  ? -10.929 -13.715 -10.202 1.00 52.25  ? 74  ILE A CG1 1 
ATOM   580  C  CG2 . ILE A 1 75  ? -9.177  -13.292 -8.360  1.00 50.56  ? 74  ILE A CG2 1 
ATOM   581  C  CD1 . ILE A 1 75  ? -11.979 -13.247 -9.220  1.00 53.39  ? 74  ILE A CD1 1 
ATOM   582  N  N   . GLN A 1 76  ? -7.726  -10.268 -9.370  1.00 50.60  ? 75  GLN A N   1 
ATOM   583  C  CA  . GLN A 1 76  ? -6.415  -9.665  -9.327  1.00 50.33  ? 75  GLN A CA  1 
ATOM   584  C  C   . GLN A 1 76  ? -5.899  -9.674  -7.920  1.00 52.91  ? 75  GLN A C   1 
ATOM   585  O  O   . GLN A 1 76  ? -6.608  -9.264  -6.982  1.00 52.82  ? 75  GLN A O   1 
ATOM   586  C  CB  . GLN A 1 76  ? -6.506  -8.252  -9.854  1.00 50.89  ? 75  GLN A CB  1 
ATOM   587  C  CG  . GLN A 1 76  ? -6.704  -8.250  -11.329 1.00 51.45  ? 75  GLN A CG  1 
ATOM   588  C  CD  . GLN A 1 76  ? -7.003  -6.895  -11.862 1.00 50.30  ? 75  GLN A CD  1 
ATOM   589  O  OE1 . GLN A 1 76  ? -8.038  -6.331  -11.571 1.00 47.88  ? 75  GLN A OE1 1 
ATOM   590  N  NE2 . GLN A 1 76  ? -6.106  -6.368  -12.671 1.00 47.65  ? 75  GLN A NE2 1 
ATOM   591  N  N   . VAL A 1 77  ? -4.660  -10.146 -7.781  1.00 52.96  ? 76  VAL A N   1 
ATOM   592  C  CA  . VAL A 1 77  ? -3.993  -10.229 -6.501  1.00 54.05  ? 76  VAL A CA  1 
ATOM   593  C  C   . VAL A 1 77  ? -2.695  -9.439  -6.565  1.00 51.68  ? 76  VAL A C   1 
ATOM   594  O  O   . VAL A 1 77  ? -1.934  -9.583  -7.524  1.00 47.50  ? 76  VAL A O   1 
ATOM   595  C  CB  . VAL A 1 77  ? -3.726  -11.703 -6.096  1.00 53.21  ? 76  VAL A CB  1 
ATOM   596  C  CG1 . VAL A 1 77  ? -2.927  -11.745 -4.856  1.00 53.44  ? 76  VAL A CG1 1 
ATOM   597  C  CG2 . VAL A 1 77  ? -5.035  -12.405 -5.885  1.00 54.52  ? 76  VAL A CG2 1 
ATOM   598  N  N   . VAL A 1 78  ? -2.483  -8.589  -5.555  1.00 52.04  ? 77  VAL A N   1 
ATOM   599  C  CA  . VAL A 1 78  ? -1.208  -7.919  -5.355  1.00 52.41  ? 77  VAL A CA  1 
ATOM   600  C  C   . VAL A 1 78  ? -0.685  -8.270  -3.967  1.00 54.49  ? 77  VAL A C   1 
ATOM   601  O  O   . VAL A 1 78  ? -1.439  -8.192  -2.984  1.00 55.16  ? 77  VAL A O   1 
ATOM   602  C  CB  . VAL A 1 78  ? -1.315  -6.349  -5.501  1.00 54.75  ? 77  VAL A CB  1 
ATOM   603  C  CG1 . VAL A 1 78  ? 0.009   -5.666  -5.185  1.00 50.91  ? 77  VAL A CG1 1 
ATOM   604  C  CG2 . VAL A 1 78  ? -1.728  -5.962  -6.885  1.00 45.31  ? 77  VAL A CG2 1 
ATOM   605  N  N   . ARG A 1 79  ? 0.594   -8.660  -3.907  1.00 50.02  ? 78  ARG A N   1 
ATOM   606  C  CA  . ARG A 1 79  ? 1.323   -8.873  -2.654  1.00 51.31  ? 78  ARG A CA  1 
ATOM   607  C  C   . ARG A 1 79  ? 2.571   -7.986  -2.630  1.00 52.83  ? 78  ARG A C   1 
ATOM   608  O  O   . ARG A 1 79  ? 3.341   -7.951  -3.606  1.00 52.31  ? 78  ARG A O   1 
ATOM   609  C  CB  . ARG A 1 79  ? 1.786   -10.328 -2.524  1.00 50.06  ? 78  ARG A CB  1 
ATOM   610  C  CG  . ARG A 1 79  ? 0.663   -11.316 -2.198  1.00 59.72  ? 78  ARG A CG  1 
ATOM   611  C  CD  . ARG A 1 79  ? 1.148   -12.763 -2.148  1.00 55.62  ? 78  ARG A CD  1 
ATOM   612  N  NE  . ARG A 1 79  ? 2.021   -13.026 -0.996  1.00 59.37  ? 78  ARG A NE  1 
ATOM   613  C  CZ  . ARG A 1 79  ? 2.764   -14.115 -0.862  1.00 58.09  ? 78  ARG A CZ  1 
ATOM   614  N  NH1 . ARG A 1 79  ? 2.739   -15.053 -1.792  1.00 60.19  ? 78  ARG A NH1 1 
ATOM   615  N  NH2 . ARG A 1 79  ? 3.548   -14.268 0.198   1.00 57.13  ? 78  ARG A NH2 1 
ATOM   616  N  N   . VAL A 1 80  ? 2.775   -7.278  -1.520  1.00 53.16  ? 79  VAL A N   1 
ATOM   617  C  CA  . VAL A 1 80  ? 3.931   -6.411  -1.364  1.00 51.45  ? 79  VAL A CA  1 
ATOM   618  C  C   . VAL A 1 80  ? 4.627   -6.722  -0.045  1.00 53.87  ? 79  VAL A C   1 
ATOM   619  O  O   . VAL A 1 80  ? 3.990   -6.998  0.945   1.00 48.96  ? 79  VAL A O   1 
ATOM   620  C  CB  . VAL A 1 80  ? 3.531   -4.920  -1.396  1.00 55.11  ? 79  VAL A CB  1 
ATOM   621  C  CG1 . VAL A 1 80  ? 4.708   -4.012  -1.013  1.00 54.64  ? 79  VAL A CG1 1 
ATOM   622  C  CG2 . VAL A 1 80  ? 3.041   -4.568  -2.760  1.00 47.47  ? 79  VAL A CG2 1 
ATOM   623  N  N   . GLU A 1 81  ? 5.961   -6.709  -0.049  1.00 54.09  ? 80  GLU A N   1 
ATOM   624  C  CA  . GLU A 1 81  ? 6.700   -6.780  1.214   1.00 55.49  ? 80  GLU A CA  1 
ATOM   625  C  C   . GLU A 1 81  ? 7.632   -5.567  1.246   1.00 52.22  ? 80  GLU A C   1 
ATOM   626  O  O   . GLU A 1 81  ? 8.388   -5.344  0.301   1.00 45.55  ? 80  GLU A O   1 
ATOM   627  C  CB  . GLU A 1 81  ? 7.516   -8.079  1.246   1.00 53.65  ? 80  GLU A CB  1 
ATOM   628  C  CG  . GLU A 1 81  ? 6.634   -9.303  1.404   1.00 60.39  ? 80  GLU A CG  1 
ATOM   629  C  CD  . GLU A 1 81  ? 7.331   -10.609 1.073   1.00 63.36  ? 80  GLU A CD  1 
ATOM   630  O  OE1 . GLU A 1 81  ? 8.565   -10.553 0.836   1.00 71.80  ? 80  GLU A OE1 1 
ATOM   631  O  OE2 . GLU A 1 81  ? 6.633   -11.672 1.081   1.00 65.47  ? 80  GLU A OE2 1 
ATOM   632  N  N   . GLY A 1 82  ? 7.579   -4.777  2.290   1.00 47.67  ? 81  GLY A N   1 
ATOM   633  C  CA  . GLY A 1 82  ? 8.527   -3.668  2.360   1.00 50.12  ? 81  GLY A CA  1 
ATOM   634  C  C   . GLY A 1 82  ? 8.543   -2.965  3.691   1.00 51.16  ? 81  GLY A C   1 
ATOM   635  O  O   . GLY A 1 82  ? 8.340   -3.585  4.765   1.00 48.19  ? 81  GLY A O   1 
ATOM   636  N  N   . THR A 1 83  ? 8.794   -1.660  3.619   1.00 49.54  ? 82  THR A N   1 
ATOM   637  C  CA  . THR A 1 83  ? 8.908   -0.822  4.817   1.00 48.97  ? 82  THR A CA  1 
ATOM   638  C  C   . THR A 1 83  ? 7.970   0.406   4.717   1.00 48.03  ? 82  THR A C   1 
ATOM   639  O  O   . THR A 1 83  ? 7.892   1.043   3.667   1.00 49.06  ? 82  THR A O   1 
ATOM   640  C  CB  . THR A 1 83  ? 10.393  -0.378  5.044   1.00 43.84  ? 82  THR A CB  1 
ATOM   641  O  OG1 . THR A 1 83  ? 10.945  0.090   3.814   1.00 55.78  ? 82  THR A OG1 1 
ATOM   642  C  CG2 . THR A 1 83  ? 11.227  -1.515  5.496   1.00 46.32  ? 82  THR A CG2 1 
ATOM   643  N  N   . ALA A 1 84  ? 7.288   0.724   5.824   1.00 48.78  ? 83  ALA A N   1 
ATOM   644  C  CA  . ALA A 1 84  ? 6.393   1.869   5.921   1.00 49.55  ? 83  ALA A CA  1 
ATOM   645  C  C   . ALA A 1 84  ? 6.878   2.930   6.916   1.00 51.50  ? 83  ALA A C   1 
ATOM   646  O  O   . ALA A 1 84  ? 7.463   2.630   7.956   1.00 53.18  ? 83  ALA A O   1 
ATOM   647  C  CB  . ALA A 1 84  ? 4.943   1.415   6.309   1.00 46.02  ? 83  ALA A CB  1 
ATOM   648  N  N   . ARG A 1 85  ? 6.587   4.180   6.599   1.00 51.40  ? 84  ARG A N   1 
ATOM   649  C  CA  . ARG A 1 85  ? 6.950   5.318   7.459   1.00 49.00  ? 84  ARG A CA  1 
ATOM   650  C  C   . ARG A 1 85  ? 5.782   6.274   7.553   1.00 47.53  ? 84  ARG A C   1 
ATOM   651  O  O   . ARG A 1 85  ? 4.955   6.378   6.615   1.00 44.38  ? 84  ARG A O   1 
ATOM   652  C  CB  . ARG A 1 85  ? 8.145   6.067   6.904   1.00 46.10  ? 84  ARG A CB  1 
ATOM   653  C  CG  . ARG A 1 85  ? 7.850   6.701   5.577   1.00 46.63  ? 84  ARG A CG  1 
ATOM   654  C  CD  . ARG A 1 85  ? 9.070   7.281   4.957   1.00 44.26  ? 84  ARG A CD  1 
ATOM   655  N  NE  . ARG A 1 85  ? 8.767   7.757   3.611   1.00 43.69  ? 84  ARG A NE  1 
ATOM   656  C  CZ  . ARG A 1 85  ? 9.655   7.988   2.666   1.00 47.59  ? 84  ARG A CZ  1 
ATOM   657  N  NH1 . ARG A 1 85  ? 10.942  7.846   2.905   1.00 58.10  ? 84  ARG A NH1 1 
ATOM   658  N  NH2 . ARG A 1 85  ? 9.247   8.388   1.468   1.00 47.05  ? 84  ARG A NH2 1 
ATOM   659  N  N   . PRO A 1 86  ? 5.711   7.006   8.674   1.00 47.99  ? 85  PRO A N   1 
ATOM   660  C  CA  . PRO A 1 86  ? 4.665   8.006   8.734   1.00 45.25  ? 85  PRO A CA  1 
ATOM   661  C  C   . PRO A 1 86  ? 5.061   9.159   7.790   1.00 47.35  ? 85  PRO A C   1 
ATOM   662  O  O   . PRO A 1 86  ? 6.250   9.446   7.604   1.00 46.80  ? 85  PRO A O   1 
ATOM   663  C  CB  . PRO A 1 86  ? 4.667   8.414   10.200  1.00 45.24  ? 85  PRO A CB  1 
ATOM   664  C  CG  . PRO A 1 86  ? 6.078   8.215   10.627  1.00 49.30  ? 85  PRO A CG  1 
ATOM   665  C  CD  . PRO A 1 86  ? 6.586   7.023   9.855   1.00 46.89  ? 85  PRO A CD  1 
ATOM   666  N  N   . VAL A 1 87  ? 4.084   9.813   7.179   1.00 49.25  ? 86  VAL A N   1 
ATOM   667  C  CA  . VAL A 1 87  ? 4.388   10.984  6.385   1.00 47.09  ? 86  VAL A CA  1 
ATOM   668  C  C   . VAL A 1 87  ? 3.464   12.134  6.748   1.00 46.96  ? 86  VAL A C   1 
ATOM   669  O  O   . VAL A 1 87  ? 2.306   11.920  7.083   1.00 45.57  ? 86  VAL A O   1 
ATOM   670  C  CB  . VAL A 1 87  ? 4.363   10.638  4.874   1.00 49.96  ? 86  VAL A CB  1 
ATOM   671  C  CG1 . VAL A 1 87  ? 5.455   9.608   4.565   1.00 44.18  ? 86  VAL A CG1 1 
ATOM   672  C  CG2 . VAL A 1 87  ? 2.965   10.120  4.418   1.00 45.46  ? 86  VAL A CG2 1 
ATOM   673  N  N   . GLU A 1 88  ? 4.005   13.358  6.677   1.00 46.58  ? 87  GLU A N   1 
ATOM   674  C  CA  . GLU A 1 88  ? 3.271   14.598  6.925   1.00 45.57  ? 87  GLU A CA  1 
ATOM   675  C  C   . GLU A 1 88  ? 2.893   15.283  5.618   1.00 45.47  ? 87  GLU A C   1 
ATOM   676  O  O   . GLU A 1 88  ? 3.301   14.851  4.551   1.00 46.53  ? 87  GLU A O   1 
ATOM   677  C  CB  . GLU A 1 88  ? 4.104   15.537  7.802   1.00 45.52  ? 87  GLU A CB  1 
ATOM   678  C  CG  . GLU A 1 88  ? 4.382   14.996  9.217   1.00 53.55  ? 87  GLU A CG  1 
ATOM   679  C  CD  . GLU A 1 88  ? 3.127   14.465  9.933   1.00 63.36  ? 87  GLU A CD  1 
ATOM   680  O  OE1 . GLU A 1 88  ? 2.317   15.305  10.384  1.00 70.37  ? 87  GLU A OE1 1 
ATOM   681  O  OE2 . GLU A 1 88  ? 2.961   13.217  10.042  1.00 66.11  ? 87  GLU A OE2 1 
ATOM   682  N  N   . ASN A 1 89  ? 2.082   16.339  5.709   1.00 46.30  ? 88  ASN A N   1 
ATOM   683  C  CA  . ASN A 1 89  ? 1.621   17.095  4.532   1.00 45.50  ? 88  ASN A CA  1 
ATOM   684  C  C   . ASN A 1 89  ? 2.733   17.654  3.660   1.00 45.76  ? 88  ASN A C   1 
ATOM   685  O  O   . ASN A 1 89  ? 2.626   17.697  2.439   1.00 41.98  ? 88  ASN A O   1 
ATOM   686  C  CB  . ASN A 1 89  ? 0.752   18.249  4.985   1.00 45.99  ? 88  ASN A CB  1 
ATOM   687  C  CG  . ASN A 1 89  ? -0.555  17.795  5.611   1.00 48.41  ? 88  ASN A CG  1 
ATOM   688  O  OD1 . ASN A 1 89  ? -0.896  16.623  5.578   1.00 49.31  ? 88  ASN A OD1 1 
ATOM   689  N  ND2 . ASN A 1 89  ? -1.291  18.741  6.197   1.00 54.05  ? 88  ASN A ND2 1 
ATOM   690  N  N   . ASP A 1 90  ? 3.781   18.117  4.324   1.00 47.62  ? 89  ASP A N   1 
ATOM   691  C  CA  . ASP A 1 90  ? 5.003   18.571  3.674   1.00 48.70  ? 89  ASP A CA  1 
ATOM   692  C  C   . ASP A 1 90  ? 5.402   17.601  2.563   1.00 46.22  ? 89  ASP A C   1 
ATOM   693  O  O   . ASP A 1 90  ? 5.690   18.023  1.442   1.00 44.42  ? 89  ASP A O   1 
ATOM   694  C  CB  . ASP A 1 90  ? 6.146   18.684  4.716   1.00 49.11  ? 89  ASP A CB  1 
ATOM   695  C  CG  . ASP A 1 90  ? 6.120   19.993  5.499   1.00 55.33  ? 89  ASP A CG  1 
ATOM   696  O  OD1 . ASP A 1 90  ? 5.196   20.811  5.273   1.00 68.35  ? 89  ASP A OD1 1 
ATOM   697  O  OD2 . ASP A 1 90  ? 7.042   20.224  6.323   1.00 52.04  ? 89  ASP A OD2 1 
ATOM   698  N  N   . TYR A 1 91  ? 5.408   16.308  2.881   1.00 42.88  ? 90  TYR A N   1 
ATOM   699  C  CA  . TYR A 1 91  ? 5.826   15.298  1.918   1.00 43.32  ? 90  TYR A CA  1 
ATOM   700  C  C   . TYR A 1 91  ? 4.703   14.986  0.934   1.00 43.93  ? 90  TYR A C   1 
ATOM   701  O  O   . TYR A 1 91  ? 4.920   14.898  -0.274  1.00 42.84  ? 90  TYR A O   1 
ATOM   702  C  CB  . TYR A 1 91  ? 6.266   14.009  2.616   1.00 42.93  ? 90  TYR A CB  1 
ATOM   703  C  CG  . TYR A 1 91  ? 6.537   12.927  1.619   1.00 45.04  ? 90  TYR A CG  1 
ATOM   704  C  CD1 . TYR A 1 91  ? 7.654   12.987  0.795   1.00 46.04  ? 90  TYR A CD1 1 
ATOM   705  C  CD2 . TYR A 1 91  ? 5.651   11.867  1.449   1.00 46.91  ? 90  TYR A CD2 1 
ATOM   706  C  CE1 . TYR A 1 91  ? 7.883   12.022  -0.148  1.00 43.00  ? 90  TYR A CE1 1 
ATOM   707  C  CE2 . TYR A 1 91  ? 5.883   10.912  0.511   1.00 49.22  ? 90  TYR A CE2 1 
ATOM   708  C  CZ  . TYR A 1 91  ? 7.013   10.998  -0.281  1.00 41.44  ? 90  TYR A CZ  1 
ATOM   709  O  OH  . TYR A 1 91  ? 7.247   10.044  -1.209  1.00 47.67  ? 90  TYR A OH  1 
ATOM   710  N  N   . LEU A 1 92  ? 3.497   14.817  1.460   1.00 43.63  ? 91  LEU A N   1 
ATOM   711  C  CA  . LEU A 1 92  ? 2.351   14.485  0.624   1.00 42.04  ? 91  LEU A CA  1 
ATOM   712  C  C   . LEU A 1 92  ? 2.168   15.496  -0.504  1.00 42.24  ? 91  LEU A C   1 
ATOM   713  O  O   . LEU A 1 92  ? 1.870   15.089  -1.614  1.00 44.87  ? 91  LEU A O   1 
ATOM   714  C  CB  . LEU A 1 92  ? 1.073   14.337  1.473   1.00 40.30  ? 91  LEU A CB  1 
ATOM   715  C  CG  . LEU A 1 92  ? 1.110   13.167  2.467   1.00 40.74  ? 91  LEU A CG  1 
ATOM   716  C  CD1 . LEU A 1 92  ? 0.136   13.375  3.651   1.00 39.03  ? 91  LEU A CD1 1 
ATOM   717  C  CD2 . LEU A 1 92  ? 0.851   11.863  1.734   1.00 39.56  ? 91  LEU A CD2 1 
ATOM   718  N  N   . LYS A 1 93  ? 2.386   16.783  -0.233  1.00 43.26  ? 92  LYS A N   1 
ATOM   719  C  CA  . LYS A 1 93  ? 2.235   17.837  -1.242  1.00 46.64  ? 92  LYS A CA  1 
ATOM   720  C  C   . LYS A 1 93  ? 3.124   17.627  -2.464  1.00 44.43  ? 92  LYS A C   1 
ATOM   721  O  O   . LYS A 1 93  ? 2.735   17.938  -3.592  1.00 43.07  ? 92  LYS A O   1 
ATOM   722  C  CB  . LYS A 1 93  ? 2.440   19.275  -0.655  1.00 47.63  ? 92  LYS A CB  1 
ATOM   723  C  CG  . LYS A 1 93  ? 1.342   19.713  0.408   1.00 54.57  ? 92  LYS A CG  1 
ATOM   724  C  CD  . LYS A 1 93  ? 1.029   21.233  0.530   1.00 54.52  ? 92  LYS A CD  1 
ATOM   725  C  CE  . LYS A 1 93  ? -0.161  21.574  1.540   1.00 59.56  ? 92  LYS A CE  1 
ATOM   726  N  NZ  . LYS A 1 93  ? -1.609  21.460  1.040   1.00 51.24  ? 92  LYS A NZ  1 
ATOM   727  N  N   . THR A 1 94  ? 4.316   17.096  -2.245  1.00 42.98  ? 93  THR A N   1 
ATOM   728  C  CA  . THR A 1 94  ? 5.202   16.820  -3.357  1.00 42.71  ? 93  THR A CA  1 
ATOM   729  C  C   . THR A 1 94  ? 4.729   15.633  -4.177  1.00 44.16  ? 93  THR A C   1 
ATOM   730  O  O   . THR A 1 94  ? 5.036   15.547  -5.344  1.00 45.14  ? 93  THR A O   1 
ATOM   731  C  CB  . THR A 1 94  ? 6.639   16.566  -2.902  1.00 42.36  ? 93  THR A CB  1 
ATOM   732  O  OG1 . THR A 1 94  ? 6.727   15.280  -2.288  1.00 42.05  ? 93  THR A OG1 1 
ATOM   733  C  CG2 . THR A 1 94  ? 7.099   17.666  -1.935  1.00 41.44  ? 93  THR A CG2 1 
ATOM   734  N  N   . VAL A 1 95  ? 3.960   14.733  -3.578  1.00 46.87  ? 94  VAL A N   1 
ATOM   735  C  CA  . VAL A 1 95  ? 3.402   13.613  -4.317  1.00 48.92  ? 94  VAL A CA  1 
ATOM   736  C  C   . VAL A 1 95  ? 2.044   13.960  -4.977  1.00 49.65  ? 94  VAL A C   1 
ATOM   737  O  O   . VAL A 1 95  ? 1.834   13.665  -6.145  1.00 47.99  ? 94  VAL A O   1 
ATOM   738  C  CB  . VAL A 1 95  ? 3.229   12.379  -3.430  1.00 48.65  ? 94  VAL A CB  1 
ATOM   739  C  CG1 . VAL A 1 95  ? 2.518   11.278  -4.224  1.00 46.52  ? 94  VAL A CG1 1 
ATOM   740  C  CG2 . VAL A 1 95  ? 4.559   11.908  -2.945  1.00 44.22  ? 94  VAL A CG2 1 
ATOM   741  N  N   . PHE A 1 96  ? 1.127   14.564  -4.223  1.00 49.66  ? 95  PHE A N   1 
ATOM   742  C  CA  . PHE A 1 96  ? -0.255  14.757  -4.704  1.00 50.26  ? 95  PHE A CA  1 
ATOM   743  C  C   . PHE A 1 96  ? -0.547  16.145  -5.187  1.00 52.23  ? 95  PHE A C   1 
ATOM   744  O  O   . PHE A 1 96  ? -1.381  16.303  -6.058  1.00 52.34  ? 95  PHE A O   1 
ATOM   745  C  CB  . PHE A 1 96  ? -1.238  14.351  -3.619  1.00 49.10  ? 95  PHE A CB  1 
ATOM   746  C  CG  . PHE A 1 96  ? -1.093  12.920  -3.247  1.00 52.31  ? 95  PHE A CG  1 
ATOM   747  C  CD1 . PHE A 1 96  ? -1.566  11.926  -4.112  1.00 43.40  ? 95  PHE A CD1 1 
ATOM   748  C  CD2 . PHE A 1 96  ? -0.394  12.553  -2.092  1.00 47.58  ? 95  PHE A CD2 1 
ATOM   749  C  CE1 . PHE A 1 96  ? -1.378  10.604  -3.816  1.00 43.46  ? 95  PHE A CE1 1 
ATOM   750  C  CE2 . PHE A 1 96  ? -0.206  11.226  -1.785  1.00 50.64  ? 95  PHE A CE2 1 
ATOM   751  C  CZ  . PHE A 1 96  ? -0.699  10.240  -2.654  1.00 48.02  ? 95  PHE A CZ  1 
ATOM   752  N  N   . ALA A 1 97  ? 0.150   17.137  -4.622  1.00 54.69  ? 96  ALA A N   1 
ATOM   753  C  CA  . ALA A 1 97  ? 0.064   18.519  -5.055  1.00 56.43  ? 96  ALA A CA  1 
ATOM   754  C  C   . ALA A 1 97  ? -1.383  18.956  -5.052  1.00 58.02  ? 96  ALA A C   1 
ATOM   755  O  O   . ALA A 1 97  ? -2.130  18.614  -4.122  1.00 57.99  ? 96  ALA A O   1 
ATOM   756  C  CB  . ALA A 1 97  ? 0.685   18.690  -6.441  1.00 56.27  ? 96  ALA A CB  1 
ATOM   757  N  N   . ASP A 1 98  ? -1.772  19.669  -6.112  1.00 59.21  ? 97  ASP A N   1 
ATOM   758  C  CA  . ASP A 1 98  ? -3.092  20.293  -6.235  1.00 60.68  ? 97  ASP A CA  1 
ATOM   759  C  C   . ASP A 1 98  ? -4.182  19.348  -6.788  1.00 61.01  ? 97  ASP A C   1 
ATOM   760  O  O   . ASP A 1 98  ? -5.319  19.775  -6.986  1.00 61.22  ? 97  ASP A O   1 
ATOM   761  C  CB  . ASP A 1 98  ? -2.981  21.555  -7.119  1.00 58.09  ? 97  ASP A CB  1 
ATOM   762  N  N   . ASN A 1 99  ? -3.852  18.077  -7.032  1.00 62.12  ? 98  ASN A N   1 
ATOM   763  C  CA  . ASN A 1 99  ? -4.802  17.144  -7.650  1.00 63.08  ? 98  ASN A CA  1 
ATOM   764  C  C   . ASN A 1 99  ? -6.071  16.972  -6.796  1.00 63.06  ? 98  ASN A C   1 
ATOM   765  O  O   . ASN A 1 99  ? -6.005  16.442  -5.682  1.00 62.95  ? 98  ASN A O   1 
ATOM   766  C  CB  . ASN A 1 99  ? -4.141  15.790  -7.910  1.00 64.15  ? 98  ASN A CB  1 
ATOM   767  C  CG  . ASN A 1 99  ? -5.058  14.811  -8.642  1.00 68.65  ? 98  ASN A CG  1 
ATOM   768  O  OD1 . ASN A 1 99  ? -6.284  14.987  -8.708  1.00 70.21  ? 98  ASN A OD1 1 
ATOM   769  N  ND2 . ASN A 1 99  ? -4.459  13.763  -9.188  1.00 71.32  ? 98  ASN A ND2 1 
ATOM   770  N  N   . PRO A 1 100 ? -7.228  17.415  -7.320  1.00 63.93  ? 99  PRO A N   1 
ATOM   771  C  CA  . PRO A 1 100 ? -8.458  17.452  -6.502  1.00 64.72  ? 99  PRO A CA  1 
ATOM   772  C  C   . PRO A 1 100 ? -8.950  16.091  -5.962  1.00 64.86  ? 99  PRO A C   1 
ATOM   773  O  O   . PRO A 1 100 ? -9.589  16.048  -4.900  1.00 63.52  ? 99  PRO A O   1 
ATOM   774  C  CB  . PRO A 1 100 ? -9.497  18.071  -7.451  1.00 65.08  ? 99  PRO A CB  1 
ATOM   775  C  CG  . PRO A 1 100 ? -8.700  18.720  -8.543  1.00 65.26  ? 99  PRO A CG  1 
ATOM   776  C  CD  . PRO A 1 100 ? -7.462  17.917  -8.689  1.00 63.38  ? 99  PRO A CD  1 
ATOM   777  N  N   . TYR A 1 101 ? -8.650  15.003  -6.679  1.00 65.14  ? 100 TYR A N   1 
ATOM   778  C  CA  . TYR A 1 101 ? -9.038  13.654  -6.253  1.00 65.30  ? 100 TYR A CA  1 
ATOM   779  C  C   . TYR A 1 101 ? -8.325  13.254  -4.950  1.00 66.14  ? 100 TYR A C   1 
ATOM   780  O  O   . TYR A 1 101 ? -8.769  12.314  -4.288  1.00 66.16  ? 100 TYR A O   1 
ATOM   781  C  CB  . TYR A 1 101 ? -8.768  12.624  -7.376  1.00 64.41  ? 100 TYR A CB  1 
ATOM   782  C  CG  . TYR A 1 101 ? -9.109  11.178  -7.034  1.00 64.83  ? 100 TYR A CG  1 
ATOM   783  N  N   . TYR A 1 102 ? -7.250  13.972  -4.567  1.00 67.00  ? 101 TYR A N   1 
ATOM   784  C  CA  . TYR A 1 102 ? -6.377  13.556  -3.430  1.00 67.39  ? 101 TYR A CA  1 
ATOM   785  C  C   . TYR A 1 102 ? -6.182  14.572  -2.295  1.00 68.28  ? 101 TYR A C   1 
ATOM   786  O  O   . TYR A 1 102 ? -5.350  14.353  -1.392  1.00 65.78  ? 101 TYR A O   1 
ATOM   787  C  CB  . TYR A 1 102 ? -5.000  13.124  -3.946  1.00 67.00  ? 101 TYR A CB  1 
ATOM   788  C  CG  . TYR A 1 102 ? -5.056  11.939  -4.880  1.00 64.45  ? 101 TYR A CG  1 
ATOM   789  C  CD1 . TYR A 1 102 ? -5.367  10.669  -4.404  1.00 64.53  ? 101 TYR A CD1 1 
ATOM   790  C  CD2 . TYR A 1 102 ? -4.804  12.092  -6.244  1.00 64.60  ? 101 TYR A CD2 1 
ATOM   791  C  CE1 . TYR A 1 102 ? -5.419  9.580   -5.258  1.00 65.93  ? 101 TYR A CE1 1 
ATOM   792  C  CE2 . TYR A 1 102 ? -4.855  11.021  -7.102  1.00 61.74  ? 101 TYR A CE2 1 
ATOM   793  C  CZ  . TYR A 1 102 ? -5.163  9.768   -6.609  1.00 66.01  ? 101 TYR A CZ  1 
ATOM   794  O  OH  . TYR A 1 102 ? -5.216  8.706   -7.474  1.00 64.98  ? 101 TYR A OH  1 
ATOM   795  N  N   . GLN A 1 103 ? -6.964  15.653  -2.322  1.00 69.33  ? 102 GLN A N   1 
ATOM   796  C  CA  . GLN A 1 103 ? -6.896  16.693  -1.286  1.00 71.13  ? 102 GLN A CA  1 
ATOM   797  C  C   . GLN A 1 103 ? -7.288  16.189  0.113   1.00 71.38  ? 102 GLN A C   1 
ATOM   798  O  O   . GLN A 1 103 ? -6.839  16.725  1.120   1.00 71.07  ? 102 GLN A O   1 
ATOM   799  C  CB  . GLN A 1 103 ? -7.763  17.907  -1.670  1.00 71.08  ? 102 GLN A CB  1 
ATOM   800  C  CG  . GLN A 1 103 ? -7.321  18.649  -2.940  1.00 74.36  ? 102 GLN A CG  1 
ATOM   801  C  CD  . GLN A 1 103 ? -5.934  19.295  -2.836  1.00 75.83  ? 102 GLN A CD  1 
ATOM   802  O  OE1 . GLN A 1 103 ? -4.922  18.666  -3.151  1.00 74.72  ? 102 GLN A OE1 1 
ATOM   803  N  NE2 . GLN A 1 103 ? -5.895  20.562  -2.434  1.00 75.25  ? 102 GLN A NE2 1 
ATOM   804  N  N   . HIS A 1 104 ? -8.124  15.161  0.181   1.00 73.27  ? 103 HIS A N   1 
ATOM   805  C  CA  . HIS A 1 104 ? -8.507  14.587  1.474   1.00 74.92  ? 103 HIS A CA  1 
ATOM   806  C  C   . HIS A 1 104 ? -7.309  14.056  2.291   1.00 74.07  ? 103 HIS A C   1 
ATOM   807  O  O   . HIS A 1 104 ? -7.361  14.003  3.530   1.00 73.43  ? 103 HIS A O   1 
ATOM   808  C  CB  . HIS A 1 104 ? -9.579  13.493  1.293   1.00 76.21  ? 103 HIS A CB  1 
ATOM   809  C  CG  . HIS A 1 104 ? -9.165  12.369  0.395   1.00 80.25  ? 103 HIS A CG  1 
ATOM   810  N  ND1 . HIS A 1 104 ? -8.566  11.218  0.868   1.00 85.48  ? 103 HIS A ND1 1 
ATOM   811  C  CD2 . HIS A 1 104 ? -9.274  12.213  -0.946  1.00 85.70  ? 103 HIS A CD2 1 
ATOM   812  C  CE1 . HIS A 1 104 ? -8.317  10.405  -0.145  1.00 87.68  ? 103 HIS A CE1 1 
ATOM   813  N  NE2 . HIS A 1 104 ? -8.732  10.987  -1.258  1.00 88.62  ? 103 HIS A NE2 1 
ATOM   814  N  N   . ILE A 1 105 ? -6.226  13.693  1.603   1.00 73.68  ? 104 ILE A N   1 
ATOM   815  C  CA  . ILE A 1 105 ? -5.059  13.094  2.261   1.00 72.14  ? 104 ILE A CA  1 
ATOM   816  C  C   . ILE A 1 105 ? -4.382  14.061  3.257   1.00 72.48  ? 104 ILE A C   1 
ATOM   817  O  O   . ILE A 1 105 ? -3.726  13.614  4.196   1.00 73.53  ? 104 ILE A O   1 
ATOM   818  C  CB  . ILE A 1 105 ? -4.038  12.525  1.215   1.00 70.96  ? 104 ILE A CB  1 
ATOM   819  C  CG1 . ILE A 1 105 ? -3.247  11.360  1.815   1.00 70.49  ? 104 ILE A CG1 1 
ATOM   820  C  CG2 . ILE A 1 105 ? -3.099  13.612  0.704   1.00 70.85  ? 104 ILE A CG2 1 
ATOM   821  C  CD1 . ILE A 1 105 ? -2.463  10.542  0.809   1.00 69.97  ? 104 ILE A CD1 1 
ATOM   822  N  N   . TYR A 1 106 ? -4.564  15.371  3.078   1.00 71.80  ? 105 TYR A N   1 
ATOM   823  C  CA  . TYR A 1 106 ? -3.943  16.353  3.973   1.00 73.32  ? 105 TYR A CA  1 
ATOM   824  C  C   . TYR A 1 106 ? -4.741  16.502  5.281   1.00 74.95  ? 105 TYR A C   1 
ATOM   825  O  O   . TYR A 1 106 ? -5.924  16.854  5.256   1.00 75.65  ? 105 TYR A O   1 
ATOM   826  C  CB  . TYR A 1 106 ? -3.767  17.721  3.270   1.00 71.90  ? 105 TYR A CB  1 
ATOM   827  C  CG  . TYR A 1 106 ? -3.061  17.646  1.923   1.00 68.00  ? 105 TYR A CG  1 
ATOM   828  C  CD1 . TYR A 1 106 ? -1.797  17.079  1.807   1.00 68.39  ? 105 TYR A CD1 1 
ATOM   829  C  CD2 . TYR A 1 106 ? -3.659  18.129  0.769   1.00 65.51  ? 105 TYR A CD2 1 
ATOM   830  C  CE1 . TYR A 1 106 ? -1.149  16.995  0.571   1.00 65.41  ? 105 TYR A CE1 1 
ATOM   831  C  CE2 . TYR A 1 106 ? -3.016  18.052  -0.471  1.00 67.42  ? 105 TYR A CE2 1 
ATOM   832  C  CZ  . TYR A 1 106 ? -1.760  17.481  -0.564  1.00 68.69  ? 105 TYR A CZ  1 
ATOM   833  O  OH  . TYR A 1 106 ? -1.111  17.394  -1.785  1.00 65.13  ? 105 TYR A OH  1 
ATOM   834  N  N   . LYS A 1 107 ? -4.076  16.230  6.410   1.00 77.38  ? 106 LYS A N   1 
ATOM   835  C  CA  . LYS A 1 107 ? -4.665  16.329  7.764   1.00 78.35  ? 106 LYS A CA  1 
ATOM   836  C  C   . LYS A 1 107 ? -5.495  17.582  7.909   1.00 77.55  ? 106 LYS A C   1 
ATOM   837  O  O   . LYS A 1 107 ? -4.932  18.662  7.930   1.00 76.82  ? 106 LYS A O   1 
ATOM   838  C  CB  . LYS A 1 107 ? -3.566  16.365  8.850   1.00 79.85  ? 106 LYS A CB  1 
ATOM   839  C  CG  . LYS A 1 107 ? -3.008  14.995  9.297   1.00 81.87  ? 106 LYS A CG  1 
ATOM   840  C  CD  . LYS A 1 107 ? -1.793  15.148  10.274  1.00 80.28  ? 106 LYS A CD  1 
ATOM   841  C  CE  . LYS A 1 107 ? -0.889  13.887  10.297  1.00 80.17  ? 106 LYS A CE  1 
ATOM   842  N  NZ  . LYS A 1 107 ? 0.135   13.882  11.382  1.00 73.39  ? 106 LYS A NZ  1 
ATOM   843  N  N   . THR A 1 113 ? -6.056  12.979  15.525  1.00 70.00  ? 112 THR A N   1 
ATOM   844  C  CA  . THR A 1 113 ? -6.779  12.682  14.291  1.00 70.37  ? 112 THR A CA  1 
ATOM   845  C  C   . THR A 1 113 ? -5.933  11.665  13.495  1.00 70.86  ? 112 THR A C   1 
ATOM   846  O  O   . THR A 1 113 ? -5.038  11.059  14.056  1.00 73.08  ? 112 THR A O   1 
ATOM   847  C  CB  . THR A 1 113 ? -7.122  13.989  13.490  1.00 71.52  ? 112 THR A CB  1 
ATOM   848  O  OG1 . THR A 1 113 ? -5.920  14.635  13.031  1.00 73.65  ? 112 THR A OG1 1 
ATOM   849  C  CG2 . THR A 1 113 ? -7.938  14.971  14.363  1.00 69.18  ? 112 THR A CG2 1 
HETATM 850  N  N   . MSE A 1 114 ? -6.207  11.455  12.211  1.00 69.07  ? 113 MSE A N   1 
HETATM 851  C  CA  . MSE A 1 114 ? -5.506  10.435  11.441  1.00 66.79  ? 113 MSE A CA  1 
HETATM 852  C  C   . MSE A 1 114 ? -4.006  10.691  11.301  1.00 62.62  ? 113 MSE A C   1 
HETATM 853  O  O   . MSE A 1 114 ? -3.511  11.771  11.607  1.00 65.02  ? 113 MSE A O   1 
HETATM 854  C  CB  . MSE A 1 114 ? -6.122  10.297  10.049  1.00 67.99  ? 113 MSE A CB  1 
HETATM 855  C  CG  . MSE A 1 114 ? -7.559  9.745   10.076  1.00 79.60  ? 113 MSE A CG  1 
HETATM 856  SE SE  . MSE A 1 114 ? -7.735  7.935   10.872  0.75 94.26  ? 113 MSE A SE  1 
HETATM 857  C  CE  . MSE A 1 114 ? -7.680  6.745   9.279   1.00 76.19  ? 113 MSE A CE  1 
ATOM   858  N  N   . GLN A 1 115 ? -3.292  9.655   10.871  1.00 55.12  ? 114 GLN A N   1 
ATOM   859  C  CA  . GLN A 1 115 ? -1.882  9.728   10.496  1.00 50.62  ? 114 GLN A CA  1 
ATOM   860  C  C   . GLN A 1 115 ? -1.713  8.912   9.214   1.00 49.01  ? 114 GLN A C   1 
ATOM   861  O  O   . GLN A 1 115 ? -2.119  7.749   9.146   1.00 49.13  ? 114 GLN A O   1 
ATOM   862  C  CB  . GLN A 1 115 ? -0.970  9.173   11.594  1.00 49.18  ? 114 GLN A CB  1 
ATOM   863  C  CG  . GLN A 1 115 ? 0.512   8.935   11.172  1.00 50.38  ? 114 GLN A CG  1 
ATOM   864  C  CD  . GLN A 1 115 ? 1.246   10.222  10.837  1.00 53.09  ? 114 GLN A CD  1 
ATOM   865  O  OE1 . GLN A 1 115 ? 1.401   11.086  11.689  1.00 43.77  ? 114 GLN A OE1 1 
ATOM   866  N  NE2 . GLN A 1 115 ? 1.681   10.363  9.584   1.00 48.94  ? 114 GLN A NE2 1 
ATOM   867  N  N   . VAL A 1 116 ? -1.117  9.521   8.195   1.00 46.88  ? 115 VAL A N   1 
ATOM   868  C  CA  . VAL A 1 116 ? -0.836  8.814   6.954   1.00 43.72  ? 115 VAL A CA  1 
ATOM   869  C  C   . VAL A 1 116 ? 0.503   8.073   7.067   1.00 43.44  ? 115 VAL A C   1 
ATOM   870  O  O   . VAL A 1 116 ? 1.448   8.565   7.696   1.00 42.02  ? 115 VAL A O   1 
ATOM   871  C  CB  . VAL A 1 116 ? -0.845  9.799   5.776   1.00 44.96  ? 115 VAL A CB  1 
ATOM   872  C  CG1 . VAL A 1 116 ? -0.567  9.081   4.468   1.00 41.26  ? 115 VAL A CG1 1 
ATOM   873  C  CG2 . VAL A 1 116 ? -2.162  10.502  5.692   1.00 41.88  ? 115 VAL A CG2 1 
ATOM   874  N  N   . PHE A 1 117 ? 0.568   6.885   6.463   1.00 43.79  ? 116 PHE A N   1 
ATOM   875  C  CA  . PHE A 1 117 ? 1.814   6.126   6.314   1.00 43.40  ? 116 PHE A CA  1 
ATOM   876  C  C   . PHE A 1 117 ? 1.975   5.762   4.874   1.00 40.93  ? 116 PHE A C   1 
ATOM   877  O  O   . PHE A 1 117 ? 1.000   5.699   4.147   1.00 42.45  ? 116 PHE A O   1 
ATOM   878  C  CB  . PHE A 1 117 ? 1.774   4.810   7.088   1.00 45.35  ? 116 PHE A CB  1 
ATOM   879  C  CG  . PHE A 1 117 ? 1.842   4.978   8.570   1.00 44.51  ? 116 PHE A CG  1 
ATOM   880  C  CD1 . PHE A 1 117 ? 0.737   5.370   9.260   1.00 44.00  ? 116 PHE A CD1 1 
ATOM   881  C  CD2 . PHE A 1 117 ? 3.052   4.711   9.269   1.00 41.20  ? 116 PHE A CD2 1 
ATOM   882  C  CE1 . PHE A 1 117 ? 0.802   5.515   10.677  1.00 47.26  ? 116 PHE A CE1 1 
ATOM   883  C  CE2 . PHE A 1 117 ? 3.144   4.864   10.642  1.00 42.55  ? 116 PHE A CE2 1 
ATOM   884  C  CZ  . PHE A 1 117 ? 2.029   5.274   11.359  1.00 36.81  ? 116 PHE A CZ  1 
ATOM   885  N  N   . GLN A 1 118 ? 3.206   5.473   4.506   1.00 42.09  ? 117 GLN A N   1 
ATOM   886  C  CA  . GLN A 1 118 ? 3.589   5.150   3.162   1.00 43.00  ? 117 GLN A CA  1 
ATOM   887  C  C   . GLN A 1 118 ? 4.510   3.924   3.098   1.00 47.04  ? 117 GLN A C   1 
ATOM   888  O  O   . GLN A 1 118 ? 5.569   3.915   3.713   1.00 48.11  ? 117 GLN A O   1 
ATOM   889  C  CB  . GLN A 1 118 ? 4.381   6.323   2.632   1.00 38.96  ? 117 GLN A CB  1 
ATOM   890  C  CG  . GLN A 1 118 ? 4.805   6.179   1.168   1.00 41.79  ? 117 GLN A CG  1 
ATOM   891  C  CD  . GLN A 1 118 ? 5.830   7.182   0.792   1.00 41.19  ? 117 GLN A CD  1 
ATOM   892  O  OE1 . GLN A 1 118 ? 6.322   7.906   1.651   1.00 45.29  ? 117 GLN A OE1 1 
ATOM   893  N  NE2 . GLN A 1 118 ? 6.192   7.236   -0.508  1.00 40.14  ? 117 GLN A NE2 1 
ATOM   894  N  N   . ILE A 1 119 ? 4.158   2.934   2.293   1.00 45.54  ? 118 ILE A N   1 
ATOM   895  C  CA  . ILE A 1 119 ? 5.102   1.877   2.013   1.00 47.87  ? 118 ILE A CA  1 
ATOM   896  C  C   . ILE A 1 119 ? 5.962   2.495   0.958   1.00 46.97  ? 118 ILE A C   1 
ATOM   897  O  O   . ILE A 1 119 ? 5.541   2.619   -0.203  1.00 44.99  ? 118 ILE A O   1 
ATOM   898  C  CB  . ILE A 1 119 ? 4.470   0.557   1.511   1.00 49.02  ? 118 ILE A CB  1 
ATOM   899  C  CG1 . ILE A 1 119 ? 3.445   0.055   2.530   1.00 50.00  ? 118 ILE A CG1 1 
ATOM   900  C  CG2 . ILE A 1 119 ? 5.597   -0.476  1.199   1.00 46.65  ? 118 ILE A CG2 1 
ATOM   901  C  CD1 . ILE A 1 119 ? 2.782   -1.303  2.218   1.00 45.75  ? 118 ILE A CD1 1 
ATOM   902  N  N   . TYR A 1 120 ? 7.150   2.925   1.380   1.00 45.20  ? 119 TYR A N   1 
ATOM   903  C  CA  . TYR A 1 120 ? 8.057   3.706   0.547   1.00 44.23  ? 119 TYR A CA  1 
ATOM   904  C  C   . TYR A 1 120 ? 9.121   2.860   -0.188  1.00 48.61  ? 119 TYR A C   1 
ATOM   905  O  O   . TYR A 1 120 ? 9.793   3.354   -1.112  1.00 49.72  ? 119 TYR A O   1 
ATOM   906  C  CB  . TYR A 1 120 ? 8.694   4.824   1.385   1.00 44.84  ? 119 TYR A CB  1 
ATOM   907  C  CG  . TYR A 1 120 ? 9.658   4.341   2.437   1.00 42.78  ? 119 TYR A CG  1 
ATOM   908  C  CD1 . TYR A 1 120 ? 9.217   3.887   3.684   1.00 51.25  ? 119 TYR A CD1 1 
ATOM   909  C  CD2 . TYR A 1 120 ? 11.025  4.333   2.178   1.00 53.37  ? 119 TYR A CD2 1 
ATOM   910  C  CE1 . TYR A 1 120 ? 10.120  3.423   4.626   1.00 48.23  ? 119 TYR A CE1 1 
ATOM   911  C  CE2 . TYR A 1 120 ? 11.920  3.874   3.113   1.00 50.31  ? 119 TYR A CE2 1 
ATOM   912  C  CZ  . TYR A 1 120 ? 11.464  3.426   4.316   1.00 46.69  ? 119 TYR A CZ  1 
ATOM   913  O  OH  . TYR A 1 120 ? 12.395  2.988   5.211   1.00 50.99  ? 119 TYR A OH  1 
ATOM   914  N  N   . ALA A 1 121 ? 9.261   1.594   0.189   1.00 47.67  ? 120 ALA A N   1 
ATOM   915  C  CA  . ALA A 1 121 ? 10.286  0.731   -0.395  1.00 47.85  ? 120 ALA A CA  1 
ATOM   916  C  C   . ALA A 1 121 ? 9.809   -0.692  -0.257  1.00 48.59  ? 120 ALA A C   1 
ATOM   917  O  O   . ALA A 1 121 ? 9.197   -1.051  0.746   1.00 49.76  ? 120 ALA A O   1 
ATOM   918  C  CB  . ALA A 1 121 ? 11.574  0.868   0.357   1.00 49.75  ? 120 ALA A CB  1 
ATOM   919  N  N   . GLY A 1 122 ? 10.101  -1.526  -1.244  1.00 47.26  ? 121 GLY A N   1 
ATOM   920  C  CA  . GLY A 1 122 ? 9.665   -2.908  -1.181  1.00 48.84  ? 121 GLY A CA  1 
ATOM   921  C  C   . GLY A 1 122 ? 9.708   -3.591  -2.509  1.00 50.47  ? 121 GLY A C   1 
ATOM   922  O  O   . GLY A 1 122 ? 10.262  -3.065  -3.464  1.00 47.68  ? 121 GLY A O   1 
ATOM   923  N  N   . HIS A 1 123 ? 9.142   -4.782  -2.554  1.00 52.84  ? 122 HIS A N   1 
ATOM   924  C  CA  . HIS A 1 123 ? 9.073   -5.522  -3.798  1.00 57.31  ? 122 HIS A CA  1 
ATOM   925  C  C   . HIS A 1 123 ? 7.686   -6.145  -3.793  1.00 57.11  ? 122 HIS A C   1 
ATOM   926  O  O   . HIS A 1 123 ? 7.091   -6.358  -2.718  1.00 48.66  ? 122 HIS A O   1 
ATOM   927  C  CB  . HIS A 1 123 ? 10.222  -6.542  -3.947  1.00 58.61  ? 122 HIS A CB  1 
ATOM   928  C  CG  . HIS A 1 123 ? 10.360  -7.463  -2.781  1.00 72.56  ? 122 HIS A CG  1 
ATOM   929  N  ND1 . HIS A 1 123 ? 10.966  -7.080  -1.598  1.00 88.65  ? 122 HIS A ND1 1 
ATOM   930  C  CD2 . HIS A 1 123 ? 9.934   -8.738  -2.594  1.00 84.27  ? 122 HIS A CD2 1 
ATOM   931  C  CE1 . HIS A 1 123 ? 10.914  -8.083  -0.735  1.00 91.14  ? 122 HIS A CE1 1 
ATOM   932  N  NE2 . HIS A 1 123 ? 10.295  -9.101  -1.315  1.00 89.68  ? 122 HIS A NE2 1 
ATOM   933  N  N   . GLY A 1 124 ? 7.151   -6.362  -4.992  1.00 55.88  ? 123 GLY A N   1 
ATOM   934  C  CA  . GLY A 1 124 ? 5.801   -6.865  -5.098  1.00 55.28  ? 123 GLY A CA  1 
ATOM   935  C  C   . GLY A 1 124 ? 5.598   -7.833  -6.229  1.00 53.98  ? 123 GLY A C   1 
ATOM   936  O  O   . GLY A 1 124 ? 6.461   -8.013  -7.127  1.00 46.35  ? 123 GLY A O   1 
ATOM   937  N  N   . PHE A 1 125 ? 4.418   -8.440  -6.166  1.00 52.38  ? 124 PHE A N   1 
ATOM   938  C  CA  . PHE A 1 125 ? 3.957   -9.425  -7.138  1.00 50.30  ? 124 PHE A CA  1 
ATOM   939  C  C   . PHE A 1 125 ? 2.522   -9.035  -7.490  1.00 48.10  ? 124 PHE A C   1 
ATOM   940  O  O   . PHE A 1 125 ? 1.717   -8.783  -6.603  1.00 45.85  ? 124 PHE A O   1 
ATOM   941  C  CB  . PHE A 1 125 ? 4.042   -10.791 -6.470  1.00 51.26  ? 124 PHE A CB  1 
ATOM   942  C  CG  . PHE A 1 125 ? 3.327   -11.886 -7.177  1.00 58.15  ? 124 PHE A CG  1 
ATOM   943  C  CD1 . PHE A 1 125 ? 3.903   -12.510 -8.295  1.00 62.11  ? 124 PHE A CD1 1 
ATOM   944  C  CD2 . PHE A 1 125 ? 2.108   -12.372 -6.679  1.00 63.77  ? 124 PHE A CD2 1 
ATOM   945  C  CE1 . PHE A 1 125 ? 3.244   -13.582 -8.958  1.00 64.05  ? 124 PHE A CE1 1 
ATOM   946  C  CE2 . PHE A 1 125 ? 1.453   -13.438 -7.302  1.00 63.93  ? 124 PHE A CE2 1 
ATOM   947  C  CZ  . PHE A 1 125 ? 2.018   -14.041 -8.458  1.00 64.25  ? 124 PHE A CZ  1 
ATOM   948  N  N   . TYR A 1 126 ? 2.244   -8.884  -8.777  1.00 44.92  ? 125 TYR A N   1 
ATOM   949  C  CA  . TYR A 1 126 ? 0.882   -8.667  -9.279  1.00 45.84  ? 125 TYR A CA  1 
ATOM   950  C  C   . TYR A 1 126 ? 0.469   -9.902  -10.095 1.00 48.11  ? 125 TYR A C   1 
ATOM   951  O  O   . TYR A 1 126 ? 1.231   -10.369 -10.949 1.00 45.86  ? 125 TYR A O   1 
ATOM   952  C  CB  . TYR A 1 126 ? 0.810   -7.415  -10.156 1.00 46.12  ? 125 TYR A CB  1 
ATOM   953  C  CG  . TYR A 1 126 ? -0.390  -7.388  -11.074 1.00 49.25  ? 125 TYR A CG  1 
ATOM   954  C  CD1 . TYR A 1 126 ? -1.634  -7.228  -10.562 1.00 47.33  ? 125 TYR A CD1 1 
ATOM   955  C  CD2 . TYR A 1 126 ? -0.268  -7.534  -12.440 1.00 50.38  ? 125 TYR A CD2 1 
ATOM   956  C  CE1 . TYR A 1 126 ? -2.721  -7.214  -11.342 1.00 52.71  ? 125 TYR A CE1 1 
ATOM   957  C  CE2 . TYR A 1 126 ? -1.398  -7.526  -13.262 1.00 53.14  ? 125 TYR A CE2 1 
ATOM   958  C  CZ  . TYR A 1 126 ? -2.630  -7.370  -12.683 1.00 51.41  ? 125 TYR A CZ  1 
ATOM   959  O  OH  . TYR A 1 126 ? -3.820  -7.356  -13.382 1.00 46.85  ? 125 TYR A OH  1 
ATOM   960  N  N   . HIS A 1 127 ? -0.731  -10.412 -9.826  1.00 48.79  ? 126 HIS A N   1 
ATOM   961  C  CA  . HIS A 1 127 ? -1.214  -11.624 -10.454 1.00 51.22  ? 126 HIS A CA  1 
ATOM   962  C  C   . HIS A 1 127 ? -2.664  -11.466 -10.900 1.00 49.21  ? 126 HIS A C   1 
ATOM   963  O  O   . HIS A 1 127 ? -3.544  -11.260 -10.056 1.00 46.21  ? 126 HIS A O   1 
ATOM   964  C  CB  . HIS A 1 127 ? -1.101  -12.777 -9.436  1.00 49.51  ? 126 HIS A CB  1 
ATOM   965  C  CG  . HIS A 1 127 ? -1.195  -14.138 -10.055 1.00 56.43  ? 126 HIS A CG  1 
ATOM   966  N  ND1 . HIS A 1 127 ? -1.269  -15.297 -9.304  1.00 56.58  ? 126 HIS A ND1 1 
ATOM   967  C  CD2 . HIS A 1 127 ? -1.272  -14.521 -11.355 1.00 49.21  ? 126 HIS A CD2 1 
ATOM   968  C  CE1 . HIS A 1 127 ? -1.366  -16.332 -10.123 1.00 53.54  ? 126 HIS A CE1 1 
ATOM   969  N  NE2 . HIS A 1 127 ? -1.386  -15.886 -11.368 1.00 55.77  ? 126 HIS A NE2 1 
ATOM   970  N  N   . SER A 1 128 ? -2.913  -11.543 -12.202 1.00 47.35  ? 127 SER A N   1 
ATOM   971  C  CA  . SER A 1 128 ? -4.282  -11.685 -12.738 1.00 48.09  ? 127 SER A CA  1 
ATOM   972  C  C   . SER A 1 128 ? -4.542  -13.178 -12.950 1.00 48.75  ? 127 SER A C   1 
ATOM   973  O  O   . SER A 1 128 ? -4.129  -13.750 -13.953 1.00 47.54  ? 127 SER A O   1 
ATOM   974  C  CB  . SER A 1 128 ? -4.463  -10.907 -14.058 1.00 47.01  ? 127 SER A CB  1 
ATOM   975  O  OG  . SER A 1 128 ? -5.790  -11.027 -14.629 1.00 50.75  ? 127 SER A OG  1 
ATOM   976  N  N   . LEU A 1 129 ? -5.237  -13.792 -11.997 1.00 51.26  ? 128 LEU A N   1 
ATOM   977  C  CA  . LEU A 1 129 ? -5.374  -15.242 -11.941 1.00 51.47  ? 128 LEU A CA  1 
ATOM   978  C  C   . LEU A 1 129 ? -6.097  -15.784 -13.124 1.00 51.95  ? 128 LEU A C   1 
ATOM   979  O  O   . LEU A 1 129 ? -5.721  -16.845 -13.637 1.00 55.01  ? 128 LEU A O   1 
ATOM   980  C  CB  . LEU A 1 129 ? -6.104  -15.682 -10.687 1.00 50.87  ? 128 LEU A CB  1 
ATOM   981  C  CG  . LEU A 1 129 ? -5.250  -15.732 -9.426  1.00 54.15  ? 128 LEU A CG  1 
ATOM   982  C  CD1 . LEU A 1 129 ? -4.761  -14.346 -8.999  1.00 47.92  ? 128 LEU A CD1 1 
ATOM   983  C  CD2 . LEU A 1 129 ? -6.058  -16.390 -8.323  1.00 54.52  ? 128 LEU A CD2 1 
ATOM   984  N  N   . THR A 1 130 ? -7.131  -15.081 -13.588 1.00 50.92  ? 129 THR A N   1 
ATOM   985  C  CA  . THR A 1 130 ? -7.911  -15.623 -14.688 1.00 48.58  ? 129 THR A CA  1 
ATOM   986  C  C   . THR A 1 130 ? -7.156  -15.565 -16.012 1.00 48.44  ? 129 THR A C   1 
ATOM   987  O  O   . THR A 1 130 ? -7.520  -16.263 -16.941 1.00 48.88  ? 129 THR A O   1 
ATOM   988  C  CB  . THR A 1 130 ? -9.319  -14.947 -14.861 1.00 51.02  ? 129 THR A CB  1 
ATOM   989  O  OG1 . THR A 1 130 ? -9.199  -13.602 -15.399 1.00 44.72  ? 129 THR A OG1 1 
ATOM   990  C  CG2 . THR A 1 130 ? -10.114 -14.997 -13.544 1.00 42.76  ? 129 THR A CG2 1 
ATOM   991  N  N   . GLN A 1 131 ? -6.140  -14.721 -16.124 1.00 48.41  ? 130 GLN A N   1 
ATOM   992  C  CA  . GLN A 1 131 ? -5.409  -14.596 -17.397 1.00 52.35  ? 130 GLN A CA  1 
ATOM   993  C  C   . GLN A 1 131 ? -4.034  -15.243 -17.348 1.00 52.87  ? 130 GLN A C   1 
ATOM   994  O  O   . GLN A 1 131 ? -3.322  -15.242 -18.333 1.00 52.81  ? 130 GLN A O   1 
ATOM   995  C  CB  . GLN A 1 131 ? -5.217  -13.127 -17.761 1.00 51.77  ? 130 GLN A CB  1 
ATOM   996  C  CG  . GLN A 1 131 ? -6.486  -12.299 -17.900 1.00 55.44  ? 130 GLN A CG  1 
ATOM   997  C  CD  . GLN A 1 131 ? -6.164  -10.803 -17.919 1.00 55.79  ? 130 GLN A CD  1 
ATOM   998  O  OE1 . GLN A 1 131 ? -5.686  -10.240 -16.917 1.00 58.45  ? 130 GLN A OE1 1 
ATOM   999  N  NE2 . GLN A 1 131 ? -6.419  -10.155 -19.055 1.00 54.66  ? 130 GLN A NE2 1 
ATOM   1000 N  N   . GLY A 1 132 ? -3.651  -15.763 -16.188 1.00 54.71  ? 131 GLY A N   1 
ATOM   1001 C  CA  . GLY A 1 132 ? -2.335  -16.346 -16.010 1.00 56.79  ? 131 GLY A CA  1 
ATOM   1002 C  C   . GLY A 1 132 ? -1.197  -15.360 -16.236 1.00 57.79  ? 131 GLY A C   1 
ATOM   1003 O  O   . GLY A 1 132 ? -0.153  -15.733 -16.771 1.00 61.53  ? 131 GLY A O   1 
ATOM   1004 N  N   . HIS A 1 133 ? -1.389  -14.101 -15.852 1.00 55.94  ? 132 HIS A N   1 
ATOM   1005 C  CA  . HIS A 1 133 ? -0.330  -13.097 -16.016 1.00 54.43  ? 132 HIS A CA  1 
ATOM   1006 C  C   . HIS A 1 133 ? 0.233   -12.754 -14.669 1.00 54.12  ? 132 HIS A C   1 
ATOM   1007 O  O   . HIS A 1 133 ? -0.531  -12.413 -13.765 1.00 53.35  ? 132 HIS A O   1 
ATOM   1008 C  CB  . HIS A 1 133 ? -0.851  -11.835 -16.683 1.00 55.65  ? 132 HIS A CB  1 
ATOM   1009 C  CG  . HIS A 1 133 ? -1.278  -12.045 -18.103 1.00 57.87  ? 132 HIS A CG  1 
ATOM   1010 N  ND1 . HIS A 1 133 ? -2.313  -11.341 -18.686 1.00 59.73  ? 132 HIS A ND1 1 
ATOM   1011 C  CD2 . HIS A 1 133 ? -0.823  -12.901 -19.047 1.00 61.85  ? 132 HIS A CD2 1 
ATOM   1012 C  CE1 . HIS A 1 133 ? -2.464  -11.743 -19.937 1.00 59.86  ? 132 HIS A CE1 1 
ATOM   1013 N  NE2 . HIS A 1 133 ? -1.572  -12.689 -20.181 1.00 60.87  ? 132 HIS A NE2 1 
ATOM   1014 N  N   . LYS A 1 134 ? 1.560   -12.879 -14.535 1.00 54.69  ? 133 LYS A N   1 
ATOM   1015 C  CA  . LYS A 1 134 ? 2.276   -12.621 -13.262 1.00 56.18  ? 133 LYS A CA  1 
ATOM   1016 C  C   . LYS A 1 134 ? 3.347   -11.580 -13.546 1.00 51.09  ? 133 LYS A C   1 
ATOM   1017 O  O   . LYS A 1 134 ? 4.054   -11.686 -14.534 1.00 48.44  ? 133 LYS A O   1 
ATOM   1018 C  CB  . LYS A 1 134 ? 2.984   -13.860 -12.726 1.00 57.06  ? 133 LYS A CB  1 
ATOM   1019 C  CG  . LYS A 1 134 ? 2.152   -14.977 -12.111 1.00 63.83  ? 133 LYS A CG  1 
ATOM   1020 C  CD  . LYS A 1 134 ? 2.980   -16.308 -12.147 1.00 63.89  ? 133 LYS A CD  1 
ATOM   1021 C  CE  . LYS A 1 134 ? 2.451   -17.457 -11.265 1.00 70.83  ? 133 LYS A CE  1 
ATOM   1022 N  NZ  . LYS A 1 134 ? 3.143   -18.748 -11.611 1.00 69.78  ? 133 LYS A NZ  1 
ATOM   1023 N  N   . TYR A 1 135 ? 3.434   -10.574 -12.690 1.00 48.92  ? 134 TYR A N   1 
ATOM   1024 C  CA  . TYR A 1 135 ? 4.464   -9.567  -12.803 1.00 48.12  ? 134 TYR A CA  1 
ATOM   1025 C  C   . TYR A 1 135 ? 5.117   -9.423  -11.439 1.00 48.21  ? 134 TYR A C   1 
ATOM   1026 O  O   . TYR A 1 135 ? 4.434   -9.403  -10.391 1.00 47.32  ? 134 TYR A O   1 
ATOM   1027 C  CB  . TYR A 1 135 ? 3.869   -8.214  -13.227 1.00 46.59  ? 134 TYR A CB  1 
ATOM   1028 C  CG  . TYR A 1 135 ? 3.224   -8.232  -14.582 1.00 44.25  ? 134 TYR A CG  1 
ATOM   1029 C  CD1 . TYR A 1 135 ? 1.965   -8.765  -14.761 1.00 46.34  ? 134 TYR A CD1 1 
ATOM   1030 C  CD2 . TYR A 1 135 ? 3.874   -7.727  -15.680 1.00 43.52  ? 134 TYR A CD2 1 
ATOM   1031 C  CE1 . TYR A 1 135 ? 1.373   -8.820  -16.033 1.00 54.36  ? 134 TYR A CE1 1 
ATOM   1032 C  CE2 . TYR A 1 135 ? 3.287   -7.763  -16.951 1.00 54.10  ? 134 TYR A CE2 1 
ATOM   1033 C  CZ  . TYR A 1 135 ? 2.031   -8.314  -17.112 1.00 43.44  ? 134 TYR A CZ  1 
ATOM   1034 O  OH  . TYR A 1 135 ? 1.445   -8.351  -18.354 1.00 54.50  ? 134 TYR A OH  1 
ATOM   1035 N  N   . ILE A 1 136 ? 6.430   -9.279  -11.431 1.00 47.39  ? 135 ILE A N   1 
ATOM   1036 C  CA  . ILE A 1 136 ? 7.096   -8.869  -10.190 1.00 50.26  ? 135 ILE A CA  1 
ATOM   1037 C  C   . ILE A 1 136 ? 7.588   -7.412  -10.366 1.00 49.04  ? 135 ILE A C   1 
ATOM   1038 O  O   . ILE A 1 136 ? 7.920   -6.980  -11.485 1.00 46.25  ? 135 ILE A O   1 
ATOM   1039 C  CB  . ILE A 1 136 ? 8.218   -9.906  -9.739  1.00 49.75  ? 135 ILE A CB  1 
ATOM   1040 C  CG1 . ILE A 1 136 ? 9.298   -10.109 -10.796 1.00 53.54  ? 135 ILE A CG1 1 
ATOM   1041 C  CG2 . ILE A 1 136 ? 7.635   -11.284 -9.451  1.00 51.70  ? 135 ILE A CG2 1 
ATOM   1042 C  CD1 . ILE A 1 136 ? 10.370  -11.076 -10.327 1.00 55.09  ? 135 ILE A CD1 1 
ATOM   1043 N  N   . PHE A 1 137 ? 7.646   -6.658  -9.283  1.00 46.81  ? 136 PHE A N   1 
ATOM   1044 C  CA  . PHE A 1 137 ? 8.048   -5.240  -9.373  1.00 50.33  ? 136 PHE A CA  1 
ATOM   1045 C  C   . PHE A 1 137 ? 8.682   -4.745  -8.076  1.00 52.07  ? 136 PHE A C   1 
ATOM   1046 O  O   . PHE A 1 137 ? 8.586   -5.402  -7.057  1.00 50.58  ? 136 PHE A O   1 
ATOM   1047 C  CB  . PHE A 1 137 ? 6.835   -4.364  -9.703  1.00 49.89  ? 136 PHE A CB  1 
ATOM   1048 C  CG  . PHE A 1 137 ? 5.716   -4.462  -8.687  1.00 51.25  ? 136 PHE A CG  1 
ATOM   1049 C  CD1 . PHE A 1 137 ? 5.679   -3.628  -7.584  1.00 58.93  ? 136 PHE A CD1 1 
ATOM   1050 C  CD2 . PHE A 1 137 ? 4.719   -5.398  -8.829  1.00 53.07  ? 136 PHE A CD2 1 
ATOM   1051 C  CE1 . PHE A 1 137 ? 4.674   -3.726  -6.665  1.00 53.48  ? 136 PHE A CE1 1 
ATOM   1052 C  CE2 . PHE A 1 137 ? 3.718   -5.500  -7.917  1.00 53.50  ? 136 PHE A CE2 1 
ATOM   1053 C  CZ  . PHE A 1 137 ? 3.681   -4.662  -6.836  1.00 51.46  ? 136 PHE A CZ  1 
ATOM   1054 N  N   . SER A 1 138 ? 9.335   -3.596  -8.113  1.00 54.83  ? 137 SER A N   1 
ATOM   1055 C  CA  . SER A 1 138 ? 9.839   -3.007  -6.887  1.00 60.53  ? 137 SER A CA  1 
ATOM   1056 C  C   . SER A 1 138 ? 9.205   -1.658  -6.658  1.00 61.58  ? 137 SER A C   1 
ATOM   1057 O  O   . SER A 1 138 ? 8.589   -1.109  -7.551  1.00 60.50  ? 137 SER A O   1 
ATOM   1058 C  CB  . SER A 1 138 ? 11.356  -2.897  -6.919  1.00 60.24  ? 137 SER A CB  1 
ATOM   1059 O  OG  . SER A 1 138 ? 11.776  -2.355  -8.158  1.00 78.27  ? 137 SER A OG  1 
ATOM   1060 N  N   . ILE A 1 139 ? 9.293   -1.169  -5.429  1.00 66.20  ? 138 ILE A N   1 
ATOM   1061 C  CA  . ILE A 1 139 ? 8.941   0.210   -5.128  1.00 71.18  ? 138 ILE A CA  1 
ATOM   1062 C  C   . ILE A 1 139 ? 10.150  0.954   -4.574  1.00 74.03  ? 138 ILE A C   1 
ATOM   1063 O  O   . ILE A 1 139 ? 10.977  0.352   -3.872  1.00 74.66  ? 138 ILE A O   1 
ATOM   1064 C  CB  . ILE A 1 139 ? 7.875   0.305   -4.087  1.00 72.49  ? 138 ILE A CB  1 
ATOM   1065 C  CG1 . ILE A 1 139 ? 6.643   -0.540  -4.494  1.00 79.25  ? 138 ILE A CG1 1 
ATOM   1066 C  CG2 . ILE A 1 139 ? 7.578   1.777   -3.897  1.00 71.54  ? 138 ILE A CG2 1 
ATOM   1067 C  CD1 . ILE A 1 139 ? 5.826   -1.104  -3.312  1.00 73.90  ? 138 ILE A CD1 1 
ATOM   1068 N  N   . GLY A 1 140 ? 10.256  2.251   -4.900  1.00 76.53  ? 139 GLY A N   1 
ATOM   1069 C  CA  . GLY A 1 140 ? 11.240  3.140   -4.271  1.00 77.37  ? 139 GLY A CA  1 
ATOM   1070 C  C   . GLY A 1 140 ? 12.643  2.997   -4.814  1.00 77.76  ? 139 GLY A C   1 
ATOM   1071 O  O   . GLY A 1 140 ? 12.934  3.495   -5.903  1.00 77.48  ? 139 GLY A O   1 
ATOM   1072 N  N   . GLU A 1 146 ? 10.664  -0.527  -12.625 1.00 70.46  ? 145 GLU A N   1 
ATOM   1073 C  CA  . GLU A 1 146 ? 11.301  -1.835  -12.479 1.00 68.06  ? 145 GLU A CA  1 
ATOM   1074 C  C   . GLU A 1 146 ? 10.201  -2.908  -12.283 1.00 65.29  ? 145 GLU A C   1 
ATOM   1075 O  O   . GLU A 1 146 ? 9.834   -3.239  -11.142 1.00 64.64  ? 145 GLU A O   1 
ATOM   1076 C  CB  . GLU A 1 146 ? 12.291  -1.795  -11.300 1.00 70.64  ? 145 GLU A CB  1 
ATOM   1077 C  CG  . GLU A 1 146 ? 13.006  -3.131  -11.005 1.00 72.31  ? 145 GLU A CG  1 
ATOM   1078 N  N   . VAL A 1 147 ? 9.651   -3.375  -13.413 1.00 62.36  ? 146 VAL A N   1 
ATOM   1079 C  CA  . VAL A 1 147 ? 8.564   -4.376  -13.489 1.00 60.17  ? 146 VAL A CA  1 
ATOM   1080 C  C   . VAL A 1 147 ? 9.004   -5.478  -14.419 1.00 57.88  ? 146 VAL A C   1 
ATOM   1081 O  O   . VAL A 1 147 ? 9.608   -5.193  -15.455 1.00 56.31  ? 146 VAL A O   1 
ATOM   1082 C  CB  . VAL A 1 147 ? 7.250   -3.806  -14.080 1.00 58.61  ? 146 VAL A CB  1 
ATOM   1083 C  CG1 . VAL A 1 147 ? 6.374   -4.915  -14.636 1.00 55.03  ? 146 VAL A CG1 1 
ATOM   1084 C  CG2 . VAL A 1 147 ? 6.474   -3.078  -13.031 1.00 55.99  ? 146 VAL A CG2 1 
ATOM   1085 N  N   . ARG A 1 148 ? 8.719   -6.725  -14.067 1.00 54.94  ? 147 ARG A N   1 
ATOM   1086 C  CA  . ARG A 1 148 ? 9.123   -7.860  -14.900 1.00 56.39  ? 147 ARG A CA  1 
ATOM   1087 C  C   . ARG A 1 148 ? 7.979   -8.843  -15.074 1.00 52.91  ? 147 ARG A C   1 
ATOM   1088 O  O   . ARG A 1 148 ? 7.373   -9.292  -14.092 1.00 50.94  ? 147 ARG A O   1 
ATOM   1089 C  CB  . ARG A 1 148 ? 10.335  -8.548  -14.263 1.00 57.40  ? 147 ARG A CB  1 
ATOM   1090 C  CG  . ARG A 1 148 ? 10.967  -9.657  -15.089 1.00 60.52  ? 147 ARG A CG  1 
ATOM   1091 C  CD  . ARG A 1 148 ? 12.201  -10.307 -14.365 1.00 62.62  ? 147 ARG A CD  1 
ATOM   1092 N  NE  . ARG A 1 148 ? 12.154  -11.764 -14.548 1.00 69.23  ? 147 ARG A NE  1 
ATOM   1093 C  CZ  . ARG A 1 148 ? 12.342  -12.690 -13.601 1.00 69.47  ? 147 ARG A CZ  1 
ATOM   1094 N  NH1 . ARG A 1 148 ? 12.694  -12.378 -12.336 1.00 64.07  ? 147 ARG A NH1 1 
ATOM   1095 N  NH2 . ARG A 1 148 ? 12.204  -13.963 -13.958 1.00 70.82  ? 147 ARG A NH2 1 
ATOM   1096 N  N   . ALA A 1 149 ? 7.671   -9.156  -16.325 1.00 53.42  ? 148 ALA A N   1 
ATOM   1097 C  CA  . ALA A 1 149 ? 6.651   -10.149 -16.631 1.00 54.66  ? 148 ALA A CA  1 
ATOM   1098 C  C   . ALA A 1 149 ? 7.314   -11.488 -16.478 1.00 57.65  ? 148 ALA A C   1 
ATOM   1099 O  O   . ALA A 1 149 ? 8.348   -11.736 -17.074 1.00 56.88  ? 148 ALA A O   1 
ATOM   1100 C  CB  . ALA A 1 149 ? 6.128   -9.981  -18.023 1.00 52.70  ? 148 ALA A CB  1 
ATOM   1101 N  N   . LEU A 1 150 ? 6.755   -12.327 -15.625 1.00 61.49  ? 149 LEU A N   1 
ATOM   1102 C  CA  . LEU A 1 150 ? 7.230   -13.691 -15.482 1.00 65.41  ? 149 LEU A CA  1 
ATOM   1103 C  C   . LEU A 1 150 ? 6.595   -14.557 -16.542 1.00 69.31  ? 149 LEU A C   1 
ATOM   1104 O  O   . LEU A 1 150 ? 7.006   -15.709 -16.709 1.00 73.11  ? 149 LEU A O   1 
ATOM   1105 C  CB  . LEU A 1 150 ? 6.884   -14.249 -14.110 1.00 63.55  ? 149 LEU A CB  1 
ATOM   1106 C  CG  . LEU A 1 150 ? 7.480   -13.460 -12.967 1.00 63.89  ? 149 LEU A CG  1 
ATOM   1107 C  CD1 . LEU A 1 150 ? 6.932   -14.037 -11.694 1.00 65.33  ? 149 LEU A CD1 1 
ATOM   1108 C  CD2 . LEU A 1 150 ? 8.985   -13.541 -13.044 1.00 66.49  ? 149 LEU A CD2 1 
ATOM   1109 O  OXT . LEU A 1 150 ? 5.661   -14.134 -17.241 1.00 73.23  ? 149 LEU A OXT 1 
HETATM 1110 P  P   . PO4 B 2 .   ? -5.248  -3.107  14.986  1.00 47.95  ? 150 PO4 A P   1 
HETATM 1111 O  O1  . PO4 B 2 .   ? -4.082  -4.066  15.095  1.00 46.56  ? 150 PO4 A O1  1 
HETATM 1112 O  O2  . PO4 B 2 .   ? -5.516  -2.889  13.523  1.00 45.85  ? 150 PO4 A O2  1 
HETATM 1113 O  O3  . PO4 B 2 .   ? -6.403  -3.716  15.674  1.00 48.87  ? 150 PO4 A O3  1 
HETATM 1114 O  O4  . PO4 B 2 .   ? -4.858  -1.862  15.715  1.00 47.62  ? 150 PO4 A O4  1 
HETATM 1115 CL CL  . CL  C 3 .   ? -9.585  -6.737  9.668   1.00 63.43  ? 151 CL  A CL  1 
HETATM 1116 C  C   . ACT D 4 .   ? -11.251 -0.776  7.094   1.00 81.60  ? 152 ACT A C   1 
HETATM 1117 O  O   . ACT D 4 .   ? -11.097 -1.441  8.145   1.00 81.79  ? 152 ACT A O   1 
HETATM 1118 O  OXT . ACT D 4 .   ? -11.557 -1.455  6.072   1.00 81.25  ? 152 ACT A OXT 1 
HETATM 1119 C  CH3 . ACT D 4 .   ? -11.091 0.724   7.102   1.00 79.68  ? 152 ACT A CH3 1 
HETATM 1120 O  O   . HOH E 5 .   ? -4.093  -9.434  13.856  1.00 44.87  ? 153 HOH A O   1 
HETATM 1121 O  O   . HOH E 5 .   ? 5.736   -3.868  11.589  1.00 37.46  ? 154 HOH A O   1 
HETATM 1122 O  O   . HOH E 5 .   ? -2.515  5.333   -9.052  1.00 51.66  ? 155 HOH A O   1 
HETATM 1123 O  O   . HOH E 5 .   ? -6.498  -9.143  0.798   1.00 48.82  ? 156 HOH A O   1 
HETATM 1124 O  O   . HOH E 5 .   ? 5.571   11.810  10.457  1.00 58.03  ? 157 HOH A O   1 
HETATM 1125 O  O   . HOH E 5 .   ? -0.343  12.309  7.738   1.00 51.19  ? 158 HOH A O   1 
HETATM 1126 O  O   . HOH E 5 .   ? 11.942  -0.476  11.812  1.00 57.11  ? 159 HOH A O   1 
HETATM 1127 O  O   . HOH E 5 .   ? 6.497   -2.932  16.493  1.00 48.48  ? 160 HOH A O   1 
HETATM 1128 O  O   . HOH E 5 .   ? 13.194  0.503   8.670   1.00 61.34  ? 161 HOH A O   1 
HETATM 1129 O  O   . HOH E 5 .   ? 9.268   -11.052 13.806  0.50 37.33  ? 162 HOH A O   1 
HETATM 1130 O  O   . HOH E 5 .   ? 9.382   -6.054  16.078  1.00 43.69  ? 163 HOH A O   1 
HETATM 1131 O  O   . HOH E 5 .   ? 2.823   -12.311 -17.434 1.00 73.36  ? 164 HOH A O   1 
HETATM 1132 O  O   . HOH E 5 .   ? 6.867   3.418   10.403  1.00 46.38  ? 165 HOH A O   1 
HETATM 1133 O  O   . HOH E 5 .   ? 13.233  -5.134  -4.083  1.00 67.02  ? 166 HOH A O   1 
HETATM 1134 O  O   . HOH E 5 .   ? -7.881  -12.178 -13.457 1.00 51.47  ? 167 HOH A O   1 
HETATM 1135 O  O   . HOH E 5 .   ? -6.192  3.497   5.277   1.00 55.29  ? 168 HOH A O   1 
HETATM 1136 O  O   . HOH E 5 .   ? 0.215   4.938   20.754  0.50 60.58  ? 169 HOH A O   1 
HETATM 1137 O  O   . HOH E 5 .   ? -2.702  -5.748  16.599  1.00 45.35  ? 170 HOH A O   1 
HETATM 1138 O  O   . HOH E 5 .   ? -8.236  -6.865  -0.847  1.00 55.07  ? 171 HOH A O   1 
HETATM 1139 O  O   . HOH E 5 .   ? -2.389  7.967   -6.584  1.00 51.85  ? 172 HOH A O   1 
HETATM 1140 O  O   . HOH E 5 .   ? 11.212  -7.950  16.815  1.00 51.03  ? 173 HOH A O   1 
HETATM 1141 O  O   . HOH E 5 .   ? -8.476  -1.145  -12.059 1.00 65.96  ? 174 HOH A O   1 
HETATM 1142 O  O   . HOH E 5 .   ? 9.150   5.740   -2.645  1.00 52.64  ? 175 HOH A O   1 
HETATM 1143 O  O   . HOH E 5 .   ? -9.504  -9.757  2.338   0.50 37.19  ? 176 HOH A O   1 
HETATM 1144 O  O   . HOH E 5 .   ? 1.181   -3.682  19.631  1.00 58.22  ? 177 HOH A O   1 
HETATM 1145 O  O   . HOH E 5 .   ? 9.029   9.693   8.359   1.00 51.90  ? 178 HOH A O   1 
HETATM 1146 O  O   . HOH E 5 .   ? 10.572  -12.522 16.149  1.00 56.86  ? 179 HOH A O   1 
HETATM 1147 O  O   . HOH E 5 .   ? -4.216  -7.359  18.205  1.00 55.49  ? 180 HOH A O   1 
HETATM 1148 O  O   . HOH E 5 .   ? 10.572  8.032   -0.869  1.00 62.18  ? 181 HOH A O   1 
HETATM 1149 O  O   . HOH E 5 .   ? 13.920  -6.091  16.021  1.00 61.38  ? 182 HOH A O   1 
HETATM 1150 O  O   . HOH E 5 .   ? 9.386   -6.280  5.515   1.00 40.44  ? 183 HOH A O   1 
HETATM 1151 O  O   . HOH E 5 .   ? 8.829   -8.727  4.696   1.00 44.63  ? 184 HOH A O   1 
HETATM 1152 O  O   . HOH E 5 .   ? 10.533  -9.667  2.959   1.00 50.68  ? 185 HOH A O   1 
HETATM 1153 O  O   . HOH E 5 .   ? -5.331  -11.123 12.528  1.00 46.64  ? 186 HOH A O   1 
HETATM 1154 O  O   . HOH E 5 .   ? 11.298  -8.799  19.438  1.00 53.07  ? 187 HOH A O   1 
HETATM 1155 O  O   . HOH E 5 .   ? -6.255  -0.840  17.886  1.00 58.30  ? 188 HOH A O   1 
HETATM 1156 O  O   . HOH E 5 .   ? -0.536  5.013   -10.644 1.00 58.56  ? 189 HOH A O   1 
HETATM 1157 O  O   . HOH E 5 .   ? 1.761   -5.968  21.681  1.00 70.86  ? 190 HOH A O   1 
HETATM 1158 O  O   . HOH E 5 .   ? -0.947  -5.828  20.480  1.00 65.31  ? 191 HOH A O   1 
HETATM 1159 O  O   . HOH E 5 .   ? 0.869   16.881  8.459   1.00 68.87  ? 192 HOH A O   1 
HETATM 1160 O  O   . HOH E 5 .   ? 13.724  -3.859  11.642  1.00 61.20  ? 193 HOH A O   1 
HETATM 1161 O  O   . HOH E 5 .   ? -10.396 -7.324  -10.408 1.00 58.71  ? 194 HOH A O   1 
HETATM 1162 O  O   . HOH E 5 .   ? -8.458  1.839   6.931   1.00 56.01  ? 195 HOH A O   1 
HETATM 1163 O  O   . HOH E 5 .   ? -9.472  -3.333  10.457  1.00 50.62  ? 196 HOH A O   1 
HETATM 1164 O  O   . HOH E 5 .   ? -12.790 -3.691  7.227   1.00 63.78  ? 197 HOH A O   1 
HETATM 1165 O  O   . HOH E 5 .   ? 9.241   5.135   10.964  1.00 62.12  ? 198 HOH A O   1 
HETATM 1166 O  O   . HOH E 5 .   ? -8.110  3.386   -3.208  1.00 62.11  ? 199 HOH A O   1 
HETATM 1167 O  O   . HOH E 5 .   ? -3.778  0.163   -14.914 1.00 72.10  ? 200 HOH A O   1 
HETATM 1168 O  O   . HOH E 5 .   ? 12.971  -4.785  -1.669  1.00 63.99  ? 201 HOH A O   1 
HETATM 1169 O  O   . HOH E 5 .   ? 13.621  -2.300  9.350   1.00 62.15  ? 202 HOH A O   1 
HETATM 1170 O  O   . HOH E 5 .   ? 13.141  -2.908  13.814  1.00 71.35  ? 203 HOH A O   1 
HETATM 1171 O  O   . HOH E 5 .   ? 11.625  2.382   13.035  1.00 71.85  ? 204 HOH A O   1 
HETATM 1172 O  O   . HOH E 5 .   ? 13.692  2.609   11.018  1.00 70.02  ? 205 HOH A O   1 
HETATM 1173 O  O   . HOH E 5 .   ? 3.871   -2.606  19.463  1.00 49.87  ? 206 HOH A O   1 
HETATM 1174 O  O   . HOH E 5 .   ? 13.352  4.387   -8.723  1.00 67.78  ? 207 HOH A O   1 
HETATM 1175 O  O   . HOH E 5 .   ? -10.533 -5.479  12.692  1.00 68.91  ? 208 HOH A O   1 
HETATM 1176 O  O   . HOH E 5 .   ? -5.132  19.129  10.664  1.00 74.99  ? 209 HOH A O   1 
HETATM 1177 O  O   . HOH E 5 .   ? 0.564   -19.486 -9.707  1.00 70.89  ? 210 HOH A O   1 
HETATM 1178 O  O   . HOH E 5 .   ? -6.913  1.965   9.262   1.00 68.72  ? 211 HOH A O   1 
HETATM 1179 O  O   . HOH E 5 .   ? -8.724  -2.836  -8.948  1.00 67.60  ? 212 HOH A O   1 
HETATM 1180 O  O   . HOH E 5 .   ? 9.376   -8.221  -18.389 1.00 64.70  ? 213 HOH A O   1 
HETATM 1181 O  O   . HOH E 5 .   ? -5.869  20.322  13.298  1.00 76.85  ? 214 HOH A O   1 
HETATM 1182 O  O   . HOH E 5 .   ? -1.616  13.982  6.244   1.00 64.99  ? 215 HOH A O   1 
# 
